data_6EIS
#
_entry.id   6EIS
#
_cell.length_a   88.480
_cell.length_b   89.050
_cell.length_c   230.420
_cell.angle_alpha   90.00
_cell.angle_beta   90.00
_cell.angle_gamma   90.00
#
_symmetry.space_group_name_H-M   'P 21 21 21'
#
loop_
_entity.id
_entity.type
_entity.pdbx_description
1 polymer 'Dual specificity tyrosine-phosphorylation-regulated kinase 1A'
2 non-polymer 1-[4-fluoranyl-2-(trifluoromethyl)phenyl]-9-(1~{H}-pyrazol-4-yl)benzo[h][1,6]naphthyridin-2-one
3 water water
#
_entity_poly.entity_id   1
_entity_poly.type   'polypeptide(L)'
_entity_poly.pdbx_seq_one_letter_code
;GASDSSHKKERKVYNDGYDDDNYDYIVKNGEKWMDRYEIDSLIGKGSFGQVVKAYDRVEQEWVAIKIIKNKKAFLNQAQI
EVRLLELMNKHDTEMKYYIVHLKRHFMFRNHLCLVFEMLSYNLYDLLRNTNFRGVSLNLTRKFAQQMCTALLFLATPELS
IIHCDLKPENILLCNPKRSAIKIVDFGSSCQLGQRIYQ(PTR)IQSRFYRSPEVLLGMPYDLAIDMWSLGCILVEMHTGE
PLFSGANEVDQMNKIVEVLGIPPAHILDQAPKARKFFEKLPDGTWNLKKTKDGKREYKPPGTRKLHNILGVETGGPGGRR
AGESGHTVADYLKFKDLILRMLDYDPKTRIQPYYALQHSFFKKTADEGTNTS
;
_entity_poly.pdbx_strand_id   A,B,C,D
#
loop_
_chem_comp.id
_chem_comp.type
_chem_comp.name
_chem_comp.formula
B6N non-polymer 1-[4-fluoranyl-2-(trifluoromethyl)phenyl]-9-(1~{H}-pyrazol-4-yl)benzo[h][1,6]naphthyridin-2-one 'C22 H12 F4 N4 O'
#
# COMPACT_ATOMS: atom_id res chain seq x y z
N LYS A 12 17.04 -7.20 32.31
CA LYS A 12 16.34 -7.67 33.50
C LYS A 12 14.82 -7.48 33.35
N VAL A 13 14.42 -6.30 32.90
CA VAL A 13 13.00 -6.01 32.71
C VAL A 13 12.69 -5.77 31.23
N TYR A 14 11.44 -6.04 30.85
CA TYR A 14 10.98 -5.81 29.49
C TYR A 14 9.79 -4.86 29.50
N ASN A 15 9.85 -3.82 28.67
CA ASN A 15 8.78 -2.84 28.55
C ASN A 15 8.42 -2.25 29.91
N ASP A 16 9.44 -1.76 30.61
CA ASP A 16 9.29 -1.22 31.97
C ASP A 16 8.68 -2.24 32.92
N GLY A 17 8.90 -3.53 32.63
CA GLY A 17 8.43 -4.60 33.50
C GLY A 17 7.05 -5.12 33.19
N TYR A 18 6.44 -4.60 32.13
CA TYR A 18 5.08 -5.00 31.76
C TYR A 18 5.05 -6.25 30.89
N ASP A 19 6.16 -6.54 30.22
CA ASP A 19 6.21 -7.67 29.30
C ASP A 19 7.13 -8.78 29.79
N ASP A 20 7.02 -9.95 29.18
CA ASP A 20 7.95 -11.04 29.45
C ASP A 20 9.06 -11.05 28.40
N ASP A 21 9.79 -12.16 28.30
CA ASP A 21 10.85 -12.27 27.31
C ASP A 21 10.31 -12.75 25.97
N ASN A 22 9.01 -12.99 25.90
CA ASN A 22 8.36 -13.37 24.66
C ASN A 22 7.49 -12.24 24.10
N TYR A 23 7.78 -11.03 24.56
CA TYR A 23 7.09 -9.81 24.12
C TYR A 23 5.59 -9.83 24.43
N ASP A 24 5.16 -10.75 25.28
CA ASP A 24 3.78 -10.81 25.73
C ASP A 24 3.55 -9.90 26.92
N TYR A 25 2.39 -9.25 26.96
CA TYR A 25 2.02 -8.47 28.13
C TYR A 25 1.66 -9.41 29.28
N ILE A 26 2.26 -9.19 30.43
CA ILE A 26 1.99 -10.02 31.60
C ILE A 26 0.59 -9.73 32.12
N VAL A 27 -0.34 -10.63 31.82
CA VAL A 27 -1.74 -10.45 32.19
C VAL A 27 -1.97 -10.67 33.68
N LYS A 28 -2.58 -9.69 34.31
CA LYS A 28 -2.91 -9.78 35.73
C LYS A 28 -4.41 -9.65 35.95
N ASN A 29 -4.99 -10.62 36.65
CA ASN A 29 -6.40 -10.57 37.00
C ASN A 29 -6.69 -9.38 37.91
N GLY A 30 -7.79 -8.68 37.63
CA GLY A 30 -8.22 -7.57 38.46
C GLY A 30 -7.72 -6.22 37.98
N GLU A 31 -6.74 -6.23 37.09
CA GLU A 31 -6.18 -5.00 36.54
C GLU A 31 -7.23 -4.27 35.70
N LYS A 32 -7.22 -2.94 35.77
CA LYS A 32 -8.21 -2.14 35.04
C LYS A 32 -7.55 -1.22 34.03
N TRP A 33 -7.82 -1.48 32.75
CA TRP A 33 -7.20 -0.73 31.67
C TRP A 33 -8.00 0.52 31.28
N MET A 34 -7.30 1.65 31.19
CA MET A 34 -7.86 2.89 30.65
C MET A 34 -9.16 3.32 31.31
N ASP A 35 -9.31 3.00 32.60
CA ASP A 35 -10.50 3.33 33.37
C ASP A 35 -11.75 2.79 32.69
N ARG A 36 -11.63 1.66 32.01
CA ARG A 36 -12.73 1.12 31.22
C ARG A 36 -12.81 -0.40 31.27
N TYR A 37 -11.71 -1.07 30.94
CA TYR A 37 -11.70 -2.52 30.84
C TYR A 37 -11.17 -3.19 32.11
N GLU A 38 -12.00 -4.01 32.73
CA GLU A 38 -11.63 -4.76 33.92
C GLU A 38 -11.19 -6.18 33.53
N ILE A 39 -9.88 -6.42 33.57
CA ILE A 39 -9.32 -7.70 33.16
C ILE A 39 -9.69 -8.82 34.13
N ASP A 40 -10.23 -9.91 33.59
CA ASP A 40 -10.66 -11.04 34.41
C ASP A 40 -9.69 -12.20 34.37
N SER A 41 -9.51 -12.79 33.19
CA SER A 41 -8.68 -13.99 33.06
C SER A 41 -8.24 -14.24 31.62
N LEU A 42 -7.21 -15.06 31.47
CA LEU A 42 -6.69 -15.42 30.15
C LEU A 42 -7.62 -16.42 29.47
N ILE A 43 -7.99 -16.12 28.22
CA ILE A 43 -8.83 -17.00 27.44
C ILE A 43 -7.99 -18.03 26.69
N GLY A 44 -6.93 -17.56 26.03
CA GLY A 44 -6.05 -18.43 25.29
C GLY A 44 -4.80 -17.71 24.80
N LYS A 45 -3.84 -18.48 24.32
CA LYS A 45 -2.61 -17.92 23.77
C LYS A 45 -2.47 -18.21 22.28
N GLY A 46 -1.46 -17.60 21.67
CA GLY A 46 -1.19 -17.80 20.25
C GLY A 46 0.13 -17.15 19.89
N SER A 47 0.54 -17.31 18.63
CA SER A 47 1.76 -16.69 18.14
C SER A 47 1.64 -15.17 18.19
N PHE A 48 0.44 -14.68 17.88
CA PHE A 48 0.15 -13.26 17.88
C PHE A 48 0.34 -12.60 19.24
N GLY A 49 0.06 -13.38 20.29
CA GLY A 49 0.02 -12.85 21.64
C GLY A 49 -1.01 -13.58 22.47
N GLN A 50 -1.86 -12.81 23.17
CA GLN A 50 -2.85 -13.40 24.06
C GLN A 50 -4.26 -12.86 23.81
N VAL A 51 -5.25 -13.62 24.25
CA VAL A 51 -6.64 -13.15 24.28
C VAL A 51 -7.13 -13.21 25.71
N VAL A 52 -7.68 -12.10 26.19
CA VAL A 52 -8.07 -12.00 27.59
C VAL A 52 -9.57 -11.71 27.71
N LYS A 53 -10.18 -12.23 28.77
CA LYS A 53 -11.57 -11.94 29.06
C LYS A 53 -11.65 -10.72 29.97
N ALA A 54 -12.41 -9.71 29.56
CA ALA A 54 -12.48 -8.47 30.32
C ALA A 54 -13.88 -7.87 30.28
N TYR A 55 -14.19 -7.05 31.28
CA TYR A 55 -15.48 -6.37 31.34
C TYR A 55 -15.38 -4.91 30.95
N ASP A 56 -16.10 -4.54 29.89
CA ASP A 56 -16.18 -3.16 29.45
C ASP A 56 -17.21 -2.42 30.31
N ARG A 57 -16.73 -1.61 31.25
CA ARG A 57 -17.62 -0.93 32.18
C ARG A 57 -18.41 0.19 31.49
N VAL A 58 -17.92 0.65 30.35
CA VAL A 58 -18.60 1.69 29.58
C VAL A 58 -19.83 1.15 28.86
N GLU A 59 -19.64 0.12 28.05
CA GLU A 59 -20.75 -0.52 27.34
C GLU A 59 -21.51 -1.47 28.25
N GLN A 60 -20.92 -1.75 29.41
CA GLN A 60 -21.49 -2.67 30.39
C GLN A 60 -21.78 -4.04 29.76
N GLU A 61 -20.70 -4.72 29.37
CA GLU A 61 -20.79 -6.04 28.76
C GLU A 61 -19.42 -6.72 28.80
N TRP A 62 -19.43 -8.05 28.73
CA TRP A 62 -18.18 -8.79 28.61
C TRP A 62 -17.63 -8.67 27.21
N VAL A 63 -16.31 -8.59 27.10
CA VAL A 63 -15.65 -8.55 25.81
C VAL A 63 -14.40 -9.42 25.83
N ALA A 64 -13.92 -9.78 24.65
CA ALA A 64 -12.65 -10.48 24.52
C ALA A 64 -11.62 -9.55 23.90
N ILE A 65 -10.52 -9.34 24.61
CA ILE A 65 -9.47 -8.46 24.10
C ILE A 65 -8.26 -9.26 23.62
N LYS A 66 -7.93 -9.07 22.35
CA LYS A 66 -6.76 -9.71 21.76
C LYS A 66 -5.54 -8.82 21.92
N ILE A 67 -4.68 -9.16 22.87
CA ILE A 67 -3.48 -8.38 23.14
C ILE A 67 -2.31 -8.85 22.29
N ILE A 68 -1.99 -8.07 21.25
CA ILE A 68 -0.89 -8.42 20.36
C ILE A 68 0.46 -8.19 21.05
N LYS A 69 1.42 -9.08 20.78
CA LYS A 69 2.77 -8.97 21.33
C LYS A 69 3.42 -7.63 20.98
N ASN A 70 4.24 -7.13 21.90
CA ASN A 70 4.94 -5.88 21.69
C ASN A 70 6.18 -6.06 20.82
N LYS A 71 5.96 -6.37 19.55
CA LYS A 71 7.04 -6.41 18.57
C LYS A 71 6.49 -6.16 17.16
N LYS A 72 7.25 -5.40 16.40
CA LYS A 72 6.83 -4.87 15.09
C LYS A 72 6.20 -5.91 14.15
N ALA A 73 6.78 -7.10 14.11
CA ALA A 73 6.32 -8.15 13.21
C ALA A 73 4.87 -8.54 13.48
N PHE A 74 4.52 -8.71 14.75
CA PHE A 74 3.18 -9.11 15.13
C PHE A 74 2.21 -7.92 15.07
N LEU A 75 2.73 -6.73 15.38
CA LEU A 75 1.92 -5.52 15.29
C LEU A 75 1.44 -5.29 13.86
N ASN A 76 2.36 -5.41 12.90
CA ASN A 76 2.04 -5.25 11.50
C ASN A 76 1.02 -6.26 11.01
N GLN A 77 1.14 -7.50 11.48
CA GLN A 77 0.22 -8.56 11.08
C GLN A 77 -1.17 -8.31 11.64
N ALA A 78 -1.22 -7.73 12.85
CA ALA A 78 -2.49 -7.44 13.50
C ALA A 78 -3.22 -6.29 12.83
N GLN A 79 -2.45 -5.34 12.28
CA GLN A 79 -3.03 -4.20 11.59
C GLN A 79 -3.73 -4.65 10.31
N ILE A 80 -3.19 -5.69 9.68
CA ILE A 80 -3.84 -6.31 8.53
C ILE A 80 -5.20 -6.87 8.94
N GLU A 81 -5.24 -7.50 10.10
CA GLU A 81 -6.47 -8.07 10.62
C GLU A 81 -7.48 -6.97 10.91
N VAL A 82 -7.02 -5.89 11.53
CA VAL A 82 -7.87 -4.74 11.82
C VAL A 82 -8.45 -4.16 10.54
N ARG A 83 -7.63 -4.10 9.49
CA ARG A 83 -8.07 -3.58 8.21
C ARG A 83 -9.22 -4.41 7.63
N LEU A 84 -9.01 -5.72 7.56
CA LEU A 84 -10.02 -6.63 7.03
C LEU A 84 -11.30 -6.61 7.86
N LEU A 85 -11.15 -6.68 9.18
CA LEU A 85 -12.30 -6.72 10.08
C LEU A 85 -13.12 -5.44 9.98
N GLU A 86 -12.43 -4.30 9.95
CA GLU A 86 -13.13 -3.02 9.78
C GLU A 86 -13.78 -2.95 8.40
N LEU A 87 -13.06 -3.46 7.39
CA LEU A 87 -13.60 -3.52 6.03
C LEU A 87 -14.91 -4.29 6.00
N MET A 88 -14.96 -5.41 6.72
CA MET A 88 -16.17 -6.21 6.80
C MET A 88 -17.29 -5.49 7.54
N ASN A 89 -16.91 -4.70 8.54
CA ASN A 89 -17.89 -3.96 9.35
C ASN A 89 -18.65 -2.92 8.55
N LYS A 90 -18.01 -2.37 7.52
CA LYS A 90 -18.60 -1.29 6.74
C LYS A 90 -19.74 -1.82 5.87
N HIS A 91 -19.66 -3.10 5.51
CA HIS A 91 -20.71 -3.75 4.73
C HIS A 91 -21.88 -4.14 5.62
N ASP A 92 -22.98 -3.40 5.49
CA ASP A 92 -24.14 -3.58 6.36
C ASP A 92 -25.12 -4.61 5.81
N THR A 93 -24.76 -5.88 5.94
CA THR A 93 -25.66 -6.98 5.60
C THR A 93 -25.89 -7.84 6.85
N GLU A 94 -26.82 -8.78 6.75
CA GLU A 94 -27.12 -9.66 7.88
C GLU A 94 -26.19 -10.87 7.88
N MET A 95 -25.51 -11.08 6.75
CA MET A 95 -24.50 -12.14 6.66
C MET A 95 -23.26 -11.77 7.45
N LYS A 96 -23.13 -10.48 7.72
CA LYS A 96 -22.03 -9.91 8.49
C LYS A 96 -21.94 -10.51 9.89
N TYR A 97 -23.07 -11.02 10.37
CA TYR A 97 -23.20 -11.45 11.76
C TYR A 97 -22.71 -12.87 12.03
N TYR A 98 -22.09 -13.50 11.03
CA TYR A 98 -21.47 -14.80 11.24
C TYR A 98 -19.96 -14.64 11.28
N ILE A 99 -19.51 -13.40 11.19
CA ILE A 99 -18.13 -13.03 11.46
C ILE A 99 -18.10 -12.39 12.84
N VAL A 100 -17.08 -12.69 13.64
CA VAL A 100 -17.01 -12.07 14.95
C VAL A 100 -16.76 -10.57 14.80
N HIS A 101 -17.51 -9.81 15.58
CA HIS A 101 -17.51 -8.36 15.44
C HIS A 101 -16.34 -7.72 16.16
N LEU A 102 -15.48 -7.06 15.39
CA LEU A 102 -14.45 -6.22 15.97
C LEU A 102 -15.10 -4.92 16.44
N LYS A 103 -15.19 -4.73 17.75
CA LYS A 103 -15.86 -3.57 18.31
C LYS A 103 -15.02 -2.31 18.17
N ARG A 104 -13.74 -2.42 18.55
CA ARG A 104 -12.81 -1.31 18.48
C ARG A 104 -11.39 -1.80 18.74
N HIS A 105 -10.43 -0.89 18.65
CA HIS A 105 -9.05 -1.21 18.99
C HIS A 105 -8.35 -0.01 19.58
N PHE A 106 -7.28 -0.27 20.32
CA PHE A 106 -6.51 0.79 20.96
C PHE A 106 -5.11 0.31 21.30
N MET A 107 -4.20 1.27 21.51
CA MET A 107 -2.87 0.94 21.99
C MET A 107 -2.84 1.03 23.51
N PHE A 108 -2.30 0.00 24.15
CA PHE A 108 -2.16 0.02 25.60
C PHE A 108 -0.81 -0.53 26.03
N ARG A 109 0.00 0.35 26.61
CA ARG A 109 1.36 0.01 27.06
C ARG A 109 2.14 -0.68 25.96
N ASN A 110 2.13 -0.05 24.78
CA ASN A 110 2.85 -0.51 23.60
C ASN A 110 2.32 -1.82 23.02
N HIS A 111 1.13 -2.22 23.44
CA HIS A 111 0.45 -3.37 22.87
C HIS A 111 -0.79 -2.95 22.09
N LEU A 112 -0.91 -3.45 20.87
CA LEU A 112 -2.15 -3.27 20.13
C LEU A 112 -3.21 -4.21 20.70
N CYS A 113 -4.38 -3.66 21.02
CA CYS A 113 -5.45 -4.45 21.61
C CYS A 113 -6.71 -4.41 20.76
N LEU A 114 -7.21 -5.58 20.41
CA LEU A 114 -8.43 -5.68 19.60
C LEU A 114 -9.58 -6.17 20.48
N VAL A 115 -10.65 -5.40 20.52
CA VAL A 115 -11.80 -5.74 21.34
C VAL A 115 -12.90 -6.41 20.52
N PHE A 116 -13.10 -7.70 20.75
CA PHE A 116 -14.16 -8.45 20.08
C PHE A 116 -15.32 -8.70 21.04
N GLU A 117 -16.43 -9.17 20.50
CA GLU A 117 -17.53 -9.63 21.34
C GLU A 117 -17.12 -10.91 22.05
N MET A 118 -17.67 -11.15 23.23
CA MET A 118 -17.34 -12.32 24.02
C MET A 118 -18.17 -13.52 23.59
N LEU A 119 -17.50 -14.60 23.22
CA LEU A 119 -18.18 -15.84 22.87
C LEU A 119 -17.77 -16.97 23.81
N SER A 120 -18.58 -18.03 23.85
CA SER A 120 -18.40 -19.11 24.81
C SER A 120 -17.12 -19.91 24.57
N TYR A 121 -17.20 -20.90 23.70
CA TYR A 121 -16.05 -21.76 23.42
C TYR A 121 -15.97 -22.14 21.94
N ASN A 122 -14.84 -22.71 21.53
CA ASN A 122 -14.64 -23.06 20.12
C ASN A 122 -15.23 -24.41 19.77
N LEU A 123 -15.27 -24.69 18.48
CA LEU A 123 -15.92 -25.88 17.96
C LEU A 123 -15.14 -27.16 18.29
N TYR A 124 -13.84 -27.02 18.53
CA TYR A 124 -13.03 -28.15 18.97
C TYR A 124 -13.40 -28.56 20.40
N ASP A 125 -13.71 -27.56 21.23
CA ASP A 125 -14.16 -27.81 22.59
C ASP A 125 -15.46 -28.60 22.59
N LEU A 126 -16.34 -28.29 21.64
CA LEU A 126 -17.61 -28.99 21.52
C LEU A 126 -17.39 -30.45 21.16
N LEU A 127 -16.43 -30.69 20.26
CA LEU A 127 -16.07 -32.04 19.86
C LEU A 127 -15.55 -32.85 21.04
N ARG A 128 -14.65 -32.24 21.82
CA ARG A 128 -14.07 -32.89 22.99
C ARG A 128 -15.15 -33.20 24.02
N ASN A 129 -16.15 -32.33 24.11
CA ASN A 129 -17.27 -32.54 25.02
C ASN A 129 -18.11 -33.74 24.63
N THR A 130 -18.08 -34.09 23.34
CA THR A 130 -18.75 -35.29 22.86
C THR A 130 -17.83 -36.50 22.98
N ASN A 131 -16.66 -36.27 23.55
CA ASN A 131 -15.57 -37.26 23.56
C ASN A 131 -15.24 -37.67 22.13
N PHE A 132 -15.22 -36.68 21.25
CA PHE A 132 -14.88 -36.87 19.84
C PHE A 132 -15.74 -37.92 19.16
N ARG A 133 -17.02 -37.94 19.51
CA ARG A 133 -17.99 -38.83 18.89
C ARG A 133 -18.91 -38.04 17.97
N GLY A 134 -18.77 -36.72 18.01
CA GLY A 134 -19.48 -35.83 17.10
C GLY A 134 -20.83 -35.36 17.61
N VAL A 135 -21.41 -34.39 16.88
CA VAL A 135 -22.75 -33.92 17.18
C VAL A 135 -23.72 -34.36 16.07
N SER A 136 -25.01 -34.12 16.28
CA SER A 136 -26.03 -34.64 15.39
C SER A 136 -25.99 -34.04 13.98
N LEU A 137 -26.59 -34.75 13.04
CA LEU A 137 -26.73 -34.28 11.68
C LEU A 137 -27.57 -33.00 11.64
N ASN A 138 -28.46 -32.86 12.62
CA ASN A 138 -29.30 -31.69 12.75
C ASN A 138 -28.52 -30.45 13.18
N LEU A 139 -27.68 -30.61 14.20
CA LEU A 139 -26.83 -29.51 14.65
C LEU A 139 -25.79 -29.18 13.59
N THR A 140 -25.31 -30.21 12.90
CA THR A 140 -24.33 -30.03 11.83
C THR A 140 -24.92 -29.22 10.70
N ARG A 141 -26.19 -29.48 10.37
CA ARG A 141 -26.87 -28.75 9.30
C ARG A 141 -26.96 -27.26 9.62
N LYS A 142 -27.26 -26.95 10.87
CA LYS A 142 -27.35 -25.56 11.31
C LYS A 142 -25.99 -24.86 11.19
N PHE A 143 -24.94 -25.55 11.60
CA PHE A 143 -23.59 -25.00 11.50
C PHE A 143 -23.17 -24.82 10.04
N ALA A 144 -23.49 -25.81 9.23
CA ALA A 144 -23.12 -25.81 7.81
C ALA A 144 -23.75 -24.63 7.06
N GLN A 145 -25.01 -24.34 7.38
CA GLN A 145 -25.72 -23.27 6.70
C GLN A 145 -25.14 -21.90 7.04
N GLN A 146 -24.72 -21.74 8.30
CA GLN A 146 -24.16 -20.48 8.74
C GLN A 146 -22.76 -20.25 8.16
N MET A 147 -21.98 -21.32 8.08
CA MET A 147 -20.63 -21.25 7.50
C MET A 147 -20.69 -20.90 6.02
N CYS A 148 -21.60 -21.54 5.29
CA CYS A 148 -21.81 -21.24 3.88
C CYS A 148 -22.22 -19.78 3.69
N THR A 149 -23.06 -19.29 4.59
CA THR A 149 -23.49 -17.89 4.57
C THR A 149 -22.30 -16.99 4.87
N ALA A 150 -21.46 -17.41 5.81
CA ALA A 150 -20.25 -16.68 6.15
C ALA A 150 -19.30 -16.62 4.97
N LEU A 151 -19.18 -17.74 4.26
CA LEU A 151 -18.32 -17.81 3.08
C LEU A 151 -18.89 -17.00 1.92
N LEU A 152 -20.22 -16.92 1.88
CA LEU A 152 -20.89 -16.10 0.86
C LEU A 152 -20.60 -14.62 1.09
N PHE A 153 -20.52 -14.23 2.36
CA PHE A 153 -20.22 -12.85 2.73
C PHE A 153 -18.79 -12.48 2.35
N LEU A 154 -17.85 -13.41 2.57
CA LEU A 154 -16.45 -13.17 2.24
C LEU A 154 -16.23 -13.15 0.73
N ALA A 155 -17.20 -13.68 -0.01
CA ALA A 155 -17.11 -13.74 -1.46
C ALA A 155 -17.62 -12.46 -2.11
N THR A 156 -18.12 -11.55 -1.29
CA THR A 156 -18.52 -10.22 -1.77
C THR A 156 -17.35 -9.56 -2.47
N PRO A 157 -17.55 -9.20 -3.76
CA PRO A 157 -16.49 -8.70 -4.66
C PRO A 157 -15.60 -7.63 -4.04
N GLU A 158 -16.19 -6.71 -3.29
CA GLU A 158 -15.44 -5.65 -2.65
C GLU A 158 -14.57 -6.19 -1.51
N LEU A 159 -14.98 -7.33 -0.96
CA LEU A 159 -14.20 -7.99 0.08
C LEU A 159 -13.24 -9.01 -0.53
N SER A 160 -13.80 -10.05 -1.14
CA SER A 160 -13.02 -11.14 -1.73
C SER A 160 -11.99 -11.68 -0.76
N ILE A 161 -12.43 -11.93 0.48
CA ILE A 161 -11.54 -12.33 1.56
C ILE A 161 -11.41 -13.85 1.69
N ILE A 162 -10.19 -14.33 1.72
CA ILE A 162 -9.90 -15.72 2.02
C ILE A 162 -9.50 -15.84 3.48
N HIS A 163 -10.27 -16.58 4.27
CA HIS A 163 -9.93 -16.77 5.69
C HIS A 163 -8.58 -17.45 5.82
N CYS A 164 -8.39 -18.50 5.02
CA CYS A 164 -7.10 -19.18 4.83
C CYS A 164 -6.65 -20.00 6.04
N ASP A 165 -7.52 -20.16 7.04
CA ASP A 165 -7.19 -21.00 8.20
C ASP A 165 -8.45 -21.48 8.91
N LEU A 166 -9.42 -21.97 8.14
CA LEU A 166 -10.63 -22.53 8.72
C LEU A 166 -10.36 -23.85 9.41
N LYS A 167 -10.82 -23.96 10.65
CA LYS A 167 -10.64 -25.16 11.47
C LYS A 167 -11.52 -25.03 12.71
N PRO A 168 -11.82 -26.16 13.38
CA PRO A 168 -12.63 -26.16 14.60
C PRO A 168 -12.24 -25.10 15.64
N GLU A 169 -10.93 -24.89 15.81
CA GLU A 169 -10.44 -23.93 16.79
C GLU A 169 -10.87 -22.50 16.45
N ASN A 170 -11.04 -22.22 15.17
CA ASN A 170 -11.37 -20.87 14.72
C ASN A 170 -12.86 -20.65 14.48
N ILE A 171 -13.68 -21.54 15.02
CA ILE A 171 -15.13 -21.39 14.95
C ILE A 171 -15.72 -21.45 16.36
N LEU A 172 -16.34 -20.34 16.78
CA LEU A 172 -16.85 -20.24 18.14
C LEU A 172 -18.37 -20.36 18.21
N LEU A 173 -18.87 -20.83 19.34
CA LEU A 173 -20.30 -20.82 19.60
C LEU A 173 -20.73 -19.48 20.17
N CYS A 174 -21.80 -18.91 19.63
CA CYS A 174 -22.27 -17.59 20.03
C CYS A 174 -22.85 -17.62 21.44
N ASN A 175 -23.69 -18.63 21.71
CA ASN A 175 -24.30 -18.78 23.02
C ASN A 175 -24.37 -20.25 23.41
N PRO A 176 -24.03 -20.56 24.68
CA PRO A 176 -24.04 -21.94 25.19
C PRO A 176 -25.38 -22.65 25.05
N LYS A 177 -26.46 -21.89 24.86
CA LYS A 177 -27.79 -22.47 24.75
C LYS A 177 -28.42 -22.18 23.38
N ARG A 178 -27.64 -21.60 22.47
CA ARG A 178 -28.11 -21.34 21.12
C ARG A 178 -27.22 -22.03 20.10
N SER A 179 -27.69 -22.13 18.86
CA SER A 179 -27.00 -22.90 17.84
C SER A 179 -26.21 -22.03 16.85
N ALA A 180 -26.01 -20.77 17.21
CA ALA A 180 -25.29 -19.85 16.34
C ALA A 180 -23.77 -19.97 16.49
N ILE A 181 -23.06 -19.90 15.38
CA ILE A 181 -21.60 -19.87 15.40
C ILE A 181 -21.04 -18.67 14.65
N LYS A 182 -19.78 -18.35 14.92
CA LYS A 182 -19.09 -17.26 14.24
C LYS A 182 -17.63 -17.64 13.98
N ILE A 183 -17.05 -17.06 12.94
CA ILE A 183 -15.67 -17.36 12.56
C ILE A 183 -14.71 -16.32 13.15
N VAL A 184 -13.58 -16.79 13.67
CA VAL A 184 -12.59 -15.89 14.27
C VAL A 184 -11.23 -15.99 13.60
N ASP A 185 -10.30 -15.15 14.06
CA ASP A 185 -8.91 -15.17 13.62
C ASP A 185 -8.77 -14.95 12.13
N PHE A 186 -8.76 -13.68 11.72
CA PHE A 186 -8.49 -13.34 10.33
C PHE A 186 -7.06 -12.82 10.19
N GLY A 187 -6.22 -13.22 11.13
CA GLY A 187 -4.81 -12.83 11.13
C GLY A 187 -4.02 -13.54 10.05
N SER A 188 -4.45 -14.75 9.70
CA SER A 188 -3.81 -15.51 8.63
C SER A 188 -4.46 -15.18 7.29
N SER A 189 -5.38 -14.23 7.30
CA SER A 189 -6.21 -13.97 6.13
C SER A 189 -5.71 -12.83 5.25
N CYS A 190 -6.03 -12.94 3.96
CA CYS A 190 -5.77 -11.88 3.00
C CYS A 190 -6.87 -11.89 1.94
N GLN A 191 -6.96 -10.81 1.17
CA GLN A 191 -7.93 -10.75 0.09
C GLN A 191 -7.37 -11.43 -1.15
N LEU A 192 -8.26 -11.68 -2.12
CA LEU A 192 -7.86 -12.28 -3.40
C LEU A 192 -6.78 -11.44 -4.07
N GLY A 193 -5.81 -12.11 -4.70
CA GLY A 193 -4.73 -11.41 -5.37
C GLY A 193 -3.71 -12.35 -5.98
N GLN A 194 -2.61 -11.78 -6.48
CA GLN A 194 -1.53 -12.59 -7.02
C GLN A 194 -0.94 -13.44 -5.90
N ARG A 195 -0.45 -14.63 -6.26
CA ARG A 195 0.05 -15.57 -5.28
C ARG A 195 1.33 -15.07 -4.62
N ILE A 196 1.34 -15.03 -3.30
CA ILE A 196 2.49 -14.58 -2.54
C ILE A 196 2.98 -15.70 -1.61
N TYR A 197 2.02 -16.36 -0.96
CA TYR A 197 2.33 -17.42 0.00
C TYR A 197 1.88 -18.77 -0.54
N GLN A 198 2.54 -19.84 -0.12
CA GLN A 198 2.21 -21.18 -0.63
C GLN A 198 2.00 -22.22 0.48
N PTR A 199 2.65 -22.03 1.62
CA PTR A 199 2.48 -22.94 2.76
C PTR A 199 1.39 -22.38 3.67
O PTR A 199 1.68 -21.81 4.72
CB PTR A 199 3.80 -23.11 3.51
CG PTR A 199 3.82 -24.20 4.55
CD1 PTR A 199 3.73 -25.55 4.20
CD2 PTR A 199 3.95 -23.90 5.91
CE1 PTR A 199 3.76 -26.54 5.15
CE2 PTR A 199 3.98 -24.89 6.87
CZ PTR A 199 3.88 -26.22 6.49
OH PTR A 199 3.92 -27.17 7.39
P PTR A 199 2.64 -27.71 8.21
O1P PTR A 199 3.12 -28.30 9.55
O2P PTR A 199 1.99 -28.77 7.42
O3P PTR A 199 1.64 -26.56 8.47
N ILE A 200 0.14 -22.57 3.27
CA ILE A 200 -0.99 -21.95 3.97
C ILE A 200 -2.01 -22.99 4.44
N GLN A 201 -2.94 -22.53 5.28
CA GLN A 201 -3.97 -23.35 5.91
C GLN A 201 -3.40 -24.35 6.91
N SER A 202 -4.21 -24.76 7.88
CA SER A 202 -3.83 -25.85 8.78
C SER A 202 -3.86 -27.15 7.97
N ARG A 203 -2.93 -28.04 8.26
CA ARG A 203 -2.68 -29.21 7.43
C ARG A 203 -3.91 -30.09 7.20
N PHE A 204 -4.63 -30.39 8.27
CA PHE A 204 -5.80 -31.26 8.20
C PHE A 204 -6.85 -30.74 7.22
N TYR A 205 -6.85 -29.43 7.02
CA TYR A 205 -7.90 -28.76 6.26
C TYR A 205 -7.31 -28.06 5.04
N ARG A 206 -6.09 -28.44 4.69
CA ARG A 206 -5.37 -27.85 3.57
C ARG A 206 -5.88 -28.40 2.24
N SER A 207 -6.25 -27.49 1.33
CA SER A 207 -6.80 -27.88 0.04
C SER A 207 -5.74 -28.55 -0.84
N PRO A 208 -6.19 -29.38 -1.80
CA PRO A 208 -5.27 -30.06 -2.72
C PRO A 208 -4.45 -29.08 -3.57
N GLU A 209 -5.07 -27.96 -3.98
CA GLU A 209 -4.38 -26.98 -4.81
C GLU A 209 -3.22 -26.34 -4.05
N VAL A 210 -3.34 -26.24 -2.72
CA VAL A 210 -2.26 -25.73 -1.90
C VAL A 210 -1.18 -26.79 -1.75
N LEU A 211 -1.61 -28.02 -1.50
CA LEU A 211 -0.69 -29.15 -1.37
C LEU A 211 0.10 -29.38 -2.66
N LEU A 212 -0.52 -29.07 -3.79
CA LEU A 212 0.11 -29.27 -5.10
C LEU A 212 0.90 -28.03 -5.55
N GLY A 213 0.87 -26.99 -4.73
CA GLY A 213 1.61 -25.76 -5.02
C GLY A 213 1.05 -25.01 -6.22
N MET A 214 -0.27 -25.03 -6.36
CA MET A 214 -0.94 -24.39 -7.48
C MET A 214 -1.56 -23.05 -7.04
N PRO A 215 -1.98 -22.22 -8.02
CA PRO A 215 -2.73 -21.01 -7.66
C PRO A 215 -4.02 -21.32 -6.90
N TYR A 216 -4.38 -20.46 -5.96
CA TYR A 216 -5.55 -20.71 -5.12
C TYR A 216 -6.44 -19.47 -5.02
N ASP A 217 -7.71 -19.68 -4.68
CA ASP A 217 -8.64 -18.59 -4.46
C ASP A 217 -9.49 -18.85 -3.22
N LEU A 218 -10.73 -18.37 -3.25
CA LEU A 218 -11.62 -18.48 -2.10
C LEU A 218 -12.16 -19.91 -1.94
N ALA A 219 -11.97 -20.73 -2.97
CA ALA A 219 -12.48 -22.10 -2.96
C ALA A 219 -11.79 -22.96 -1.90
N ILE A 220 -10.58 -22.57 -1.51
CA ILE A 220 -9.83 -23.33 -0.52
C ILE A 220 -10.50 -23.32 0.85
N ASP A 221 -11.31 -22.29 1.10
CA ASP A 221 -12.08 -22.22 2.34
C ASP A 221 -13.25 -23.19 2.28
N MET A 222 -13.81 -23.38 1.09
CA MET A 222 -14.90 -24.31 0.88
C MET A 222 -14.43 -25.74 1.12
N TRP A 223 -13.19 -26.03 0.68
CA TRP A 223 -12.58 -27.32 0.94
C TRP A 223 -12.47 -27.56 2.44
N SER A 224 -11.95 -26.56 3.15
CA SER A 224 -11.80 -26.64 4.60
C SER A 224 -13.14 -26.90 5.26
N LEU A 225 -14.18 -26.22 4.79
CA LEU A 225 -15.52 -26.38 5.34
C LEU A 225 -16.01 -27.82 5.20
N GLY A 226 -15.74 -28.42 4.04
CA GLY A 226 -16.11 -29.80 3.80
C GLY A 226 -15.48 -30.74 4.81
N CYS A 227 -14.18 -30.57 5.03
CA CYS A 227 -13.45 -31.35 6.01
C CYS A 227 -14.03 -31.16 7.41
N ILE A 228 -14.29 -29.90 7.76
CA ILE A 228 -14.80 -29.54 9.08
C ILE A 228 -16.16 -30.17 9.37
N LEU A 229 -17.07 -30.08 8.40
CA LEU A 229 -18.43 -30.58 8.58
C LEU A 229 -18.47 -32.08 8.84
N VAL A 230 -17.64 -32.83 8.15
CA VAL A 230 -17.54 -34.27 8.38
C VAL A 230 -17.03 -34.54 9.80
N GLU A 231 -15.99 -33.81 10.18
CA GLU A 231 -15.41 -33.92 11.51
C GLU A 231 -16.44 -33.61 12.59
N MET A 232 -17.37 -32.72 12.26
CA MET A 232 -18.42 -32.33 13.20
C MET A 232 -19.37 -33.46 13.53
N HIS A 233 -19.72 -34.26 12.54
CA HIS A 233 -20.69 -35.32 12.74
C HIS A 233 -20.06 -36.61 13.25
N THR A 234 -18.79 -36.81 12.94
CA THR A 234 -18.09 -38.03 13.32
C THR A 234 -17.29 -37.85 14.62
N GLY A 235 -16.77 -36.65 14.82
CA GLY A 235 -15.99 -36.34 16.01
C GLY A 235 -14.49 -36.43 15.75
N GLU A 236 -14.12 -36.84 14.55
CA GLU A 236 -12.72 -37.04 14.19
C GLU A 236 -12.37 -36.36 12.87
N PRO A 237 -11.14 -35.86 12.75
CA PRO A 237 -10.68 -35.24 11.50
C PRO A 237 -10.80 -36.20 10.32
N LEU A 238 -11.26 -35.69 9.18
CA LEU A 238 -11.43 -36.52 7.99
C LEU A 238 -10.08 -36.92 7.41
N PHE A 239 -9.17 -35.96 7.31
CA PHE A 239 -7.82 -36.22 6.80
C PHE A 239 -6.77 -35.75 7.81
N SER A 240 -6.35 -36.64 8.69
CA SER A 240 -5.40 -36.28 9.74
C SER A 240 -3.95 -36.65 9.39
N GLY A 241 -3.37 -35.92 8.45
CA GLY A 241 -2.02 -36.20 8.01
C GLY A 241 -0.94 -35.76 8.97
N ALA A 242 0.08 -36.59 9.16
CA ALA A 242 1.21 -36.27 10.01
C ALA A 242 2.22 -35.40 9.27
N ASN A 243 2.04 -35.35 7.95
CA ASN A 243 2.84 -34.49 7.07
C ASN A 243 2.08 -34.31 5.77
N GLU A 244 2.65 -33.54 4.83
CA GLU A 244 1.95 -33.26 3.58
C GLU A 244 1.75 -34.51 2.72
N VAL A 245 2.75 -35.38 2.71
CA VAL A 245 2.66 -36.63 1.94
C VAL A 245 1.61 -37.55 2.55
N ASP A 246 1.61 -37.66 3.87
CA ASP A 246 0.59 -38.43 4.57
C ASP A 246 -0.78 -37.79 4.38
N GLN A 247 -0.81 -36.47 4.36
CA GLN A 247 -2.06 -35.72 4.20
C GLN A 247 -2.70 -36.00 2.84
N MET A 248 -1.88 -35.99 1.78
CA MET A 248 -2.37 -36.24 0.44
C MET A 248 -2.84 -37.69 0.29
N ASN A 249 -2.08 -38.62 0.85
CA ASN A 249 -2.42 -40.03 0.76
C ASN A 249 -3.72 -40.37 1.49
N LYS A 250 -4.01 -39.63 2.56
CA LYS A 250 -5.28 -39.80 3.27
C LYS A 250 -6.42 -39.23 2.44
N ILE A 251 -6.14 -38.12 1.76
CA ILE A 251 -7.12 -37.51 0.86
C ILE A 251 -7.41 -38.44 -0.33
N VAL A 252 -6.35 -39.04 -0.88
CA VAL A 252 -6.48 -39.96 -2.00
C VAL A 252 -7.27 -41.21 -1.62
N GLU A 253 -7.06 -41.69 -0.41
CA GLU A 253 -7.80 -42.84 0.12
C GLU A 253 -9.30 -42.68 -0.04
N VAL A 254 -9.79 -41.46 0.14
CA VAL A 254 -11.21 -41.18 0.13
C VAL A 254 -11.71 -40.78 -1.25
N LEU A 255 -10.96 -39.92 -1.93
CA LEU A 255 -11.43 -39.29 -3.15
C LEU A 255 -10.78 -39.84 -4.42
N GLY A 256 -9.74 -40.65 -4.25
CA GLY A 256 -9.05 -41.24 -5.39
C GLY A 256 -7.97 -40.33 -5.94
N ILE A 257 -7.27 -40.81 -6.96
CA ILE A 257 -6.22 -40.03 -7.61
C ILE A 257 -6.81 -38.80 -8.29
N PRO A 258 -6.24 -37.62 -8.02
CA PRO A 258 -6.67 -36.36 -8.65
C PRO A 258 -6.62 -36.43 -10.17
N PRO A 259 -7.52 -35.72 -10.86
CA PRO A 259 -7.62 -35.70 -12.32
C PRO A 259 -6.28 -35.37 -12.99
N ALA A 260 -6.05 -35.95 -14.17
CA ALA A 260 -4.79 -35.76 -14.87
C ALA A 260 -4.57 -34.30 -15.28
N HIS A 261 -5.66 -33.63 -15.64
CA HIS A 261 -5.56 -32.25 -16.11
C HIS A 261 -5.11 -31.30 -14.99
N ILE A 262 -5.28 -31.74 -13.74
CA ILE A 262 -4.81 -30.97 -12.60
C ILE A 262 -3.35 -31.29 -12.30
N LEU A 263 -3.02 -32.57 -12.23
CA LEU A 263 -1.67 -33.01 -11.88
C LEU A 263 -0.63 -32.59 -12.92
N ASP A 264 -1.05 -32.49 -14.18
CA ASP A 264 -0.16 -32.07 -15.26
C ASP A 264 0.31 -30.63 -15.07
N GLN A 265 -0.47 -29.84 -14.35
CA GLN A 265 -0.17 -28.43 -14.14
C GLN A 265 0.27 -28.14 -12.71
N ALA A 266 0.53 -29.19 -11.95
CA ALA A 266 0.89 -29.04 -10.53
C ALA A 266 2.40 -29.09 -10.33
N PRO A 267 2.98 -27.99 -9.84
CA PRO A 267 4.41 -27.88 -9.55
C PRO A 267 4.93 -28.95 -8.58
N LYS A 268 4.15 -29.25 -7.55
CA LYS A 268 4.58 -30.23 -6.54
C LYS A 268 3.87 -31.57 -6.71
N ALA A 269 3.47 -31.88 -7.94
CA ALA A 269 2.77 -33.13 -8.23
C ALA A 269 3.61 -34.35 -7.88
N ARG A 270 4.90 -34.28 -8.19
CA ARG A 270 5.78 -35.43 -8.01
C ARG A 270 6.29 -35.56 -6.57
N LYS A 271 5.77 -34.72 -5.68
CA LYS A 271 6.00 -34.91 -4.26
C LYS A 271 5.10 -36.03 -3.76
N PHE A 272 4.00 -36.24 -4.47
CA PHE A 272 3.01 -37.25 -4.08
C PHE A 272 2.82 -38.32 -5.15
N PHE A 273 2.93 -37.94 -6.41
CA PHE A 273 2.53 -38.84 -7.50
C PHE A 273 3.64 -39.15 -8.51
N GLU A 274 3.36 -40.14 -9.35
CA GLU A 274 4.30 -40.60 -10.36
C GLU A 274 3.62 -40.61 -11.74
N LYS A 275 4.25 -39.97 -12.72
CA LYS A 275 3.71 -39.98 -14.07
C LYS A 275 4.27 -41.18 -14.85
N LEU A 276 3.39 -42.12 -15.17
CA LEU A 276 3.78 -43.34 -15.87
C LEU A 276 4.02 -43.06 -17.36
N PRO A 277 4.75 -43.96 -18.05
CA PRO A 277 5.00 -43.81 -19.48
C PRO A 277 3.75 -43.64 -20.34
N ASP A 278 2.60 -44.07 -19.85
CA ASP A 278 1.37 -43.92 -20.61
C ASP A 278 0.70 -42.57 -20.37
N GLY A 279 1.34 -41.75 -19.54
CA GLY A 279 0.84 -40.41 -19.28
C GLY A 279 -0.10 -40.34 -18.10
N THR A 280 -0.35 -41.49 -17.48
CA THR A 280 -1.24 -41.55 -16.32
C THR A 280 -0.47 -41.35 -15.02
N TRP A 281 -1.19 -41.03 -13.96
CA TRP A 281 -0.57 -40.76 -12.66
C TRP A 281 -0.92 -41.82 -11.62
N ASN A 282 0.08 -42.28 -10.89
CA ASN A 282 -0.13 -43.18 -9.76
C ASN A 282 0.52 -42.62 -8.49
N LEU A 283 0.14 -43.17 -7.35
CA LEU A 283 0.77 -42.80 -6.09
C LEU A 283 2.22 -43.24 -6.04
N LYS A 284 3.06 -42.49 -5.33
CA LYS A 284 4.44 -42.89 -5.11
C LYS A 284 4.54 -43.81 -3.90
N LYS A 285 5.42 -44.80 -3.97
CA LYS A 285 5.64 -45.70 -2.86
C LYS A 285 6.45 -45.01 -1.77
N THR A 286 5.83 -44.79 -0.62
CA THR A 286 6.46 -44.05 0.47
C THR A 286 7.13 -44.98 1.48
N LYS A 287 8.36 -44.63 1.87
CA LYS A 287 9.11 -45.35 2.89
C LYS A 287 9.25 -46.84 2.56
N LYS A 290 6.96 -47.23 6.36
CA LYS A 290 6.05 -46.72 7.38
C LYS A 290 4.68 -46.42 6.81
N ARG A 291 3.65 -46.70 7.61
CA ARG A 291 2.25 -46.48 7.25
C ARG A 291 1.78 -47.34 6.08
N GLU A 292 0.47 -47.49 5.96
CA GLU A 292 -0.13 -48.29 4.89
C GLU A 292 -1.53 -47.79 4.56
N TYR A 293 -1.80 -47.57 3.28
CA TYR A 293 -3.06 -46.97 2.86
C TYR A 293 -3.92 -47.94 2.06
N LYS A 294 -5.24 -47.78 2.19
CA LYS A 294 -6.18 -48.47 1.32
C LYS A 294 -5.99 -47.99 -0.11
N PRO A 295 -6.35 -48.84 -1.10
CA PRO A 295 -6.30 -48.42 -2.50
C PRO A 295 -7.10 -47.14 -2.73
N PRO A 296 -6.67 -46.31 -3.70
CA PRO A 296 -7.29 -45.02 -4.01
C PRO A 296 -8.82 -45.09 -4.15
N GLY A 297 -9.51 -44.31 -3.32
CA GLY A 297 -10.95 -44.19 -3.40
C GLY A 297 -11.74 -45.32 -2.78
N THR A 298 -11.07 -46.20 -2.05
CA THR A 298 -11.75 -47.36 -1.45
C THR A 298 -12.17 -47.08 -0.01
N ARG A 299 -11.77 -45.94 0.53
CA ARG A 299 -12.30 -45.49 1.82
C ARG A 299 -13.43 -44.50 1.57
N LYS A 300 -14.61 -45.03 1.29
CA LYS A 300 -15.74 -44.22 0.86
C LYS A 300 -16.32 -43.36 1.98
N LEU A 301 -16.72 -42.14 1.62
CA LEU A 301 -17.37 -41.23 2.55
C LEU A 301 -18.73 -41.79 2.96
N HIS A 302 -19.30 -42.60 2.08
CA HIS A 302 -20.56 -43.30 2.33
C HIS A 302 -20.45 -44.17 3.59
N ASN A 303 -19.30 -44.82 3.75
CA ASN A 303 -19.07 -45.69 4.89
C ASN A 303 -18.50 -44.97 6.10
N ILE A 304 -17.78 -43.88 5.86
CA ILE A 304 -17.25 -43.05 6.94
C ILE A 304 -18.41 -42.42 7.72
N LEU A 305 -19.39 -41.90 7.00
CA LEU A 305 -20.55 -41.27 7.61
C LEU A 305 -21.52 -42.32 8.13
N GLY A 306 -21.43 -43.54 7.60
CA GLY A 306 -22.33 -44.62 7.99
C GLY A 306 -23.74 -44.35 7.51
N VAL A 307 -23.86 -43.95 6.25
CA VAL A 307 -25.13 -43.59 5.63
C VAL A 307 -26.22 -44.65 5.84
N GLU A 308 -25.85 -45.91 5.68
CA GLU A 308 -26.82 -47.00 5.76
C GLU A 308 -26.69 -47.82 7.05
N THR A 309 -25.75 -47.44 7.91
CA THR A 309 -25.48 -48.22 9.11
C THR A 309 -25.68 -47.43 10.41
N GLY A 310 -26.66 -46.54 10.42
CA GLY A 310 -27.01 -45.81 11.62
C GLY A 310 -26.02 -44.72 11.99
N GLY A 311 -25.38 -44.13 10.99
CA GLY A 311 -24.45 -43.03 11.23
C GLY A 311 -23.11 -43.47 11.77
N PRO A 312 -22.30 -42.50 12.25
CA PRO A 312 -20.96 -42.74 12.76
C PRO A 312 -20.95 -43.64 14.00
N GLY A 313 -20.36 -44.83 13.86
CA GLY A 313 -20.29 -45.78 14.96
C GLY A 313 -21.64 -46.38 15.30
N GLY A 314 -22.63 -46.14 14.43
CA GLY A 314 -23.97 -46.64 14.63
C GLY A 314 -24.67 -46.00 15.83
N ARG A 315 -24.20 -44.83 16.23
CA ARG A 315 -24.72 -44.16 17.41
C ARG A 315 -25.93 -43.28 17.11
N ARG A 316 -26.34 -43.25 15.85
CA ARG A 316 -27.47 -42.42 15.42
C ARG A 316 -28.64 -43.27 14.93
N ALA A 317 -28.54 -44.58 15.09
CA ALA A 317 -29.59 -45.49 14.67
C ALA A 317 -30.90 -45.22 15.41
N GLY A 318 -31.98 -45.04 14.66
CA GLY A 318 -33.28 -44.80 15.24
C GLY A 318 -33.55 -43.34 15.58
N GLU A 319 -32.51 -42.51 15.47
CA GLU A 319 -32.64 -41.10 15.80
C GLU A 319 -33.25 -40.32 14.63
N SER A 320 -34.17 -39.42 14.94
CA SER A 320 -34.86 -38.64 13.92
C SER A 320 -33.92 -37.67 13.21
N GLY A 321 -34.15 -37.46 11.92
CA GLY A 321 -33.30 -36.59 11.13
C GLY A 321 -32.03 -37.29 10.70
N HIS A 322 -31.99 -38.60 10.88
CA HIS A 322 -30.80 -39.40 10.56
C HIS A 322 -31.15 -40.61 9.71
N THR A 323 -32.05 -40.44 8.75
CA THR A 323 -32.39 -41.52 7.84
C THR A 323 -31.35 -41.66 6.74
N VAL A 324 -31.50 -42.66 5.89
CA VAL A 324 -30.60 -42.85 4.76
C VAL A 324 -30.71 -41.66 3.81
N ALA A 325 -31.94 -41.18 3.63
CA ALA A 325 -32.20 -40.03 2.76
C ALA A 325 -31.50 -38.78 3.28
N ASP A 326 -31.55 -38.57 4.59
CA ASP A 326 -30.88 -37.44 5.22
C ASP A 326 -29.37 -37.50 5.01
N TYR A 327 -28.81 -38.69 5.19
CA TYR A 327 -27.36 -38.87 5.06
C TYR A 327 -26.88 -38.73 3.63
N LEU A 328 -27.73 -39.11 2.68
CA LEU A 328 -27.36 -39.00 1.26
C LEU A 328 -27.28 -37.54 0.84
N LYS A 329 -28.17 -36.71 1.37
CA LYS A 329 -28.14 -35.27 1.11
C LYS A 329 -26.88 -34.66 1.70
N PHE A 330 -26.53 -35.09 2.91
CA PHE A 330 -25.33 -34.59 3.58
C PHE A 330 -24.08 -35.01 2.82
N LYS A 331 -24.01 -36.28 2.45
CA LYS A 331 -22.86 -36.80 1.71
C LYS A 331 -22.65 -36.07 0.38
N ASP A 332 -23.74 -35.82 -0.33
CA ASP A 332 -23.68 -35.16 -1.64
C ASP A 332 -23.10 -33.75 -1.54
N LEU A 333 -23.57 -32.99 -0.56
CA LEU A 333 -23.06 -31.63 -0.34
C LEU A 333 -21.57 -31.65 -0.04
N ILE A 334 -21.15 -32.59 0.81
CA ILE A 334 -19.75 -32.71 1.18
C ILE A 334 -18.86 -33.00 -0.03
N LEU A 335 -19.29 -33.95 -0.85
CA LEU A 335 -18.51 -34.34 -2.03
C LEU A 335 -18.38 -33.19 -3.03
N ARG A 336 -19.38 -32.32 -3.06
CA ARG A 336 -19.31 -31.12 -3.89
C ARG A 336 -18.31 -30.14 -3.31
N MET A 337 -18.21 -30.13 -1.98
CA MET A 337 -17.25 -29.26 -1.30
C MET A 337 -15.83 -29.80 -1.41
N LEU A 338 -15.70 -31.11 -1.59
CA LEU A 338 -14.39 -31.75 -1.65
C LEU A 338 -13.96 -32.07 -3.08
N ASP A 339 -14.47 -31.28 -4.02
CA ASP A 339 -14.07 -31.39 -5.42
C ASP A 339 -12.59 -31.04 -5.57
N TYR A 340 -11.82 -31.90 -6.22
CA TYR A 340 -10.41 -31.64 -6.49
C TYR A 340 -10.23 -30.36 -7.28
N ASP A 341 -11.16 -30.11 -8.20
CA ASP A 341 -11.10 -28.95 -9.07
C ASP A 341 -11.71 -27.73 -8.39
N PRO A 342 -10.87 -26.75 -8.05
CA PRO A 342 -11.31 -25.54 -7.35
C PRO A 342 -12.25 -24.67 -8.19
N LYS A 343 -12.29 -24.94 -9.50
CA LYS A 343 -13.12 -24.16 -10.41
C LYS A 343 -14.53 -24.75 -10.56
N THR A 344 -14.66 -26.04 -10.25
CA THR A 344 -15.98 -26.68 -10.28
C THR A 344 -16.47 -27.00 -8.88
N ARG A 345 -15.61 -26.81 -7.88
CA ARG A 345 -15.98 -26.98 -6.49
C ARG A 345 -17.15 -26.07 -6.15
N ILE A 346 -18.13 -26.61 -5.42
CA ILE A 346 -19.36 -25.88 -5.14
C ILE A 346 -19.08 -24.56 -4.44
N GLN A 347 -19.85 -23.54 -4.79
CA GLN A 347 -19.66 -22.20 -4.25
C GLN A 347 -20.75 -21.89 -3.23
N PRO A 348 -20.48 -20.94 -2.30
CA PRO A 348 -21.41 -20.64 -1.20
C PRO A 348 -22.85 -20.39 -1.65
N TYR A 349 -23.03 -19.60 -2.70
CA TYR A 349 -24.37 -19.27 -3.18
C TYR A 349 -25.18 -20.51 -3.54
N TYR A 350 -24.51 -21.53 -4.07
CA TYR A 350 -25.19 -22.74 -4.50
C TYR A 350 -25.16 -23.83 -3.43
N ALA A 351 -24.18 -23.76 -2.54
CA ALA A 351 -24.14 -24.65 -1.39
C ALA A 351 -25.38 -24.43 -0.54
N LEU A 352 -25.76 -23.17 -0.39
CA LEU A 352 -26.93 -22.80 0.39
C LEU A 352 -28.23 -23.23 -0.28
N GLN A 353 -28.19 -23.48 -1.58
CA GLN A 353 -29.38 -23.91 -2.31
C GLN A 353 -29.46 -25.43 -2.42
N HIS A 354 -28.56 -26.13 -1.74
CA HIS A 354 -28.53 -27.58 -1.78
C HIS A 354 -29.71 -28.17 -1.02
N SER A 355 -30.09 -29.39 -1.36
CA SER A 355 -31.25 -30.05 -0.76
C SER A 355 -31.03 -30.40 0.71
N PHE A 356 -29.77 -30.37 1.15
CA PHE A 356 -29.43 -30.66 2.54
C PHE A 356 -29.98 -29.58 3.48
N PHE A 357 -30.14 -28.36 2.95
CA PHE A 357 -30.54 -27.22 3.76
C PHE A 357 -32.03 -26.90 3.70
N LYS A 358 -32.83 -27.80 3.14
CA LYS A 358 -34.28 -27.58 3.10
C LYS A 358 -34.97 -28.23 4.30
N ARG B 11 4.53 -38.44 17.53
CA ARG B 11 5.52 -37.36 17.42
C ARG B 11 5.07 -36.31 16.41
N LYS B 12 4.54 -35.20 16.91
CA LYS B 12 4.06 -34.13 16.05
C LYS B 12 5.21 -33.47 15.29
N VAL B 13 5.05 -33.35 13.98
CA VAL B 13 6.10 -32.84 13.12
C VAL B 13 5.67 -31.54 12.43
N TYR B 14 6.62 -30.63 12.24
CA TYR B 14 6.34 -29.34 11.61
C TYR B 14 7.08 -29.21 10.28
N ASN B 15 6.38 -28.72 9.26
CA ASN B 15 6.95 -28.52 7.94
C ASN B 15 7.62 -29.77 7.41
N ASP B 16 6.91 -30.89 7.50
CA ASP B 16 7.43 -32.21 7.10
C ASP B 16 8.69 -32.59 7.86
N GLY B 17 8.85 -32.03 9.06
CA GLY B 17 9.96 -32.38 9.93
C GLY B 17 11.16 -31.48 9.78
N TYR B 18 11.01 -30.41 8.99
CA TYR B 18 12.12 -29.48 8.75
C TYR B 18 12.18 -28.36 9.78
N ASP B 19 11.04 -28.07 10.42
CA ASP B 19 10.96 -26.97 11.37
C ASP B 19 10.74 -27.46 12.79
N ASP B 20 11.15 -26.63 13.76
CA ASP B 20 10.85 -26.91 15.16
C ASP B 20 9.46 -26.37 15.50
N ASP B 21 9.16 -26.27 16.79
CA ASP B 21 7.86 -25.77 17.22
C ASP B 21 7.85 -24.24 17.28
N ASN B 22 9.01 -23.64 17.05
CA ASN B 22 9.13 -22.18 17.02
C ASN B 22 9.19 -21.66 15.60
N TYR B 23 8.70 -22.46 14.65
CA TYR B 23 8.63 -22.10 13.23
C TYR B 23 10.00 -21.89 12.59
N ASP B 24 11.06 -22.18 13.35
CA ASP B 24 12.44 -22.06 12.86
C ASP B 24 12.85 -23.28 12.06
N TYR B 25 13.66 -23.07 11.03
CA TYR B 25 14.26 -24.20 10.32
C TYR B 25 15.28 -24.88 11.22
N ILE B 26 15.21 -26.20 11.30
CA ILE B 26 16.14 -26.95 12.11
C ILE B 26 17.48 -27.06 11.40
N VAL B 27 18.42 -26.21 11.80
CA VAL B 27 19.72 -26.13 11.15
C VAL B 27 20.57 -27.36 11.40
N LYS B 28 21.06 -27.97 10.32
CA LYS B 28 21.96 -29.11 10.41
C LYS B 28 23.31 -28.76 9.76
N ASN B 29 24.39 -28.93 10.52
CA ASN B 29 25.72 -28.66 10.02
C ASN B 29 26.10 -29.57 8.85
N GLY B 30 26.61 -28.97 7.78
CA GLY B 30 27.08 -29.73 6.63
C GLY B 30 26.06 -29.91 5.53
N GLU B 31 24.81 -29.54 5.80
CA GLU B 31 23.74 -29.70 4.82
C GLU B 31 23.98 -28.81 3.61
N LYS B 32 23.58 -29.30 2.43
CA LYS B 32 23.75 -28.56 1.19
C LYS B 32 22.41 -28.12 0.62
N TRP B 33 22.19 -26.81 0.56
CA TRP B 33 20.94 -26.27 0.06
C TRP B 33 20.99 -25.98 -1.43
N MET B 34 19.99 -26.47 -2.15
CA MET B 34 19.80 -26.15 -3.57
C MET B 34 21.02 -26.41 -4.43
N ASP B 35 21.81 -27.43 -4.06
CA ASP B 35 23.01 -27.80 -4.80
C ASP B 35 23.98 -26.63 -4.87
N ARG B 36 23.98 -25.79 -3.84
CA ARG B 36 24.78 -24.56 -3.87
C ARG B 36 25.39 -24.18 -2.52
N TYR B 37 24.55 -23.94 -1.51
CA TYR B 37 25.03 -23.44 -0.23
C TYR B 37 25.34 -24.56 0.75
N GLU B 38 26.57 -24.56 1.27
CA GLU B 38 27.01 -25.57 2.22
C GLU B 38 27.05 -25.00 3.63
N ILE B 39 26.07 -25.41 4.44
CA ILE B 39 25.92 -24.88 5.80
C ILE B 39 27.08 -25.33 6.69
N ASP B 40 27.71 -24.36 7.35
CA ASP B 40 28.82 -24.65 8.24
C ASP B 40 28.38 -24.68 9.69
N SER B 41 27.80 -23.56 10.16
CA SER B 41 27.39 -23.43 11.54
C SER B 41 26.39 -22.30 11.74
N LEU B 42 25.75 -22.29 12.90
CA LEU B 42 24.79 -21.26 13.25
C LEU B 42 25.52 -20.09 13.89
N ILE B 43 25.33 -18.89 13.34
CA ILE B 43 26.04 -17.71 13.82
C ILE B 43 25.27 -16.99 14.92
N GLY B 44 23.94 -16.96 14.80
CA GLY B 44 23.10 -16.27 15.75
C GLY B 44 21.62 -16.54 15.55
N LYS B 45 20.83 -16.07 16.51
CA LYS B 45 19.38 -16.26 16.50
C LYS B 45 18.65 -15.01 16.97
N GLY B 46 17.40 -14.86 16.52
CA GLY B 46 16.55 -13.77 16.96
C GLY B 46 15.09 -14.16 16.81
N SER B 47 14.20 -13.18 17.00
CA SER B 47 12.78 -13.43 16.82
C SER B 47 12.49 -13.73 15.36
N PHE B 48 13.22 -13.06 14.47
CA PHE B 48 13.06 -13.21 13.03
C PHE B 48 13.31 -14.63 12.55
N GLY B 49 14.22 -15.32 13.23
CA GLY B 49 14.67 -16.63 12.78
C GLY B 49 16.13 -16.84 13.14
N GLN B 50 16.91 -17.32 12.18
CA GLN B 50 18.31 -17.67 12.43
C GLN B 50 19.25 -17.07 11.39
N VAL B 51 20.54 -17.04 11.72
CA VAL B 51 21.57 -16.67 10.76
C VAL B 51 22.65 -17.74 10.77
N VAL B 52 22.96 -18.30 9.59
CA VAL B 52 23.96 -19.35 9.51
C VAL B 52 25.15 -18.97 8.64
N LYS B 53 26.30 -19.55 8.95
CA LYS B 53 27.49 -19.41 8.14
C LYS B 53 27.50 -20.50 7.08
N ALA B 54 27.56 -20.11 5.81
CA ALA B 54 27.51 -21.07 4.72
C ALA B 54 28.54 -20.76 3.65
N TYR B 55 28.90 -21.79 2.88
CA TYR B 55 29.82 -21.59 1.76
C TYR B 55 29.08 -21.68 0.43
N ASP B 56 29.07 -20.57 -0.29
CA ASP B 56 28.50 -20.52 -1.63
C ASP B 56 29.44 -21.24 -2.60
N ARG B 57 29.10 -22.47 -2.96
CA ARG B 57 29.94 -23.27 -3.85
C ARG B 57 30.01 -22.65 -5.25
N VAL B 58 28.93 -22.00 -5.67
CA VAL B 58 28.87 -21.38 -6.99
C VAL B 58 29.79 -20.17 -7.08
N GLU B 59 29.66 -19.24 -6.13
CA GLU B 59 30.48 -18.04 -6.11
C GLU B 59 31.84 -18.30 -5.46
N GLN B 60 32.01 -19.49 -4.90
CA GLN B 60 33.24 -19.89 -4.22
C GLN B 60 33.64 -18.87 -3.16
N GLU B 61 32.70 -18.58 -2.25
CA GLU B 61 32.95 -17.62 -1.18
C GLU B 61 32.02 -17.87 0.00
N TRP B 62 32.44 -17.44 1.18
CA TRP B 62 31.63 -17.60 2.39
C TRP B 62 30.57 -16.51 2.48
N VAL B 63 29.36 -16.92 2.85
CA VAL B 63 28.25 -15.98 3.00
C VAL B 63 27.51 -16.19 4.32
N ALA B 64 26.74 -15.20 4.72
CA ALA B 64 25.87 -15.32 5.90
C ALA B 64 24.42 -15.33 5.45
N ILE B 65 23.71 -16.40 5.78
CA ILE B 65 22.32 -16.56 5.33
C ILE B 65 21.33 -16.39 6.47
N LYS B 66 20.42 -15.43 6.29
CA LYS B 66 19.39 -15.15 7.29
C LYS B 66 18.13 -15.96 7.01
N ILE B 67 17.93 -17.03 7.77
CA ILE B 67 16.76 -17.89 7.59
C ILE B 67 15.57 -17.38 8.40
N ILE B 68 14.60 -16.81 7.70
CA ILE B 68 13.39 -16.30 8.35
C ILE B 68 12.48 -17.46 8.78
N LYS B 69 11.82 -17.29 9.93
CA LYS B 69 10.88 -18.28 10.43
C LYS B 69 9.74 -18.54 9.44
N ASN B 70 9.28 -19.78 9.39
CA ASN B 70 8.18 -20.17 8.51
C ASN B 70 6.85 -19.72 9.09
N LYS B 71 6.63 -18.41 9.09
CA LYS B 71 5.35 -17.83 9.50
C LYS B 71 5.16 -16.46 8.87
N LYS B 72 3.91 -16.13 8.55
CA LYS B 72 3.59 -14.93 7.79
C LYS B 72 4.13 -13.64 8.41
N ALA B 73 3.96 -13.49 9.71
CA ALA B 73 4.37 -12.28 10.42
C ALA B 73 5.85 -11.96 10.18
N PHE B 74 6.69 -12.98 10.30
CA PHE B 74 8.13 -12.81 10.11
C PHE B 74 8.50 -12.78 8.63
N LEU B 75 7.76 -13.54 7.82
CA LEU B 75 7.96 -13.52 6.38
C LEU B 75 7.64 -12.13 5.82
N ASN B 76 6.51 -11.57 6.26
CA ASN B 76 6.07 -10.26 5.80
C ASN B 76 7.02 -9.15 6.22
N GLN B 77 7.59 -9.26 7.42
CA GLN B 77 8.54 -8.26 7.88
C GLN B 77 9.85 -8.37 7.10
N ALA B 78 10.24 -9.59 6.77
CA ALA B 78 11.46 -9.84 6.01
C ALA B 78 11.35 -9.30 4.60
N GLN B 79 10.15 -9.38 4.03
CA GLN B 79 9.91 -8.86 2.68
C GLN B 79 10.10 -7.34 2.64
N ILE B 80 9.76 -6.69 3.75
CA ILE B 80 10.00 -5.25 3.89
C ILE B 80 11.50 -4.97 3.91
N GLU B 81 12.24 -5.76 4.66
CA GLU B 81 13.69 -5.61 4.75
C GLU B 81 14.37 -5.85 3.40
N VAL B 82 13.91 -6.86 2.68
CA VAL B 82 14.45 -7.16 1.36
C VAL B 82 14.24 -5.98 0.41
N ARG B 83 13.06 -5.38 0.48
CA ARG B 83 12.72 -4.25 -0.39
C ARG B 83 13.59 -3.04 -0.09
N LEU B 84 13.81 -2.76 1.20
CA LEU B 84 14.65 -1.64 1.60
C LEU B 84 16.10 -1.87 1.18
N LEU B 85 16.58 -3.09 1.34
CA LEU B 85 17.97 -3.42 0.99
C LEU B 85 18.21 -3.36 -0.52
N GLU B 86 17.25 -3.84 -1.29
CA GLU B 86 17.36 -3.81 -2.75
C GLU B 86 17.25 -2.38 -3.26
N LEU B 87 16.53 -1.54 -2.52
CA LEU B 87 16.38 -0.14 -2.87
C LEU B 87 17.71 0.59 -2.67
N MET B 88 18.46 0.20 -1.65
CA MET B 88 19.76 0.79 -1.38
C MET B 88 20.80 0.30 -2.37
N ASN B 89 20.80 -1.00 -2.64
CA ASN B 89 21.76 -1.62 -3.54
C ASN B 89 21.67 -1.06 -4.96
N LYS B 90 20.48 -0.61 -5.34
CA LYS B 90 20.27 -0.02 -6.66
C LYS B 90 20.94 1.35 -6.74
N HIS B 91 20.93 2.07 -5.63
CA HIS B 91 21.54 3.39 -5.55
C HIS B 91 23.03 3.27 -5.26
N ASP B 92 23.57 2.05 -5.27
CA ASP B 92 24.98 1.86 -4.94
C ASP B 92 25.66 0.76 -5.74
N THR B 93 25.96 1.02 -7.02
CA THR B 93 26.74 0.12 -7.88
C THR B 93 27.83 -0.75 -7.22
N GLU B 94 28.63 -0.13 -6.34
CA GLU B 94 29.72 -0.82 -5.67
C GLU B 94 29.73 -0.38 -4.21
N MET B 95 29.31 -1.26 -3.31
CA MET B 95 29.00 -0.84 -1.93
C MET B 95 30.15 -0.02 -1.33
N LYS B 96 29.93 1.29 -1.25
CA LYS B 96 30.96 2.21 -0.77
C LYS B 96 30.41 3.18 0.26
N TYR B 97 29.13 2.97 0.62
CA TYR B 97 28.49 3.79 1.64
C TYR B 97 28.25 2.95 2.91
N TYR B 98 29.03 1.89 3.07
CA TYR B 98 29.13 1.13 4.31
C TYR B 98 27.84 0.47 4.80
N ILE B 99 26.99 0.07 3.86
CA ILE B 99 25.82 -0.73 4.19
C ILE B 99 26.14 -2.18 3.83
N VAL B 100 25.53 -3.13 4.51
CA VAL B 100 25.76 -4.54 4.18
C VAL B 100 25.03 -4.90 2.90
N HIS B 101 25.76 -5.49 1.96
CA HIS B 101 25.23 -5.86 0.67
C HIS B 101 24.37 -7.12 0.74
N LEU B 102 23.12 -7.00 0.33
CA LEU B 102 22.28 -8.18 0.15
C LEU B 102 22.61 -8.79 -1.20
N LYS B 103 23.29 -9.93 -1.18
CA LYS B 103 23.70 -10.58 -2.41
C LYS B 103 22.49 -11.08 -3.20
N ARG B 104 21.60 -11.81 -2.52
CA ARG B 104 20.37 -12.28 -3.12
C ARG B 104 19.44 -12.87 -2.07
N HIS B 105 18.27 -13.33 -2.50
CA HIS B 105 17.33 -13.99 -1.62
C HIS B 105 16.57 -15.08 -2.35
N PHE B 106 16.16 -16.12 -1.63
CA PHE B 106 15.42 -17.23 -2.21
C PHE B 106 14.49 -17.88 -1.21
N MET B 107 13.49 -18.60 -1.71
CA MET B 107 12.64 -19.41 -0.86
C MET B 107 13.19 -20.83 -0.80
N PHE B 108 13.44 -21.31 0.41
CA PHE B 108 13.96 -22.66 0.61
C PHE B 108 13.16 -23.41 1.67
N ARG B 109 12.41 -24.41 1.23
CA ARG B 109 11.59 -25.24 2.11
C ARG B 109 10.68 -24.39 2.99
N ASN B 110 9.94 -23.49 2.36
CA ASN B 110 9.00 -22.58 3.02
C ASN B 110 9.67 -21.55 3.93
N HIS B 111 10.95 -21.31 3.70
CA HIS B 111 11.68 -20.27 4.44
C HIS B 111 12.25 -19.23 3.50
N LEU B 112 11.96 -17.96 3.77
CA LEU B 112 12.63 -16.88 3.05
C LEU B 112 14.06 -16.76 3.56
N CYS B 113 15.02 -16.83 2.66
CA CYS B 113 16.43 -16.78 3.05
C CYS B 113 17.12 -15.57 2.43
N LEU B 114 17.79 -14.80 3.27
CA LEU B 114 18.50 -13.61 2.81
C LEU B 114 20.01 -13.85 2.86
N VAL B 115 20.66 -13.72 1.71
CA VAL B 115 22.09 -13.98 1.61
C VAL B 115 22.91 -12.70 1.70
N PHE B 116 23.76 -12.64 2.72
CA PHE B 116 24.62 -11.47 2.93
C PHE B 116 26.09 -11.83 2.80
N GLU B 117 26.91 -10.80 2.63
CA GLU B 117 28.36 -10.98 2.66
C GLU B 117 28.79 -11.43 4.05
N MET B 118 29.82 -12.27 4.10
CA MET B 118 30.35 -12.73 5.39
C MET B 118 31.21 -11.64 6.01
N LEU B 119 30.89 -11.26 7.25
CA LEU B 119 31.64 -10.22 7.94
C LEU B 119 32.14 -10.71 9.29
N SER B 120 33.02 -9.90 9.89
CA SER B 120 33.67 -10.28 11.14
C SER B 120 32.79 -9.96 12.35
N TYR B 121 33.45 -9.67 13.47
CA TYR B 121 32.75 -9.37 14.72
C TYR B 121 32.09 -8.00 14.67
N ASN B 122 31.27 -7.71 15.66
CA ASN B 122 30.64 -6.40 15.77
C ASN B 122 31.47 -5.46 16.64
N LEU B 123 31.00 -4.23 16.81
CA LEU B 123 31.73 -3.27 17.62
C LEU B 123 31.62 -3.57 19.11
N TYR B 124 30.61 -4.36 19.48
CA TYR B 124 30.48 -4.78 20.87
C TYR B 124 31.54 -5.82 21.21
N ASP B 125 31.74 -6.77 20.30
CA ASP B 125 32.78 -7.78 20.46
C ASP B 125 34.15 -7.12 20.53
N LEU B 126 34.30 -6.03 19.78
CA LEU B 126 35.53 -5.24 19.80
C LEU B 126 35.71 -4.59 21.17
N LEU B 127 34.65 -3.95 21.65
CA LEU B 127 34.67 -3.28 22.95
C LEU B 127 34.95 -4.26 24.09
N ARG B 128 34.35 -5.45 24.02
CA ARG B 128 34.56 -6.48 25.03
C ARG B 128 36.02 -6.88 25.09
N ASN B 129 36.68 -6.91 23.93
CA ASN B 129 38.08 -7.27 23.86
C ASN B 129 38.99 -6.14 24.33
N THR B 130 38.39 -4.98 24.60
CA THR B 130 39.12 -3.87 25.20
C THR B 130 38.98 -3.93 26.71
N ASN B 131 38.29 -4.96 27.18
CA ASN B 131 37.83 -5.05 28.56
C ASN B 131 36.98 -3.83 28.91
N PHE B 132 36.19 -3.39 27.93
CA PHE B 132 35.29 -2.25 28.08
C PHE B 132 36.01 -0.99 28.52
N ARG B 133 37.19 -0.77 27.94
CA ARG B 133 37.97 0.44 28.23
C ARG B 133 38.08 1.29 26.97
N GLY B 134 37.45 0.82 25.89
CA GLY B 134 37.32 1.60 24.67
C GLY B 134 38.52 1.54 23.75
N VAL B 135 38.33 2.02 22.52
CA VAL B 135 39.41 2.14 21.55
C VAL B 135 39.82 3.60 21.40
N SER B 136 40.93 3.84 20.72
CA SER B 136 41.50 5.18 20.62
C SER B 136 40.58 6.17 19.92
N LEU B 137 40.93 7.45 20.01
CA LEU B 137 40.14 8.51 19.40
C LEU B 137 40.32 8.50 17.89
N ASN B 138 41.50 8.10 17.43
CA ASN B 138 41.78 8.02 16.01
C ASN B 138 40.95 6.94 15.32
N LEU B 139 40.79 5.80 16.00
CA LEU B 139 40.00 4.71 15.46
C LEU B 139 38.51 5.01 15.58
N THR B 140 38.15 5.73 16.64
CA THR B 140 36.77 6.16 16.84
C THR B 140 36.37 7.15 15.75
N ARG B 141 37.32 7.99 15.36
CA ARG B 141 37.07 8.99 14.33
C ARG B 141 36.77 8.34 12.97
N LYS B 142 37.45 7.25 12.68
CA LYS B 142 37.25 6.55 11.41
C LYS B 142 35.91 5.83 11.37
N PHE B 143 35.50 5.27 12.50
CA PHE B 143 34.18 4.67 12.60
C PHE B 143 33.11 5.75 12.49
N ALA B 144 33.40 6.90 13.08
CA ALA B 144 32.46 8.02 13.09
C ALA B 144 32.24 8.58 11.69
N GLN B 145 33.32 8.69 10.92
CA GLN B 145 33.23 9.26 9.58
C GLN B 145 32.44 8.35 8.64
N GLN B 146 32.57 7.04 8.84
CA GLN B 146 31.86 6.06 8.03
C GLN B 146 30.39 5.99 8.42
N MET B 147 30.12 6.03 9.72
CA MET B 147 28.75 6.01 10.22
C MET B 147 28.00 7.27 9.78
N CYS B 148 28.68 8.40 9.81
CA CYS B 148 28.10 9.66 9.35
C CYS B 148 27.86 9.62 7.85
N THR B 149 28.74 8.93 7.13
CA THR B 149 28.59 8.75 5.70
C THR B 149 27.38 7.88 5.39
N ALA B 150 27.22 6.81 6.16
CA ALA B 150 26.11 5.88 6.00
C ALA B 150 24.78 6.58 6.28
N LEU B 151 24.75 7.42 7.31
CA LEU B 151 23.54 8.15 7.66
C LEU B 151 23.20 9.20 6.60
N LEU B 152 24.24 9.73 5.95
CA LEU B 152 24.04 10.67 4.85
C LEU B 152 23.40 9.96 3.67
N PHE B 153 23.80 8.71 3.46
CA PHE B 153 23.23 7.88 2.40
C PHE B 153 21.76 7.59 2.66
N LEU B 154 21.45 7.22 3.91
CA LEU B 154 20.09 6.91 4.31
C LEU B 154 19.21 8.16 4.28
N ALA B 155 19.83 9.33 4.37
CA ALA B 155 19.10 10.59 4.43
C ALA B 155 18.74 11.10 3.03
N THR B 156 19.19 10.38 2.01
CA THR B 156 18.86 10.72 0.63
C THR B 156 17.34 10.74 0.42
N PRO B 157 16.82 11.84 -0.13
CA PRO B 157 15.39 12.08 -0.41
C PRO B 157 14.62 10.85 -0.85
N GLU B 158 15.16 10.12 -1.81
CA GLU B 158 14.49 8.95 -2.38
C GLU B 158 14.68 7.70 -1.53
N LEU B 159 15.40 7.84 -0.42
CA LEU B 159 15.53 6.76 0.54
C LEU B 159 14.82 7.15 1.83
N SER B 160 15.33 8.17 2.51
CA SER B 160 14.73 8.67 3.74
C SER B 160 14.53 7.54 4.74
N ILE B 161 15.50 6.63 4.80
CA ILE B 161 15.38 5.43 5.60
C ILE B 161 15.93 5.61 7.00
N ILE B 162 15.10 5.33 8.00
CA ILE B 162 15.52 5.31 9.38
C ILE B 162 15.90 3.88 9.78
N HIS B 163 17.16 3.67 10.17
CA HIS B 163 17.58 2.35 10.61
C HIS B 163 16.83 1.95 11.86
N CYS B 164 16.78 2.88 12.81
CA CYS B 164 15.92 2.79 13.99
C CYS B 164 16.40 1.75 15.01
N ASP B 165 17.55 1.14 14.77
CA ASP B 165 18.09 0.19 15.74
C ASP B 165 19.62 0.17 15.72
N LEU B 166 20.22 1.36 15.67
CA LEU B 166 21.67 1.46 15.68
C LEU B 166 22.24 1.14 17.06
N LYS B 167 23.22 0.24 17.07
CA LYS B 167 23.87 -0.20 18.29
C LYS B 167 25.14 -0.96 17.91
N PRO B 168 26.10 -1.11 18.85
CA PRO B 168 27.34 -1.82 18.56
C PRO B 168 27.14 -3.21 17.94
N GLU B 169 26.10 -3.91 18.36
CA GLU B 169 25.82 -5.25 17.84
C GLU B 169 25.47 -5.22 16.36
N ASN B 170 24.93 -4.10 15.88
CA ASN B 170 24.53 -3.97 14.49
C ASN B 170 25.55 -3.23 13.63
N ILE B 171 26.77 -3.09 14.14
CA ILE B 171 27.85 -2.49 13.38
C ILE B 171 29.05 -3.45 13.32
N LEU B 172 29.19 -4.13 12.20
CA LEU B 172 30.24 -5.13 12.05
C LEU B 172 31.49 -4.58 11.39
N LEU B 173 32.64 -5.17 11.71
CA LEU B 173 33.89 -4.81 11.05
C LEU B 173 34.04 -5.58 9.76
N CYS B 174 34.36 -4.87 8.68
CA CYS B 174 34.54 -5.49 7.37
C CYS B 174 35.74 -6.43 7.39
N ASN B 175 36.73 -6.09 8.23
CA ASN B 175 37.92 -6.91 8.39
C ASN B 175 38.52 -6.67 9.78
N PRO B 176 38.98 -7.75 10.45
CA PRO B 176 39.53 -7.65 11.80
C PRO B 176 40.74 -6.74 11.92
N LYS B 177 41.41 -6.46 10.80
CA LYS B 177 42.60 -5.62 10.81
C LYS B 177 42.33 -4.24 10.23
N ARG B 178 41.46 -4.19 9.22
CA ARG B 178 41.09 -2.93 8.57
C ARG B 178 40.05 -2.18 9.40
N SER B 179 39.86 -0.89 9.09
CA SER B 179 38.97 -0.05 9.88
C SER B 179 37.59 0.10 9.24
N ALA B 180 37.39 -0.54 8.10
CA ALA B 180 36.12 -0.47 7.40
C ALA B 180 35.02 -1.17 8.19
N ILE B 181 33.83 -0.55 8.25
CA ILE B 181 32.72 -1.13 8.97
C ILE B 181 31.44 -1.14 8.13
N LYS B 182 30.48 -1.95 8.57
CA LYS B 182 29.20 -2.08 7.87
C LYS B 182 28.03 -2.04 8.85
N ILE B 183 26.91 -1.47 8.41
CA ILE B 183 25.69 -1.47 9.22
C ILE B 183 24.80 -2.64 8.80
N VAL B 184 24.29 -3.37 9.79
CA VAL B 184 23.44 -4.53 9.51
C VAL B 184 22.06 -4.42 10.12
N ASP B 185 21.22 -5.41 9.83
CA ASP B 185 19.92 -5.56 10.46
C ASP B 185 19.00 -4.36 10.20
N PHE B 186 18.42 -4.32 9.02
CA PHE B 186 17.44 -3.29 8.68
C PHE B 186 16.02 -3.85 8.85
N GLY B 187 15.89 -4.87 9.70
CA GLY B 187 14.62 -5.50 9.96
C GLY B 187 13.67 -4.63 10.75
N SER B 188 14.22 -3.69 11.50
CA SER B 188 13.41 -2.75 12.28
C SER B 188 13.30 -1.42 11.54
N SER B 189 13.88 -1.36 10.35
CA SER B 189 13.98 -0.11 9.60
C SER B 189 12.70 0.23 8.84
N CYS B 190 12.44 1.53 8.71
N CYS B 190 12.45 1.53 8.71
CA CYS B 190 11.30 2.03 7.95
CA CYS B 190 11.30 2.03 7.97
C CYS B 190 11.63 3.40 7.39
C CYS B 190 11.66 3.37 7.34
N GLN B 191 10.84 3.82 6.41
CA GLN B 191 11.13 5.07 5.74
C GLN B 191 10.29 6.13 6.43
N LEU B 192 10.60 7.40 6.20
CA LEU B 192 9.90 8.48 6.90
C LEU B 192 8.39 8.48 6.57
N GLY B 193 7.56 8.78 7.56
CA GLY B 193 6.13 8.81 7.37
C GLY B 193 5.37 9.14 8.64
N GLN B 194 4.05 8.92 8.61
CA GLN B 194 3.22 9.11 9.78
C GLN B 194 3.62 8.13 10.88
N ARG B 195 3.53 8.56 12.13
CA ARG B 195 3.96 7.73 13.25
C ARG B 195 3.02 6.54 13.45
N ILE B 196 3.60 5.34 13.40
CA ILE B 196 2.84 4.11 13.63
C ILE B 196 3.33 3.44 14.91
N TYR B 197 4.65 3.40 15.07
CA TYR B 197 5.29 2.77 16.22
C TYR B 197 5.79 3.83 17.20
N GLN B 198 5.90 3.47 18.47
CA GLN B 198 6.41 4.39 19.48
C GLN B 198 7.47 3.74 20.37
N PTR B 199 7.40 2.41 20.49
CA PTR B 199 8.37 1.68 21.28
C PTR B 199 9.48 1.16 20.38
O PTR B 199 9.56 -0.02 20.08
CB PTR B 199 7.68 0.53 22.02
CG PTR B 199 8.49 -0.07 23.15
CD1 PTR B 199 8.83 0.70 24.26
CD2 PTR B 199 8.91 -1.39 23.12
CE1 PTR B 199 9.56 0.16 25.30
CE2 PTR B 199 9.63 -1.94 24.15
CZ PTR B 199 9.97 -1.16 25.24
OH PTR B 199 10.65 -1.67 26.22
P PTR B 199 12.26 -1.58 26.26
O1P PTR B 199 12.69 -0.28 26.96
O2P PTR B 199 12.78 -1.59 24.87
O3P PTR B 199 12.82 -2.79 27.04
N ILE B 200 10.34 2.08 19.95
CA ILE B 200 11.38 1.76 18.98
C ILE B 200 12.78 2.02 19.53
N GLN B 201 13.79 1.57 18.78
CA GLN B 201 15.20 1.68 19.16
C GLN B 201 15.55 0.87 20.41
N SER B 202 16.81 0.45 20.50
CA SER B 202 17.30 -0.19 21.71
C SER B 202 17.34 0.84 22.83
N ARG B 203 16.98 0.41 24.04
CA ARG B 203 16.77 1.32 25.17
C ARG B 203 17.95 2.26 25.41
N PHE B 204 19.17 1.71 25.40
CA PHE B 204 20.37 2.49 25.66
C PHE B 204 20.61 3.58 24.61
N TYR B 205 20.04 3.38 23.42
CA TYR B 205 20.30 4.26 22.30
C TYR B 205 19.02 4.90 21.79
N ARG B 206 18.01 4.91 22.67
CA ARG B 206 16.71 5.47 22.35
C ARG B 206 16.71 6.99 22.50
N SER B 207 16.29 7.69 21.44
CA SER B 207 16.26 9.15 21.44
C SER B 207 15.20 9.68 22.40
N PRO B 208 15.40 10.90 22.93
CA PRO B 208 14.47 11.52 23.85
C PRO B 208 13.07 11.73 23.26
N GLU B 209 12.99 12.05 21.97
CA GLU B 209 11.69 12.27 21.33
C GLU B 209 10.86 10.99 21.33
N VAL B 210 11.52 9.85 21.26
CA VAL B 210 10.86 8.56 21.32
C VAL B 210 10.46 8.24 22.76
N LEU B 211 11.31 8.65 23.70
CA LEU B 211 11.03 8.48 25.12
C LEU B 211 9.86 9.36 25.56
N LEU B 212 9.79 10.56 24.98
CA LEU B 212 8.76 11.53 25.35
C LEU B 212 7.47 11.32 24.57
N GLY B 213 7.44 10.33 23.70
CA GLY B 213 6.27 10.03 22.90
C GLY B 213 5.97 11.09 21.86
N MET B 214 7.02 11.75 21.37
CA MET B 214 6.89 12.83 20.40
C MET B 214 7.10 12.34 18.98
N PRO B 215 6.76 13.18 17.98
CA PRO B 215 7.09 12.80 16.60
C PRO B 215 8.58 12.67 16.37
N TYR B 216 8.98 11.81 15.43
CA TYR B 216 10.39 11.60 15.16
C TYR B 216 10.68 11.46 13.67
N ASP B 217 11.97 11.43 13.34
CA ASP B 217 12.41 11.25 11.97
C ASP B 217 13.79 10.60 11.94
N LEU B 218 14.56 10.88 10.89
CA LEU B 218 15.87 10.25 10.72
C LEU B 218 16.89 10.75 11.72
N ALA B 219 16.52 11.77 12.50
CA ALA B 219 17.41 12.36 13.48
C ALA B 219 17.64 11.43 14.67
N ILE B 220 16.76 10.47 14.86
CA ILE B 220 16.88 9.54 15.98
C ILE B 220 18.07 8.62 15.81
N ASP B 221 18.49 8.42 14.56
CA ASP B 221 19.67 7.63 14.27
C ASP B 221 20.92 8.39 14.68
N MET B 222 20.88 9.71 14.55
CA MET B 222 22.00 10.56 14.91
C MET B 222 22.21 10.55 16.42
N TRP B 223 21.12 10.54 17.17
CA TRP B 223 21.19 10.43 18.62
C TRP B 223 21.87 9.13 19.00
N SER B 224 21.45 8.04 18.36
CA SER B 224 22.04 6.72 18.59
C SER B 224 23.54 6.75 18.32
N LEU B 225 23.92 7.39 17.22
CA LEU B 225 25.32 7.49 16.83
C LEU B 225 26.13 8.23 17.89
N GLY B 226 25.56 9.28 18.46
CA GLY B 226 26.21 10.04 19.50
C GLY B 226 26.54 9.19 20.71
N CYS B 227 25.59 8.36 21.12
CA CYS B 227 25.79 7.45 22.23
C CYS B 227 26.83 6.38 21.90
N ILE B 228 26.77 5.88 20.67
CA ILE B 228 27.68 4.82 20.23
C ILE B 228 29.13 5.30 20.17
N LEU B 229 29.32 6.51 19.66
CA LEU B 229 30.67 7.06 19.52
C LEU B 229 31.35 7.26 20.87
N VAL B 230 30.60 7.73 21.86
CA VAL B 230 31.12 7.87 23.21
C VAL B 230 31.46 6.50 23.79
N GLU B 231 30.61 5.52 23.53
CA GLU B 231 30.80 4.18 24.04
C GLU B 231 32.04 3.51 23.42
N MET B 232 32.30 3.80 22.15
CA MET B 232 33.46 3.23 21.47
C MET B 232 34.77 3.70 22.09
N HIS B 233 34.79 4.95 22.56
CA HIS B 233 36.01 5.52 23.10
C HIS B 233 36.20 5.20 24.58
N THR B 234 35.10 5.15 25.32
CA THR B 234 35.17 4.88 26.75
C THR B 234 35.07 3.38 27.06
N GLY B 235 34.31 2.66 26.26
CA GLY B 235 34.16 1.23 26.43
C GLY B 235 32.86 0.85 27.13
N GLU B 236 32.19 1.84 27.70
CA GLU B 236 30.94 1.63 28.41
C GLU B 236 29.82 2.44 27.77
N PRO B 237 28.59 1.91 27.79
CA PRO B 237 27.43 2.65 27.30
C PRO B 237 27.24 3.97 28.04
N LEU B 238 27.01 5.04 27.28
CA LEU B 238 26.82 6.37 27.86
C LEU B 238 25.57 6.43 28.74
N PHE B 239 24.49 5.82 28.26
CA PHE B 239 23.22 5.81 28.98
C PHE B 239 22.70 4.38 29.14
N SER B 240 22.99 3.77 30.28
CA SER B 240 22.61 2.38 30.51
C SER B 240 21.41 2.25 31.45
N GLY B 241 20.24 2.68 30.98
CA GLY B 241 19.03 2.64 31.78
C GLY B 241 18.39 1.27 31.84
N ALA B 242 17.96 0.86 33.03
CA ALA B 242 17.27 -0.41 33.22
C ALA B 242 15.89 -0.37 32.56
N ASN B 243 15.19 0.74 32.76
CA ASN B 243 13.92 0.98 32.08
C ASN B 243 13.89 2.39 31.49
N GLU B 244 12.76 2.77 30.91
CA GLU B 244 12.64 4.07 30.25
C GLU B 244 12.81 5.23 31.23
N VAL B 245 12.26 5.08 32.43
CA VAL B 245 12.37 6.11 33.44
C VAL B 245 13.82 6.28 33.90
N ASP B 246 14.51 5.17 34.07
CA ASP B 246 15.93 5.20 34.43
C ASP B 246 16.75 5.73 33.27
N GLN B 247 16.33 5.40 32.05
CA GLN B 247 17.01 5.85 30.85
C GLN B 247 16.99 7.37 30.75
N MET B 248 15.84 7.96 31.04
CA MET B 248 15.70 9.42 30.98
C MET B 248 16.53 10.08 32.08
N ASN B 249 16.54 9.45 33.26
CA ASN B 249 17.31 9.97 34.39
C ASN B 249 18.81 9.97 34.11
N LYS B 250 19.29 8.93 33.44
CA LYS B 250 20.72 8.84 33.11
C LYS B 250 21.07 9.80 31.98
N ILE B 251 20.08 10.16 31.18
CA ILE B 251 20.27 11.16 30.13
C ILE B 251 20.35 12.56 30.73
N VAL B 252 19.45 12.85 31.66
CA VAL B 252 19.41 14.18 32.27
C VAL B 252 20.51 14.37 33.31
N GLU B 253 21.26 13.31 33.60
CA GLU B 253 22.44 13.43 34.42
C GLU B 253 23.54 14.11 33.63
N VAL B 254 23.73 13.66 32.39
CA VAL B 254 24.76 14.19 31.51
C VAL B 254 24.32 15.50 30.87
N LEU B 255 23.22 15.42 30.13
CA LEU B 255 22.63 16.61 29.53
C LEU B 255 21.76 17.29 30.59
N GLY B 256 21.17 18.44 30.25
CA GLY B 256 20.34 19.13 31.20
C GLY B 256 18.91 18.60 31.19
N ILE B 257 18.03 19.23 31.96
CA ILE B 257 16.61 18.99 31.81
C ILE B 257 16.21 19.59 30.47
N PRO B 258 15.51 18.80 29.63
CA PRO B 258 15.12 19.22 28.27
C PRO B 258 14.48 20.60 28.22
N PRO B 259 14.62 21.30 27.08
CA PRO B 259 14.02 22.63 26.90
C PRO B 259 12.54 22.64 27.25
N ALA B 260 12.09 23.70 27.92
CA ALA B 260 10.71 23.81 28.37
C ALA B 260 9.73 23.74 27.21
N HIS B 261 10.12 24.31 26.07
CA HIS B 261 9.25 24.37 24.91
C HIS B 261 9.01 22.97 24.32
N ILE B 262 9.93 22.06 24.58
CA ILE B 262 9.79 20.68 24.10
C ILE B 262 8.86 19.87 24.99
N LEU B 263 9.08 19.94 26.30
CA LEU B 263 8.32 19.16 27.26
C LEU B 263 6.84 19.55 27.29
N ASP B 264 6.55 20.78 26.87
CA ASP B 264 5.16 21.25 26.79
C ASP B 264 4.42 20.53 25.67
N GLN B 265 5.17 20.00 24.71
CA GLN B 265 4.58 19.29 23.57
C GLN B 265 4.70 17.78 23.72
N ALA B 266 5.31 17.34 24.81
CA ALA B 266 5.55 15.91 25.02
C ALA B 266 4.40 15.25 25.78
N PRO B 267 3.72 14.29 25.13
CA PRO B 267 2.63 13.53 25.75
C PRO B 267 3.11 12.74 26.97
N LYS B 268 4.33 12.23 26.91
CA LYS B 268 4.89 11.43 28.01
C LYS B 268 5.79 12.26 28.92
N ALA B 269 5.67 13.58 28.85
CA ALA B 269 6.52 14.48 29.63
C ALA B 269 6.40 14.24 31.13
N ARG B 270 5.18 13.98 31.59
CA ARG B 270 4.92 13.86 33.01
C ARG B 270 5.19 12.44 33.53
N LYS B 271 5.77 11.61 32.67
CA LYS B 271 6.24 10.29 33.07
C LYS B 271 7.61 10.43 33.73
N PHE B 272 8.33 11.47 33.34
CA PHE B 272 9.67 11.72 33.87
C PHE B 272 9.77 13.06 34.58
N PHE B 273 8.92 14.01 34.16
CA PHE B 273 9.02 15.37 34.65
C PHE B 273 7.74 15.87 35.31
N GLU B 274 7.84 17.02 35.96
CA GLU B 274 6.66 17.69 36.50
C GLU B 274 6.87 19.19 36.58
N LYS B 275 6.23 19.89 35.65
CA LYS B 275 6.17 21.34 35.59
C LYS B 275 5.50 21.90 36.85
N LEU B 276 5.92 23.09 37.28
CA LEU B 276 5.43 23.71 38.52
C LEU B 276 4.95 25.14 38.23
N PRO B 277 4.34 25.83 39.24
CA PRO B 277 3.88 27.22 39.07
C PRO B 277 4.81 28.08 38.23
N ASP B 278 6.08 28.11 38.64
CA ASP B 278 7.15 28.79 37.94
C ASP B 278 7.03 28.58 36.43
N GLY B 279 6.94 27.33 36.00
CA GLY B 279 6.94 27.01 34.59
C GLY B 279 8.15 26.15 34.23
N THR B 280 9.08 26.02 35.17
CA THR B 280 10.21 25.14 35.00
C THR B 280 9.79 23.69 35.12
N TRP B 281 10.55 22.80 34.50
CA TRP B 281 10.29 21.36 34.61
C TRP B 281 11.30 20.73 35.54
N ASN B 282 10.81 19.88 36.44
CA ASN B 282 11.69 19.18 37.38
C ASN B 282 11.58 17.68 37.22
N LEU B 283 12.00 16.96 38.25
CA LEU B 283 11.93 15.51 38.23
C LEU B 283 11.29 14.96 39.50
N LYS B 284 11.23 13.63 39.55
CA LYS B 284 10.93 12.85 40.74
C LYS B 284 11.16 11.41 40.33
N TYR B 293 19.91 9.52 40.12
CA TYR B 293 20.01 9.87 41.54
C TYR B 293 20.99 11.02 41.75
N LYS B 294 21.58 11.49 40.66
CA LYS B 294 22.52 12.60 40.71
C LYS B 294 21.91 13.84 40.07
N PRO B 295 22.26 15.04 40.58
CA PRO B 295 21.71 16.31 40.11
C PRO B 295 21.89 16.52 38.60
N PRO B 296 20.86 17.09 37.95
CA PRO B 296 20.79 17.29 36.49
C PRO B 296 21.95 18.10 35.91
N GLY B 297 22.66 17.53 34.95
CA GLY B 297 23.72 18.22 34.24
C GLY B 297 25.07 18.16 34.92
N THR B 298 25.13 17.49 36.07
CA THR B 298 26.36 17.43 36.86
C THR B 298 27.31 16.35 36.38
N ARG B 299 26.78 15.34 35.70
CA ARG B 299 27.64 14.32 35.10
C ARG B 299 28.08 14.77 33.71
N LYS B 300 28.99 15.75 33.68
CA LYS B 300 29.39 16.37 32.44
C LYS B 300 30.12 15.43 31.50
N LEU B 301 29.81 15.52 30.21
CA LEU B 301 30.48 14.75 29.17
C LEU B 301 31.97 15.10 29.14
N HIS B 302 32.27 16.33 29.56
CA HIS B 302 33.63 16.83 29.66
C HIS B 302 34.48 15.93 30.54
N ASN B 303 33.87 15.40 31.60
CA ASN B 303 34.56 14.53 32.54
C ASN B 303 34.45 13.06 32.15
N ILE B 304 33.37 12.70 31.47
CA ILE B 304 33.19 11.35 30.96
C ILE B 304 34.27 11.03 29.93
N LEU B 305 34.57 12.01 29.08
CA LEU B 305 35.57 11.84 28.04
C LEU B 305 36.98 12.07 28.57
N GLY B 306 37.08 12.68 29.75
CA GLY B 306 38.37 12.98 30.36
C GLY B 306 39.18 13.92 29.49
N VAL B 307 38.52 14.95 28.98
CA VAL B 307 39.12 15.92 28.07
C VAL B 307 40.44 16.49 28.58
N GLU B 308 40.48 16.82 29.87
CA GLU B 308 41.66 17.45 30.45
C GLU B 308 42.45 16.51 31.36
N THR B 309 41.97 15.28 31.51
CA THR B 309 42.60 14.32 32.40
C THR B 309 43.13 13.10 31.66
N GLY B 310 43.55 13.31 30.41
CA GLY B 310 44.16 12.26 29.61
C GLY B 310 43.19 11.19 29.14
N GLY B 311 41.98 11.62 28.76
CA GLY B 311 40.98 10.71 28.25
C GLY B 311 40.39 9.78 29.30
N PRO B 312 39.56 8.83 28.87
CA PRO B 312 38.88 7.86 29.74
C PRO B 312 39.85 7.07 30.63
N GLY B 313 39.72 7.23 31.94
CA GLY B 313 40.55 6.53 32.89
C GLY B 313 41.98 7.03 32.92
N GLY B 314 42.24 8.13 32.23
CA GLY B 314 43.57 8.71 32.14
C GLY B 314 44.53 7.82 31.37
N ARG B 315 43.98 6.96 30.51
CA ARG B 315 44.78 5.99 29.79
C ARG B 315 45.32 6.54 28.46
N ARG B 316 44.83 7.71 28.06
CA ARG B 316 45.24 8.30 26.79
C ARG B 316 46.24 9.44 26.99
N ALA B 317 46.59 9.71 28.24
CA ALA B 317 47.48 10.81 28.59
C ALA B 317 48.80 10.73 27.83
N GLY B 318 49.06 11.74 27.00
CA GLY B 318 50.31 11.82 26.26
C GLY B 318 50.28 11.10 24.93
N GLU B 319 49.19 10.41 24.63
CA GLU B 319 49.08 9.69 23.38
C GLU B 319 48.76 10.64 22.23
N SER B 320 49.38 10.40 21.08
CA SER B 320 49.19 11.25 19.91
C SER B 320 47.75 11.20 19.41
N GLY B 321 47.23 12.37 19.04
CA GLY B 321 45.86 12.48 18.56
C GLY B 321 44.86 12.52 19.70
N HIS B 322 45.36 12.73 20.92
CA HIS B 322 44.51 12.77 22.09
C HIS B 322 44.77 14.02 22.93
N THR B 323 45.17 15.10 22.26
CA THR B 323 45.40 16.37 22.94
C THR B 323 44.06 16.96 23.39
N VAL B 324 44.13 18.01 24.22
CA VAL B 324 42.93 18.65 24.74
C VAL B 324 42.10 19.23 23.59
N ALA B 325 42.78 19.80 22.61
CA ALA B 325 42.11 20.35 21.43
C ALA B 325 41.39 19.26 20.64
N ASP B 326 41.98 18.07 20.60
CA ASP B 326 41.38 16.93 19.92
C ASP B 326 40.08 16.51 20.62
N TYR B 327 40.12 16.46 21.95
CA TYR B 327 38.96 16.06 22.73
C TYR B 327 37.86 17.13 22.70
N LEU B 328 38.25 18.38 22.57
CA LEU B 328 37.30 19.48 22.50
C LEU B 328 36.48 19.41 21.22
N LYS B 329 37.11 18.95 20.15
CA LYS B 329 36.42 18.76 18.88
C LYS B 329 35.48 17.55 18.97
N PHE B 330 35.96 16.49 19.59
CA PHE B 330 35.16 15.28 19.75
C PHE B 330 33.96 15.55 20.65
N LYS B 331 34.18 16.30 21.73
CA LYS B 331 33.11 16.64 22.66
C LYS B 331 32.06 17.51 22.00
N ASP B 332 32.50 18.42 21.13
CA ASP B 332 31.59 19.33 20.45
C ASP B 332 30.66 18.58 19.50
N LEU B 333 31.23 17.67 18.72
CA LEU B 333 30.46 16.88 17.77
C LEU B 333 29.43 16.01 18.46
N ILE B 334 29.81 15.43 19.60
CA ILE B 334 28.91 14.58 20.36
C ILE B 334 27.75 15.38 20.92
N LEU B 335 28.05 16.56 21.45
CA LEU B 335 27.01 17.44 21.99
C LEU B 335 26.06 17.93 20.89
N ARG B 336 26.56 17.99 19.66
CA ARG B 336 25.73 18.33 18.52
C ARG B 336 24.83 17.15 18.14
N MET B 337 25.34 15.94 18.35
CA MET B 337 24.58 14.73 18.08
C MET B 337 23.57 14.45 19.19
N LEU B 338 23.87 14.92 20.39
CA LEU B 338 23.01 14.67 21.55
C LEU B 338 22.13 15.87 21.88
N ASP B 339 21.85 16.67 20.85
CA ASP B 339 20.90 17.78 20.99
C ASP B 339 19.52 17.23 21.31
N TYR B 340 18.87 17.79 22.33
CA TYR B 340 17.52 17.38 22.72
C TYR B 340 16.52 17.63 21.60
N ASP B 341 16.68 18.75 20.92
CA ASP B 341 15.78 19.14 19.84
C ASP B 341 16.22 18.51 18.52
N PRO B 342 15.42 17.57 18.00
CA PRO B 342 15.75 16.84 16.77
C PRO B 342 15.80 17.75 15.54
N LYS B 343 15.19 18.92 15.63
CA LYS B 343 15.16 19.86 14.52
C LYS B 343 16.46 20.65 14.43
N THR B 344 17.11 20.84 15.57
CA THR B 344 18.38 21.56 15.61
C THR B 344 19.56 20.61 15.75
N ARG B 345 19.25 19.33 15.93
CA ARG B 345 20.28 18.30 16.03
C ARG B 345 21.08 18.21 14.73
N ILE B 346 22.39 18.00 14.84
CA ILE B 346 23.27 18.01 13.68
C ILE B 346 22.90 16.90 12.68
N GLN B 347 22.98 17.23 11.40
CA GLN B 347 22.65 16.30 10.34
C GLN B 347 23.93 15.77 9.68
N PRO B 348 23.88 14.56 9.12
CA PRO B 348 25.05 13.86 8.56
C PRO B 348 25.94 14.71 7.65
N TYR B 349 25.34 15.58 6.85
CA TYR B 349 26.10 16.43 5.93
C TYR B 349 26.98 17.40 6.71
N TYR B 350 26.42 18.05 7.72
CA TYR B 350 27.15 19.00 8.54
C TYR B 350 28.18 18.29 9.42
N ALA B 351 27.82 17.09 9.88
CA ALA B 351 28.69 16.30 10.75
C ALA B 351 30.00 15.95 10.05
N LEU B 352 29.90 15.59 8.77
CA LEU B 352 31.07 15.21 7.99
C LEU B 352 32.02 16.39 7.74
N GLN B 353 31.51 17.60 7.95
CA GLN B 353 32.32 18.80 7.74
C GLN B 353 32.83 19.36 9.06
N HIS B 354 32.53 18.68 10.16
CA HIS B 354 32.96 19.10 11.48
C HIS B 354 34.48 19.05 11.59
N SER B 355 35.04 19.89 12.47
CA SER B 355 36.49 19.99 12.62
C SER B 355 37.10 18.73 13.23
N PHE B 356 36.26 17.86 13.76
CA PHE B 356 36.72 16.60 14.34
C PHE B 356 37.26 15.67 13.26
N PHE B 357 36.74 15.82 12.04
CA PHE B 357 37.18 15.01 10.92
C PHE B 357 38.25 15.72 10.09
N LYS B 358 38.72 16.86 10.60
CA LYS B 358 39.74 17.67 9.95
C LYS B 358 39.38 18.00 8.50
N VAL C 13 -21.07 8.77 -27.90
CA VAL C 13 -21.97 8.17 -26.92
C VAL C 13 -21.16 7.71 -25.70
N TYR C 14 -21.12 8.56 -24.69
CA TYR C 14 -20.29 8.31 -23.51
C TYR C 14 -21.14 8.06 -22.26
N ASN C 15 -20.91 6.92 -21.61
CA ASN C 15 -21.57 6.56 -20.37
C ASN C 15 -23.09 6.63 -20.47
N ASP C 16 -23.63 5.96 -21.48
CA ASP C 16 -25.06 5.98 -21.78
C ASP C 16 -25.59 7.41 -21.95
N GLY C 17 -24.72 8.31 -22.38
CA GLY C 17 -25.10 9.69 -22.63
C GLY C 17 -24.99 10.60 -21.43
N TYR C 18 -24.66 10.03 -20.27
CA TYR C 18 -24.59 10.81 -19.03
C TYR C 18 -23.32 11.67 -18.94
N ASP C 19 -22.26 11.23 -19.60
CA ASP C 19 -21.00 11.97 -19.58
C ASP C 19 -20.78 12.75 -20.87
N ASP C 20 -19.85 13.70 -20.83
CA ASP C 20 -19.50 14.46 -22.04
C ASP C 20 -18.20 13.95 -22.65
N ASP C 21 -17.62 14.73 -23.54
CA ASP C 21 -16.39 14.35 -24.23
C ASP C 21 -15.16 14.48 -23.34
N ASN C 22 -15.35 15.09 -22.18
CA ASN C 22 -14.24 15.38 -21.28
C ASN C 22 -14.37 14.62 -19.97
N TYR C 23 -15.03 13.47 -20.03
CA TYR C 23 -15.14 12.53 -18.91
C TYR C 23 -15.94 13.10 -17.72
N ASP C 24 -16.62 14.22 -17.92
CA ASP C 24 -17.39 14.84 -16.86
C ASP C 24 -18.88 14.49 -16.92
N TYR C 25 -19.54 14.50 -15.77
CA TYR C 25 -20.98 14.31 -15.73
C TYR C 25 -21.68 15.57 -16.22
N ILE C 26 -22.59 15.41 -17.18
CA ILE C 26 -23.32 16.55 -17.71
C ILE C 26 -24.40 16.97 -16.72
N VAL C 27 -24.15 18.10 -16.05
CA VAL C 27 -25.03 18.57 -14.98
C VAL C 27 -26.30 19.22 -15.53
N LYS C 28 -27.44 18.72 -15.06
CA LYS C 28 -28.73 19.30 -15.39
C LYS C 28 -29.41 19.82 -14.13
N ASN C 29 -29.80 21.10 -14.15
CA ASN C 29 -30.47 21.71 -13.02
C ASN C 29 -31.85 21.11 -12.78
N GLY C 30 -32.14 20.77 -11.53
CA GLY C 30 -33.44 20.23 -11.17
C GLY C 30 -33.49 18.72 -11.16
N GLU C 31 -32.42 18.09 -11.63
CA GLU C 31 -32.33 16.63 -11.67
C GLU C 31 -32.27 16.06 -10.25
N LYS C 32 -32.93 14.94 -10.04
CA LYS C 32 -32.95 14.28 -8.74
C LYS C 32 -32.16 12.98 -8.77
N TRP C 33 -31.22 12.84 -7.84
CA TRP C 33 -30.39 11.65 -7.77
C TRP C 33 -30.83 10.73 -6.63
N MET C 34 -31.05 9.46 -6.96
CA MET C 34 -31.37 8.45 -5.96
C MET C 34 -32.56 8.84 -5.09
N ASP C 35 -33.48 9.61 -5.68
CA ASP C 35 -34.64 10.13 -4.97
C ASP C 35 -34.26 10.81 -3.66
N ARG C 36 -33.15 11.55 -3.68
CA ARG C 36 -32.65 12.19 -2.47
C ARG C 36 -32.06 13.57 -2.72
N TYR C 37 -31.12 13.65 -3.66
CA TYR C 37 -30.43 14.92 -3.93
C TYR C 37 -30.97 15.59 -5.18
N GLU C 38 -31.44 16.82 -5.02
CA GLU C 38 -31.92 17.60 -6.15
C GLU C 38 -30.90 18.68 -6.50
N ILE C 39 -30.32 18.55 -7.70
CA ILE C 39 -29.26 19.46 -8.14
C ILE C 39 -29.78 20.87 -8.41
N ASP C 40 -29.25 21.83 -7.68
CA ASP C 40 -29.63 23.24 -7.85
C ASP C 40 -28.86 23.88 -8.99
N SER C 41 -27.55 24.04 -8.81
CA SER C 41 -26.71 24.68 -9.81
C SER C 41 -25.27 24.20 -9.72
N LEU C 42 -24.43 24.72 -10.61
CA LEU C 42 -23.01 24.38 -10.61
C LEU C 42 -22.23 25.40 -9.79
N ILE C 43 -21.56 24.93 -8.74
CA ILE C 43 -20.75 25.80 -7.90
C ILE C 43 -19.43 26.13 -8.58
N GLY C 44 -18.72 25.10 -9.02
CA GLY C 44 -17.43 25.30 -9.65
C GLY C 44 -16.98 24.13 -10.50
N LYS C 45 -15.96 24.37 -11.30
CA LYS C 45 -15.39 23.36 -12.17
C LYS C 45 -13.91 23.17 -11.85
N GLY C 46 -13.42 21.95 -12.02
CA GLY C 46 -12.03 21.66 -11.74
C GLY C 46 -11.50 20.51 -12.56
N SER C 47 -10.20 20.26 -12.45
CA SER C 47 -9.57 19.15 -13.16
C SER C 47 -10.10 17.82 -12.65
N PHE C 48 -10.51 17.79 -11.39
CA PHE C 48 -11.08 16.59 -10.79
C PHE C 48 -12.47 16.28 -11.36
N GLY C 49 -13.14 17.32 -11.82
CA GLY C 49 -14.51 17.22 -12.27
C GLY C 49 -15.31 18.45 -11.91
N GLN C 50 -16.39 18.27 -11.15
CA GLN C 50 -17.30 19.37 -10.85
C GLN C 50 -17.79 19.35 -9.41
N VAL C 51 -18.16 20.53 -8.91
CA VAL C 51 -18.81 20.64 -7.61
C VAL C 51 -20.17 21.32 -7.78
N VAL C 52 -21.22 20.67 -7.29
CA VAL C 52 -22.57 21.21 -7.45
C VAL C 52 -23.25 21.53 -6.12
N LYS C 53 -24.16 22.48 -6.17
CA LYS C 53 -25.03 22.77 -5.03
C LYS C 53 -26.29 21.93 -5.16
N ALA C 54 -26.59 21.14 -4.13
CA ALA C 54 -27.75 20.27 -4.17
C ALA C 54 -28.50 20.28 -2.85
N TYR C 55 -29.80 20.00 -2.91
CA TYR C 55 -30.61 19.91 -1.70
C TYR C 55 -30.87 18.45 -1.35
N ASP C 56 -30.43 18.05 -0.15
CA ASP C 56 -30.70 16.72 0.38
C ASP C 56 -32.13 16.69 0.90
N ARG C 57 -33.02 16.07 0.14
CA ARG C 57 -34.44 16.03 0.51
C ARG C 57 -34.65 15.19 1.76
N VAL C 58 -33.79 14.20 1.96
CA VAL C 58 -33.88 13.33 3.12
C VAL C 58 -33.45 14.05 4.40
N GLU C 59 -32.28 14.67 4.37
CA GLU C 59 -31.75 15.38 5.53
C GLU C 59 -32.30 16.80 5.63
N GLN C 60 -33.03 17.22 4.62
CA GLN C 60 -33.62 18.56 4.56
C GLN C 60 -32.57 19.65 4.73
N GLU C 61 -31.47 19.54 3.99
CA GLU C 61 -30.40 20.51 4.10
C GLU C 61 -29.62 20.64 2.78
N TRP C 62 -29.04 21.81 2.57
CA TRP C 62 -28.19 22.05 1.40
C TRP C 62 -26.86 21.35 1.56
N VAL C 63 -26.36 20.77 0.48
CA VAL C 63 -25.04 20.15 0.47
C VAL C 63 -24.26 20.54 -0.78
N ALA C 64 -22.94 20.40 -0.70
CA ALA C 64 -22.09 20.54 -1.87
C ALA C 64 -21.60 19.16 -2.28
N ILE C 65 -21.86 18.77 -3.52
CA ILE C 65 -21.46 17.45 -4.00
C ILE C 65 -20.35 17.55 -5.04
N LYS C 66 -19.17 17.08 -4.67
CA LYS C 66 -18.05 17.02 -5.58
C LYS C 66 -18.19 15.81 -6.50
N ILE C 67 -18.41 16.07 -7.79
CA ILE C 67 -18.59 14.99 -8.76
C ILE C 67 -17.30 14.73 -9.52
N ILE C 68 -16.67 13.60 -9.21
CA ILE C 68 -15.40 13.23 -9.84
C ILE C 68 -15.61 12.74 -11.26
N LYS C 69 -14.67 13.07 -12.15
CA LYS C 69 -14.69 12.56 -13.52
C LYS C 69 -14.74 11.04 -13.54
N ASN C 70 -15.35 10.50 -14.59
CA ASN C 70 -15.45 9.05 -14.75
C ASN C 70 -14.21 8.48 -15.46
N LYS C 71 -13.07 8.57 -14.78
CA LYS C 71 -11.82 7.98 -15.28
C LYS C 71 -10.95 7.56 -14.09
N LYS C 72 -10.15 6.51 -14.29
CA LYS C 72 -9.37 5.92 -13.22
C LYS C 72 -8.44 6.90 -12.50
N ALA C 73 -7.77 7.76 -13.27
CA ALA C 73 -6.81 8.70 -12.73
C ALA C 73 -7.45 9.61 -11.68
N PHE C 74 -8.62 10.16 -12.01
CA PHE C 74 -9.31 11.07 -11.12
C PHE C 74 -10.07 10.34 -10.02
N LEU C 75 -10.52 9.13 -10.32
CA LEU C 75 -11.20 8.31 -9.32
C LEU C 75 -10.22 7.85 -8.24
N ASN C 76 -9.04 7.42 -8.67
CA ASN C 76 -7.99 7.02 -7.74
C ASN C 76 -7.53 8.19 -6.88
N GLN C 77 -7.38 9.36 -7.50
CA GLN C 77 -6.99 10.56 -6.78
C GLN C 77 -8.03 10.97 -5.75
N ALA C 78 -9.30 10.87 -6.14
CA ALA C 78 -10.40 11.24 -5.25
C ALA C 78 -10.50 10.30 -4.05
N GLN C 79 -10.18 9.03 -4.26
CA GLN C 79 -10.22 8.04 -3.20
C GLN C 79 -9.16 8.35 -2.13
N ILE C 80 -8.09 9.02 -2.54
CA ILE C 80 -7.07 9.48 -1.60
C ILE C 80 -7.66 10.55 -0.70
N GLU C 81 -8.42 11.48 -1.29
CA GLU C 81 -9.03 12.56 -0.54
C GLU C 81 -10.07 12.03 0.44
N VAL C 82 -10.82 11.03 0.02
CA VAL C 82 -11.80 10.38 0.89
C VAL C 82 -11.12 9.75 2.10
N ARG C 83 -10.03 9.04 1.85
CA ARG C 83 -9.28 8.36 2.91
C ARG C 83 -8.74 9.36 3.93
N LEU C 84 -8.16 10.45 3.45
CA LEU C 84 -7.59 11.47 4.33
C LEU C 84 -8.68 12.15 5.16
N LEU C 85 -9.79 12.50 4.52
CA LEU C 85 -10.89 13.14 5.21
C LEU C 85 -11.53 12.23 6.25
N GLU C 86 -11.65 10.94 5.92
CA GLU C 86 -12.24 9.98 6.83
C GLU C 86 -11.36 9.73 8.05
N LEU C 87 -10.05 9.78 7.86
CA LEU C 87 -9.11 9.52 8.94
C LEU C 87 -9.17 10.67 9.94
N MET C 88 -9.47 11.87 9.45
CA MET C 88 -9.62 13.04 10.31
C MET C 88 -10.81 12.90 11.25
N ASN C 89 -11.91 12.38 10.72
CA ASN C 89 -13.13 12.20 11.49
C ASN C 89 -12.96 11.21 12.63
N LYS C 90 -11.99 10.31 12.49
CA LYS C 90 -11.70 9.34 13.52
C LYS C 90 -11.00 9.96 14.73
N HIS C 91 -10.80 11.27 14.71
CA HIS C 91 -10.14 11.96 15.81
C HIS C 91 -11.16 12.66 16.71
N ASP C 92 -10.74 12.99 17.92
CA ASP C 92 -11.64 13.48 18.95
C ASP C 92 -11.79 15.01 18.93
N THR C 93 -10.69 15.67 18.58
CA THR C 93 -10.52 17.11 18.82
C THR C 93 -11.51 18.07 18.15
N GLU C 94 -11.48 19.31 18.61
CA GLU C 94 -12.25 20.39 18.01
C GLU C 94 -11.53 20.94 16.79
N MET C 95 -10.21 20.78 16.77
CA MET C 95 -9.37 21.33 15.69
C MET C 95 -9.76 20.76 14.32
N LYS C 96 -10.45 19.63 14.32
CA LYS C 96 -10.95 19.01 13.10
C LYS C 96 -12.04 19.85 12.43
N TYR C 97 -12.64 20.76 13.21
CA TYR C 97 -13.78 21.53 12.73
C TYR C 97 -13.33 22.77 11.95
N TYR C 98 -12.09 22.73 11.48
CA TYR C 98 -11.57 23.76 10.58
C TYR C 98 -11.30 23.13 9.22
N ILE C 99 -11.66 21.85 9.09
CA ILE C 99 -11.62 21.16 7.82
C ILE C 99 -13.05 20.92 7.35
N VAL C 100 -13.35 21.30 6.11
CA VAL C 100 -14.69 21.09 5.54
C VAL C 100 -15.10 19.63 5.65
N HIS C 101 -16.18 19.38 6.38
CA HIS C 101 -16.56 18.02 6.72
C HIS C 101 -17.14 17.23 5.54
N LEU C 102 -16.66 16.01 5.39
CA LEU C 102 -17.21 15.07 4.42
C LEU C 102 -18.34 14.28 5.04
N LYS C 103 -19.58 14.61 4.67
CA LYS C 103 -20.75 13.95 5.22
C LYS C 103 -20.80 12.49 4.82
N ARG C 104 -20.69 12.25 3.52
CA ARG C 104 -20.73 10.89 2.99
C ARG C 104 -20.23 10.86 1.55
N HIS C 105 -20.10 9.67 0.99
CA HIS C 105 -19.71 9.51 -0.40
C HIS C 105 -20.37 8.29 -0.99
N PHE C 106 -20.66 8.34 -2.29
CA PHE C 106 -21.31 7.23 -2.97
C PHE C 106 -20.96 7.19 -4.45
N MET C 107 -21.23 6.05 -5.08
CA MET C 107 -21.06 5.92 -6.52
C MET C 107 -22.39 6.18 -7.21
N PHE C 108 -22.40 7.16 -8.11
CA PHE C 108 -23.61 7.49 -8.85
C PHE C 108 -23.32 7.59 -10.34
N ARG C 109 -23.92 6.68 -11.10
CA ARG C 109 -23.75 6.60 -12.55
C ARG C 109 -22.29 6.62 -12.95
N ASN C 110 -21.52 5.74 -12.31
CA ASN C 110 -20.09 5.55 -12.57
C ASN C 110 -19.25 6.77 -12.21
N HIS C 111 -19.80 7.64 -11.37
CA HIS C 111 -19.05 8.77 -10.82
C HIS C 111 -18.95 8.67 -9.31
N LEU C 112 -17.75 8.89 -8.78
CA LEU C 112 -17.59 9.02 -7.34
C LEU C 112 -18.11 10.39 -6.93
N CYS C 113 -18.99 10.42 -5.92
CA CYS C 113 -19.57 11.67 -5.46
C CYS C 113 -19.27 11.88 -3.98
N LEU C 114 -18.64 13.00 -3.67
CA LEU C 114 -18.33 13.33 -2.28
C LEU C 114 -19.30 14.41 -1.79
N VAL C 115 -20.06 14.09 -0.75
CA VAL C 115 -21.03 15.03 -0.21
C VAL C 115 -20.43 15.85 0.93
N PHE C 116 -20.32 17.15 0.71
CA PHE C 116 -19.78 18.06 1.70
C PHE C 116 -20.85 18.97 2.29
N GLU C 117 -20.57 19.53 3.46
CA GLU C 117 -21.42 20.58 4.01
C GLU C 117 -21.36 21.81 3.11
N MET C 118 -22.44 22.57 3.09
CA MET C 118 -22.55 23.72 2.20
C MET C 118 -22.10 25.02 2.86
N LEU C 119 -20.92 25.50 2.48
CA LEU C 119 -20.42 26.77 2.98
C LEU C 119 -20.72 27.91 1.98
N SER C 120 -20.29 29.12 2.32
CA SER C 120 -20.70 30.33 1.59
C SER C 120 -19.83 30.61 0.36
N TYR C 121 -18.57 30.98 0.59
CA TYR C 121 -17.61 31.18 -0.50
C TYR C 121 -16.16 31.27 -0.01
N ASN C 122 -15.22 31.31 -0.94
CA ASN C 122 -13.79 31.33 -0.60
C ASN C 122 -13.27 32.74 -0.34
N LEU C 123 -12.05 32.82 0.18
CA LEU C 123 -11.45 34.09 0.58
C LEU C 123 -11.08 34.97 -0.62
N TYR C 124 -10.86 34.35 -1.77
CA TYR C 124 -10.60 35.12 -2.98
C TYR C 124 -11.85 35.88 -3.39
N ASP C 125 -13.00 35.22 -3.26
CA ASP C 125 -14.29 35.86 -3.48
C ASP C 125 -14.42 37.03 -2.51
N LEU C 126 -13.99 36.81 -1.27
CA LEU C 126 -14.01 37.85 -0.26
C LEU C 126 -13.07 39.00 -0.65
N LEU C 127 -11.90 38.65 -1.17
CA LEU C 127 -10.94 39.65 -1.61
C LEU C 127 -11.49 40.47 -2.77
N ARG C 128 -12.21 39.83 -3.68
CA ARG C 128 -12.81 40.52 -4.81
C ARG C 128 -13.97 41.40 -4.35
N ASN C 129 -14.71 40.93 -3.35
CA ASN C 129 -15.83 41.69 -2.80
C ASN C 129 -15.35 42.91 -2.02
N THR C 130 -14.07 42.91 -1.65
CA THR C 130 -13.46 44.08 -1.03
C THR C 130 -12.74 44.92 -2.08
N ASN C 131 -12.99 44.57 -3.34
CA ASN C 131 -12.34 45.22 -4.48
C ASN C 131 -10.82 45.13 -4.38
N PHE C 132 -10.34 44.01 -3.85
CA PHE C 132 -8.92 43.73 -3.70
C PHE C 132 -8.19 44.81 -2.93
N ARG C 133 -8.83 45.31 -1.87
CA ARG C 133 -8.22 46.31 -1.00
C ARG C 133 -7.98 45.73 0.39
N GLY C 134 -8.32 44.46 0.55
CA GLY C 134 -8.02 43.74 1.78
C GLY C 134 -9.08 43.83 2.85
N VAL C 135 -9.02 42.91 3.81
CA VAL C 135 -9.94 42.90 4.94
C VAL C 135 -9.27 43.48 6.18
N SER C 136 -10.06 43.66 7.23
CA SER C 136 -9.56 44.21 8.49
C SER C 136 -8.43 43.35 9.07
N LEU C 137 -7.53 43.98 9.80
CA LEU C 137 -6.45 43.25 10.45
C LEU C 137 -7.01 42.34 11.54
N ASN C 138 -8.07 42.82 12.19
CA ASN C 138 -8.77 42.02 13.19
C ASN C 138 -9.40 40.79 12.54
N LEU C 139 -9.92 40.96 11.33
CA LEU C 139 -10.45 39.84 10.56
C LEU C 139 -9.33 38.95 10.07
N THR C 140 -8.23 39.58 9.65
CA THR C 140 -7.03 38.86 9.23
C THR C 140 -6.49 38.02 10.38
N ARG C 141 -6.56 38.58 11.58
CA ARG C 141 -6.11 37.89 12.79
C ARG C 141 -6.97 36.67 13.09
N LYS C 142 -8.28 36.82 12.90
CA LYS C 142 -9.22 35.74 13.15
C LYS C 142 -9.03 34.58 12.16
N PHE C 143 -8.66 34.92 10.93
CA PHE C 143 -8.38 33.90 9.93
C PHE C 143 -7.08 33.16 10.27
N ALA C 144 -6.10 33.91 10.76
CA ALA C 144 -4.79 33.36 11.08
C ALA C 144 -4.86 32.30 12.18
N GLN C 145 -5.57 32.63 13.25
CA GLN C 145 -5.69 31.73 14.40
C GLN C 145 -6.39 30.42 14.03
N GLN C 146 -7.43 30.51 13.20
CA GLN C 146 -8.16 29.34 12.78
C GLN C 146 -7.30 28.45 11.87
N MET C 147 -6.58 29.08 10.97
CA MET C 147 -5.70 28.36 10.05
C MET C 147 -4.53 27.71 10.80
N CYS C 148 -4.00 28.42 11.79
CA CYS C 148 -2.91 27.89 12.61
C CYS C 148 -3.41 26.71 13.45
N THR C 149 -4.67 26.79 13.88
CA THR C 149 -5.29 25.69 14.61
C THR C 149 -5.46 24.49 13.68
N ALA C 150 -5.87 24.76 12.45
CA ALA C 150 -6.06 23.72 11.45
C ALA C 150 -4.76 23.03 11.11
N LEU C 151 -3.69 23.82 10.94
CA LEU C 151 -2.38 23.26 10.65
C LEU C 151 -1.82 22.49 11.83
N LEU C 152 -2.27 22.85 13.04
CA LEU C 152 -1.89 22.14 14.25
C LEU C 152 -2.51 20.74 14.25
N PHE C 153 -3.76 20.66 13.79
CA PHE C 153 -4.46 19.39 13.70
C PHE C 153 -3.81 18.48 12.66
N LEU C 154 -3.45 19.06 11.52
CA LEU C 154 -2.79 18.30 10.46
C LEU C 154 -1.40 17.84 10.91
N ALA C 155 -0.84 18.55 11.89
CA ALA C 155 0.50 18.25 12.39
C ALA C 155 0.51 17.10 13.39
N THR C 156 -0.69 16.60 13.73
CA THR C 156 -0.82 15.43 14.59
C THR C 156 -0.04 14.26 13.99
N PRO C 157 0.86 13.66 14.78
CA PRO C 157 1.79 12.61 14.34
C PRO C 157 1.16 11.49 13.52
N GLU C 158 0.05 10.92 14.01
CA GLU C 158 -0.62 9.83 13.29
C GLU C 158 -1.24 10.33 11.99
N LEU C 159 -1.48 11.63 11.90
CA LEU C 159 -1.97 12.27 10.68
C LEU C 159 -0.83 12.65 9.77
N SER C 160 -0.03 13.62 10.20
CA SER C 160 1.11 14.15 9.44
C SER C 160 0.69 14.53 8.02
N ILE C 161 -0.37 15.31 7.91
CA ILE C 161 -0.96 15.63 6.61
C ILE C 161 -0.52 16.99 6.08
N ILE C 162 0.08 16.98 4.90
CA ILE C 162 0.43 18.22 4.19
C ILE C 162 -0.66 18.55 3.19
N HIS C 163 -1.34 19.67 3.39
CA HIS C 163 -2.41 20.08 2.48
C HIS C 163 -1.86 20.30 1.07
N CYS C 164 -0.69 20.95 1.01
CA CYS C 164 0.12 21.03 -0.20
C CYS C 164 -0.49 21.89 -1.31
N ASP C 165 -1.53 22.67 -0.98
CA ASP C 165 -2.09 23.62 -1.94
C ASP C 165 -2.95 24.67 -1.24
N LEU C 166 -2.42 25.27 -0.18
CA LEU C 166 -3.14 26.33 0.51
C LEU C 166 -3.14 27.62 -0.30
N LYS C 167 -4.33 28.18 -0.49
CA LYS C 167 -4.52 29.40 -1.26
C LYS C 167 -5.92 29.92 -0.95
N PRO C 168 -6.18 31.22 -1.20
CA PRO C 168 -7.49 31.82 -0.90
C PRO C 168 -8.68 31.02 -1.44
N GLU C 169 -8.54 30.45 -2.62
CA GLU C 169 -9.63 29.69 -3.24
C GLU C 169 -9.99 28.44 -2.45
N ASN C 170 -9.04 27.91 -1.69
CA ASN C 170 -9.26 26.68 -0.94
C ASN C 170 -9.65 26.91 0.52
N ILE C 171 -9.95 28.15 0.86
CA ILE C 171 -10.41 28.49 2.21
C ILE C 171 -11.80 29.11 2.16
N LEU C 172 -12.80 28.41 2.68
CA LEU C 172 -14.18 28.85 2.57
C LEU C 172 -14.73 29.47 3.85
N LEU C 173 -15.63 30.42 3.69
CA LEU C 173 -16.37 31.00 4.82
C LEU C 173 -17.64 30.19 5.11
N CYS C 174 -17.96 30.03 6.38
CA CYS C 174 -19.20 29.37 6.77
C CYS C 174 -20.38 30.29 6.45
N ASN C 175 -20.59 31.29 7.30
CA ASN C 175 -21.55 32.34 7.02
C ASN C 175 -20.87 33.47 6.26
N PRO C 176 -21.54 33.99 5.23
CA PRO C 176 -21.03 35.07 4.37
C PRO C 176 -20.40 36.25 5.12
N LYS C 177 -20.89 36.53 6.33
CA LYS C 177 -20.42 37.67 7.10
C LYS C 177 -19.60 37.24 8.32
N ARG C 178 -19.84 36.03 8.81
CA ARG C 178 -19.13 35.52 9.97
C ARG C 178 -17.67 35.19 9.63
N SER C 179 -16.80 35.23 10.64
CA SER C 179 -15.36 35.05 10.44
C SER C 179 -14.92 33.60 10.29
N ALA C 180 -15.79 32.66 10.66
CA ALA C 180 -15.44 31.23 10.64
C ALA C 180 -15.02 30.75 9.26
N ILE C 181 -13.88 30.06 9.19
CA ILE C 181 -13.38 29.52 7.94
C ILE C 181 -13.03 28.04 8.06
N LYS C 182 -13.08 27.34 6.93
CA LYS C 182 -12.63 25.96 6.87
C LYS C 182 -11.74 25.75 5.65
N ILE C 183 -10.85 24.77 5.74
CA ILE C 183 -9.97 24.44 4.62
C ILE C 183 -10.65 23.38 3.74
N VAL C 184 -10.53 23.55 2.44
CA VAL C 184 -11.18 22.64 1.50
C VAL C 184 -10.18 22.08 0.48
N ASP C 185 -10.61 21.06 -0.27
CA ASP C 185 -9.81 20.44 -1.31
C ASP C 185 -8.55 19.77 -0.77
N PHE C 186 -8.67 18.49 -0.43
CA PHE C 186 -7.52 17.70 0.00
C PHE C 186 -7.12 16.71 -1.07
N GLY C 187 -7.49 17.01 -2.31
CA GLY C 187 -7.19 16.14 -3.44
C GLY C 187 -5.71 16.05 -3.73
N SER C 188 -5.00 17.17 -3.55
CA SER C 188 -3.57 17.21 -3.78
C SER C 188 -2.78 16.94 -2.50
N SER C 189 -3.50 16.63 -1.43
CA SER C 189 -2.88 16.43 -0.12
C SER C 189 -2.22 15.07 0.01
N CYS C 190 -1.17 14.99 0.82
CA CYS C 190 -0.49 13.75 1.12
C CYS C 190 0.04 13.77 2.54
N GLN C 191 0.44 12.61 3.04
CA GLN C 191 1.04 12.51 4.35
C GLN C 191 2.55 12.54 4.23
N LEU C 192 3.23 12.84 5.33
CA LEU C 192 4.68 12.91 5.36
C LEU C 192 5.28 11.62 4.85
N GLY C 193 6.33 11.76 4.06
CA GLY C 193 7.03 10.59 3.58
C GLY C 193 8.09 10.94 2.57
N GLN C 194 8.34 10.00 1.66
CA GLN C 194 9.34 10.15 0.61
C GLN C 194 9.03 11.28 -0.38
N ARG C 195 10.08 12.00 -0.74
CA ARG C 195 9.97 13.07 -1.72
C ARG C 195 9.69 12.49 -3.10
N ILE C 196 8.42 12.26 -3.39
CA ILE C 196 8.00 11.71 -4.69
C ILE C 196 7.73 12.84 -5.69
N TYR C 197 7.07 13.89 -5.22
CA TYR C 197 6.65 14.99 -6.06
C TYR C 197 7.49 16.25 -5.79
N GLN C 198 7.67 17.07 -6.83
CA GLN C 198 8.44 18.31 -6.66
C GLN C 198 7.72 19.53 -7.19
N PTR C 199 6.97 19.37 -8.28
CA PTR C 199 6.20 20.47 -8.83
C PTR C 199 4.88 20.59 -8.09
O PTR C 199 3.83 20.25 -8.62
CB PTR C 199 5.98 20.29 -10.34
CG PTR C 199 5.56 21.55 -11.06
CD1 PTR C 199 4.30 21.65 -11.65
CD2 PTR C 199 6.41 22.64 -11.17
CE1 PTR C 199 3.90 22.80 -12.32
CE2 PTR C 199 6.02 23.80 -11.83
CZ PTR C 199 4.77 23.87 -12.40
OH PTR C 199 4.42 24.95 -13.04
P PTR C 199 3.59 26.12 -12.31
O1P PTR C 199 4.54 27.03 -11.52
O2P PTR C 199 2.59 25.52 -11.40
O3P PTR C 199 2.85 26.95 -13.38
N ILE C 200 4.94 21.10 -6.87
CA ILE C 200 3.78 21.13 -5.99
C ILE C 200 3.42 22.55 -5.53
N GLN C 201 2.25 22.67 -4.91
CA GLN C 201 1.70 23.95 -4.44
C GLN C 201 1.38 24.89 -5.60
N SER C 202 0.55 25.90 -5.31
CA SER C 202 0.28 26.95 -6.28
C SER C 202 1.46 27.93 -6.28
N ARG C 203 1.80 28.45 -7.46
CA ARG C 203 3.04 29.20 -7.64
C ARG C 203 3.20 30.38 -6.69
N PHE C 204 2.17 31.21 -6.57
CA PHE C 204 2.22 32.38 -5.71
C PHE C 204 2.50 32.01 -4.25
N TYR C 205 2.14 30.78 -3.89
CA TYR C 205 2.22 30.33 -2.52
C TYR C 205 3.20 29.17 -2.40
N ARG C 206 3.98 28.96 -3.46
CA ARG C 206 5.01 27.93 -3.48
C ARG C 206 6.18 28.33 -2.59
N SER C 207 6.60 27.41 -1.72
CA SER C 207 7.66 27.68 -0.77
C SER C 207 9.05 27.62 -1.44
N PRO C 208 10.05 28.28 -0.84
CA PRO C 208 11.41 28.25 -1.41
C PRO C 208 11.96 26.84 -1.49
N GLU C 209 11.72 26.05 -0.44
CA GLU C 209 12.16 24.66 -0.38
C GLU C 209 11.69 23.85 -1.58
N VAL C 210 10.50 24.16 -2.07
CA VAL C 210 9.97 23.49 -3.26
C VAL C 210 10.59 24.06 -4.53
N LEU C 211 10.72 25.39 -4.56
CA LEU C 211 11.37 26.06 -5.69
C LEU C 211 12.82 25.64 -5.84
N LEU C 212 13.45 25.29 -4.73
CA LEU C 212 14.87 24.93 -4.72
C LEU C 212 15.08 23.42 -4.86
N GLY C 213 13.99 22.69 -5.11
CA GLY C 213 14.06 21.25 -5.32
C GLY C 213 14.56 20.49 -4.12
N MET C 214 14.33 21.04 -2.94
CA MET C 214 14.80 20.44 -1.69
C MET C 214 13.70 19.63 -1.01
N PRO C 215 14.07 18.75 -0.06
CA PRO C 215 13.06 18.00 0.70
C PRO C 215 12.10 18.90 1.46
N TYR C 216 10.83 18.52 1.53
CA TYR C 216 9.82 19.33 2.17
C TYR C 216 8.99 18.55 3.19
N ASP C 217 8.40 19.27 4.12
CA ASP C 217 7.53 18.68 5.14
C ASP C 217 6.26 19.52 5.28
N LEU C 218 5.66 19.50 6.47
CA LEU C 218 4.44 20.26 6.72
C LEU C 218 4.72 21.75 6.85
N ALA C 219 6.00 22.12 6.79
CA ALA C 219 6.40 23.52 6.90
C ALA C 219 5.96 24.34 5.68
N ILE C 220 5.76 23.68 4.55
CA ILE C 220 5.40 24.37 3.32
C ILE C 220 3.99 24.96 3.41
N ASP C 221 3.13 24.35 4.22
CA ASP C 221 1.79 24.86 4.43
C ASP C 221 1.84 26.15 5.25
N MET C 222 2.83 26.24 6.13
CA MET C 222 3.02 27.44 6.94
C MET C 222 3.52 28.59 6.08
N TRP C 223 4.35 28.28 5.09
CA TRP C 223 4.82 29.29 4.15
C TRP C 223 3.66 29.87 3.37
N SER C 224 2.83 28.98 2.82
CA SER C 224 1.65 29.39 2.06
C SER C 224 0.74 30.27 2.89
N LEU C 225 0.51 29.86 4.13
CA LEU C 225 -0.33 30.63 5.06
C LEU C 225 0.19 32.05 5.23
N GLY C 226 1.50 32.19 5.35
CA GLY C 226 2.13 33.49 5.49
C GLY C 226 1.86 34.39 4.31
N CYS C 227 1.90 33.82 3.11
CA CYS C 227 1.62 34.58 1.89
C CYS C 227 0.15 34.98 1.81
N ILE C 228 -0.72 34.07 2.27
CA ILE C 228 -2.16 34.30 2.22
C ILE C 228 -2.59 35.42 3.16
N LEU C 229 -2.14 35.34 4.41
CA LEU C 229 -2.51 36.33 5.43
C LEU C 229 -2.13 37.74 5.02
N VAL C 230 -0.96 37.89 4.42
CA VAL C 230 -0.52 39.18 3.90
C VAL C 230 -1.43 39.63 2.76
N GLU C 231 -1.80 38.68 1.90
CA GLU C 231 -2.68 38.97 0.77
C GLU C 231 -4.08 39.33 1.26
N MET C 232 -4.51 38.72 2.35
CA MET C 232 -5.84 38.98 2.89
C MET C 232 -5.98 40.41 3.40
N HIS C 233 -4.90 40.97 3.95
CA HIS C 233 -4.96 42.31 4.50
C HIS C 233 -4.67 43.39 3.46
N THR C 234 -3.76 43.09 2.54
CA THR C 234 -3.40 44.06 1.50
C THR C 234 -4.38 44.00 0.33
N GLY C 235 -4.90 42.81 0.06
CA GLY C 235 -5.85 42.63 -1.03
C GLY C 235 -5.21 42.07 -2.29
N GLU C 236 -3.89 42.05 -2.31
CA GLU C 236 -3.15 41.60 -3.48
C GLU C 236 -2.11 40.54 -3.13
N PRO C 237 -1.79 39.66 -4.08
CA PRO C 237 -0.78 38.61 -3.85
C PRO C 237 0.58 39.19 -3.47
N LEU C 238 1.19 38.61 -2.45
CA LEU C 238 2.51 39.04 -1.98
C LEU C 238 3.59 38.73 -3.00
N PHE C 239 3.56 37.51 -3.53
CA PHE C 239 4.54 37.07 -4.52
C PHE C 239 3.85 36.60 -5.80
N SER C 240 3.63 37.52 -6.72
CA SER C 240 2.88 37.22 -7.94
C SER C 240 3.77 36.89 -9.13
N GLY C 241 4.55 35.81 -9.02
CA GLY C 241 5.46 35.42 -10.07
C GLY C 241 4.76 34.83 -11.29
N ALA C 242 5.16 35.30 -12.47
CA ALA C 242 4.61 34.80 -13.73
C ALA C 242 5.17 33.41 -14.03
N ASN C 243 6.31 33.11 -13.40
CA ASN C 243 6.94 31.79 -13.52
C ASN C 243 7.82 31.55 -12.30
N GLU C 244 8.62 30.49 -12.33
CA GLU C 244 9.38 30.09 -11.15
C GLU C 244 10.55 31.04 -10.82
N VAL C 245 11.28 31.49 -11.84
CA VAL C 245 12.39 32.40 -11.58
C VAL C 245 11.88 33.79 -11.21
N ASP C 246 10.70 34.15 -11.72
CA ASP C 246 10.06 35.41 -11.35
C ASP C 246 9.53 35.31 -9.93
N GLN C 247 9.07 34.11 -9.58
CA GLN C 247 8.57 33.83 -8.23
C GLN C 247 9.68 34.03 -7.19
N MET C 248 10.82 33.39 -7.44
CA MET C 248 11.95 33.47 -6.52
C MET C 248 12.49 34.90 -6.42
N ASN C 249 12.53 35.59 -7.56
CA ASN C 249 13.02 36.97 -7.60
C ASN C 249 12.13 37.94 -6.83
N LYS C 250 10.83 37.65 -6.77
CA LYS C 250 9.90 38.48 -6.01
C LYS C 250 10.05 38.22 -4.52
N ILE C 251 10.36 36.97 -4.17
CA ILE C 251 10.53 36.59 -2.77
C ILE C 251 11.75 37.25 -2.14
N VAL C 252 12.87 37.27 -2.87
CA VAL C 252 14.10 37.84 -2.36
C VAL C 252 14.05 39.37 -2.29
N GLU C 253 13.13 39.98 -3.05
CA GLU C 253 12.94 41.43 -3.00
C GLU C 253 12.51 41.82 -1.59
N VAL C 254 11.80 40.90 -0.94
CA VAL C 254 11.28 41.13 0.40
C VAL C 254 12.18 40.52 1.47
N LEU C 255 12.57 39.27 1.29
CA LEU C 255 13.26 38.51 2.32
C LEU C 255 14.78 38.44 2.11
N GLY C 256 15.26 39.01 1.01
CA GLY C 256 16.68 39.01 0.71
C GLY C 256 17.19 37.67 0.23
N ILE C 257 18.50 37.56 0.09
CA ILE C 257 19.14 36.31 -0.32
C ILE C 257 19.05 35.27 0.78
N PRO C 258 18.59 34.05 0.44
CA PRO C 258 18.51 32.91 1.37
C PRO C 258 19.85 32.60 2.04
N PRO C 259 19.80 31.97 3.23
CA PRO C 259 21.01 31.59 3.97
C PRO C 259 21.87 30.57 3.23
N ALA C 260 23.16 30.84 3.15
CA ALA C 260 24.09 30.02 2.35
C ALA C 260 24.07 28.54 2.70
N HIS C 261 23.75 28.21 3.95
CA HIS C 261 23.72 26.83 4.38
C HIS C 261 22.56 26.07 3.76
N ILE C 262 21.66 26.79 3.11
CA ILE C 262 20.52 26.19 2.43
C ILE C 262 20.80 26.01 0.94
N LEU C 263 21.29 27.05 0.30
CA LEU C 263 21.56 27.02 -1.14
C LEU C 263 22.62 25.98 -1.50
N ASP C 264 23.57 25.76 -0.59
CA ASP C 264 24.65 24.81 -0.82
C ASP C 264 24.13 23.38 -0.93
N GLN C 265 22.91 23.15 -0.44
CA GLN C 265 22.29 21.83 -0.49
C GLN C 265 21.16 21.78 -1.50
N ALA C 266 20.83 22.92 -2.10
CA ALA C 266 19.72 23.01 -3.04
C ALA C 266 20.10 22.53 -4.43
N PRO C 267 19.40 21.48 -4.91
CA PRO C 267 19.63 20.90 -6.24
C PRO C 267 19.39 21.89 -7.39
N LYS C 268 18.39 22.75 -7.24
CA LYS C 268 18.05 23.70 -8.30
C LYS C 268 18.47 25.12 -7.91
N ALA C 269 19.48 25.23 -7.06
CA ALA C 269 19.97 26.53 -6.60
C ALA C 269 20.47 27.39 -7.76
N ARG C 270 21.04 26.74 -8.77
CA ARG C 270 21.63 27.44 -9.91
C ARG C 270 20.57 27.97 -10.87
N LYS C 271 19.32 27.53 -10.70
CA LYS C 271 18.22 28.03 -11.53
C LYS C 271 17.98 29.50 -11.27
N PHE C 272 18.25 29.92 -10.02
CA PHE C 272 18.06 31.31 -9.64
C PHE C 272 19.38 31.95 -9.21
N PHE C 273 20.07 31.26 -8.30
CA PHE C 273 21.22 31.86 -7.62
C PHE C 273 22.56 31.42 -8.19
N GLU C 274 23.62 32.06 -7.70
CA GLU C 274 24.96 31.75 -8.18
C GLU C 274 25.97 31.79 -7.04
N LYS C 275 26.84 30.79 -7.00
CA LYS C 275 27.96 30.76 -6.07
C LYS C 275 29.19 31.34 -6.77
N LEU C 276 29.68 32.48 -6.29
CA LEU C 276 30.83 33.15 -6.89
C LEU C 276 32.07 32.94 -5.99
N PRO C 277 33.29 32.92 -6.56
CA PRO C 277 34.54 32.40 -5.98
C PRO C 277 34.65 32.38 -4.45
N ASP C 278 34.18 33.43 -3.78
CA ASP C 278 34.22 33.48 -2.32
C ASP C 278 33.49 32.30 -1.71
N GLY C 279 32.20 32.19 -2.03
CA GLY C 279 31.34 31.16 -1.49
C GLY C 279 29.99 31.77 -1.17
N THR C 280 29.83 33.03 -1.55
CA THR C 280 28.60 33.77 -1.29
C THR C 280 27.63 33.69 -2.47
N TRP C 281 26.36 33.89 -2.18
CA TRP C 281 25.31 33.81 -3.19
C TRP C 281 24.61 35.16 -3.39
N ASN C 282 24.28 35.47 -4.65
CA ASN C 282 23.36 36.55 -4.97
C ASN C 282 22.44 36.15 -6.13
N LEU C 283 21.68 37.08 -6.71
CA LEU C 283 20.68 36.70 -7.71
C LEU C 283 20.98 37.10 -9.14
N LYS C 284 20.59 36.22 -10.05
CA LYS C 284 20.97 36.32 -11.46
C LYS C 284 19.99 37.13 -12.29
N LYS C 285 19.91 36.80 -13.57
CA LYS C 285 19.01 37.50 -14.49
C LYS C 285 17.56 37.24 -14.13
N LYS C 290 12.66 40.81 -20.56
CA LYS C 290 13.20 40.61 -19.22
C LYS C 290 12.45 41.46 -18.19
N ARG C 291 12.87 41.37 -16.93
CA ARG C 291 12.25 42.13 -15.86
C ARG C 291 13.28 42.69 -14.90
N GLU C 292 13.04 43.90 -14.41
CA GLU C 292 13.92 44.53 -13.44
C GLU C 292 13.40 44.28 -12.03
N TYR C 293 14.31 43.97 -11.11
CA TYR C 293 13.93 43.67 -9.73
C TYR C 293 14.60 44.61 -8.74
N LYS C 294 13.88 44.97 -7.68
CA LYS C 294 14.44 45.73 -6.59
C LYS C 294 15.51 44.88 -5.90
N PRO C 295 16.59 45.51 -5.44
CA PRO C 295 17.69 44.83 -4.75
C PRO C 295 17.20 43.96 -3.60
N PRO C 296 17.89 42.84 -3.33
CA PRO C 296 17.49 41.86 -2.31
C PRO C 296 17.25 42.46 -0.92
N GLY C 297 16.03 42.31 -0.42
CA GLY C 297 15.69 42.74 0.92
C GLY C 297 15.17 44.17 1.02
N THR C 298 15.10 44.85 -0.11
CA THR C 298 14.69 46.25 -0.14
C THR C 298 13.17 46.42 -0.06
N ARG C 299 12.43 45.55 -0.75
CA ARG C 299 10.98 45.60 -0.66
C ARG C 299 10.53 45.12 0.71
N LYS C 300 10.73 45.97 1.71
CA LYS C 300 10.45 45.61 3.10
C LYS C 300 8.97 45.32 3.32
N LEU C 301 8.69 44.24 4.03
CA LEU C 301 7.34 43.90 4.41
C LEU C 301 6.77 44.98 5.32
N HIS C 302 7.67 45.71 5.97
CA HIS C 302 7.34 46.83 6.83
C HIS C 302 6.49 47.87 6.09
N ASN C 303 6.87 48.17 4.85
CA ASN C 303 6.14 49.16 4.06
C ASN C 303 4.99 48.54 3.25
N ILE C 304 5.13 47.26 2.92
CA ILE C 304 4.07 46.54 2.22
C ILE C 304 2.80 46.54 3.07
N LEU C 305 2.96 46.27 4.36
CA LEU C 305 1.85 46.29 5.29
C LEU C 305 1.46 47.74 5.63
N GLY C 306 2.38 48.66 5.40
CA GLY C 306 2.17 50.05 5.73
C GLY C 306 2.14 50.24 7.23
N VAL C 307 3.17 49.72 7.89
CA VAL C 307 3.22 49.64 9.36
C VAL C 307 3.09 51.01 10.05
N GLU C 308 3.98 51.94 9.70
CA GLU C 308 3.99 53.24 10.37
C GLU C 308 3.27 54.30 9.55
N THR C 309 2.54 53.84 8.53
CA THR C 309 1.66 54.71 7.77
C THR C 309 0.22 54.31 8.03
N GLY C 310 -0.69 54.68 7.13
CA GLY C 310 -2.09 54.36 7.31
C GLY C 310 -2.46 52.95 6.88
N GLY C 311 -1.54 52.02 7.07
CA GLY C 311 -1.75 50.66 6.64
C GLY C 311 -1.51 50.53 5.15
N PRO C 312 -2.04 49.46 4.53
CA PRO C 312 -1.94 49.33 3.07
C PRO C 312 -2.71 50.44 2.37
N GLY C 313 -2.00 51.32 1.68
CA GLY C 313 -2.61 52.38 0.90
C GLY C 313 -3.05 53.58 1.72
N GLY C 314 -2.72 53.56 3.01
CA GLY C 314 -3.09 54.64 3.91
C GLY C 314 -4.59 54.70 4.20
N ARG C 315 -5.28 53.61 3.87
CA ARG C 315 -6.73 53.55 3.96
C ARG C 315 -7.21 53.11 5.35
N ARG C 316 -6.28 52.64 6.17
CA ARG C 316 -6.62 52.15 7.51
C ARG C 316 -6.18 53.12 8.58
N ALA C 317 -6.00 54.39 8.19
CA ALA C 317 -5.64 55.42 9.13
C ALA C 317 -6.87 55.94 9.86
N GLY C 318 -6.80 55.95 11.19
CA GLY C 318 -7.90 56.42 12.01
C GLY C 318 -8.89 55.33 12.36
N GLU C 319 -8.48 54.08 12.15
CA GLU C 319 -9.34 52.94 12.48
C GLU C 319 -8.84 52.21 13.72
N SER C 320 -9.76 51.60 14.44
CA SER C 320 -9.42 50.83 15.63
C SER C 320 -8.83 49.48 15.25
N GLY C 321 -7.99 48.93 16.12
CA GLY C 321 -7.37 47.64 15.87
C GLY C 321 -6.29 47.70 14.81
N HIS C 322 -5.83 48.92 14.52
CA HIS C 322 -4.77 49.11 13.54
C HIS C 322 -3.70 50.07 14.05
N THR C 323 -3.32 49.87 15.31
CA THR C 323 -2.25 50.63 15.94
C THR C 323 -0.93 50.21 15.31
N VAL C 324 0.09 51.06 15.39
CA VAL C 324 1.44 50.71 14.99
C VAL C 324 1.86 49.36 15.56
N ALA C 325 1.71 49.22 16.88
CA ALA C 325 2.15 48.03 17.62
C ALA C 325 1.58 46.72 17.08
N ASP C 326 0.33 46.75 16.65
CA ASP C 326 -0.32 45.57 16.09
C ASP C 326 0.37 45.11 14.82
N TYR C 327 0.69 46.06 13.95
CA TYR C 327 1.28 45.75 12.65
C TYR C 327 2.64 45.07 12.78
N LEU C 328 3.45 45.49 13.76
CA LEU C 328 4.73 44.83 14.00
C LEU C 328 4.52 43.42 14.53
N LYS C 329 3.53 43.26 15.40
CA LYS C 329 3.16 41.94 15.91
C LYS C 329 2.73 41.06 14.75
N PHE C 330 1.94 41.64 13.85
CA PHE C 330 1.50 40.94 12.64
C PHE C 330 2.68 40.68 11.72
N LYS C 331 3.58 41.66 11.61
CA LYS C 331 4.74 41.54 10.74
C LYS C 331 5.70 40.46 11.24
N ASP C 332 5.89 40.38 12.55
CA ASP C 332 6.82 39.43 13.12
C ASP C 332 6.37 37.98 12.94
N LEU C 333 5.08 37.74 13.14
CA LEU C 333 4.50 36.41 12.96
C LEU C 333 4.64 35.95 11.52
N ILE C 334 4.45 36.90 10.59
CA ILE C 334 4.60 36.60 9.17
C ILE C 334 6.03 36.24 8.83
N LEU C 335 6.98 37.02 9.35
CA LEU C 335 8.40 36.77 9.10
C LEU C 335 8.84 35.42 9.66
N ARG C 336 8.15 34.96 10.69
CA ARG C 336 8.40 33.63 11.24
C ARG C 336 7.85 32.55 10.31
N MET C 337 6.75 32.87 9.64
CA MET C 337 6.15 31.95 8.68
C MET C 337 6.92 31.96 7.36
N LEU C 338 7.58 33.08 7.09
CA LEU C 338 8.32 33.24 5.84
C LEU C 338 9.82 33.00 6.04
N ASP C 339 10.15 32.26 7.09
CA ASP C 339 11.52 31.83 7.32
C ASP C 339 11.98 30.92 6.18
N TYR C 340 13.11 31.24 5.58
CA TYR C 340 13.67 30.43 4.50
C TYR C 340 13.97 29.01 4.95
N ASP C 341 14.25 28.85 6.25
CA ASP C 341 14.65 27.57 6.80
C ASP C 341 13.45 26.81 7.35
N PRO C 342 13.09 25.69 6.69
CA PRO C 342 11.95 24.84 7.08
C PRO C 342 12.08 24.26 8.48
N LYS C 343 13.31 24.04 8.92
CA LYS C 343 13.56 23.43 10.23
C LYS C 343 13.34 24.42 11.37
N THR C 344 13.51 25.71 11.09
CA THR C 344 13.36 26.73 12.12
C THR C 344 12.16 27.63 11.86
N ARG C 345 11.47 27.38 10.75
CA ARG C 345 10.23 28.09 10.46
C ARG C 345 9.21 27.79 11.55
N ILE C 346 8.44 28.79 11.94
CA ILE C 346 7.53 28.68 13.07
C ILE C 346 6.52 27.53 12.88
N GLN C 347 6.25 26.82 13.97
CA GLN C 347 5.34 25.69 13.95
C GLN C 347 3.98 26.11 14.51
N PRO C 348 2.91 25.43 14.06
CA PRO C 348 1.52 25.78 14.42
C PRO C 348 1.28 26.02 15.91
N TYR C 349 1.87 25.18 16.77
CA TYR C 349 1.66 25.29 18.21
C TYR C 349 2.15 26.62 18.77
N TYR C 350 3.33 27.05 18.34
CA TYR C 350 3.93 28.27 18.86
C TYR C 350 3.36 29.52 18.19
N ALA C 351 2.85 29.35 16.97
CA ALA C 351 2.21 30.45 16.26
C ALA C 351 0.97 30.92 17.04
N LEU C 352 0.33 29.99 17.73
CA LEU C 352 -0.87 30.29 18.51
C LEU C 352 -0.55 31.02 19.82
N GLN C 353 0.71 31.02 20.21
CA GLN C 353 1.12 31.63 21.48
C GLN C 353 1.64 33.06 21.31
N HIS C 354 1.76 33.51 20.06
CA HIS C 354 2.33 34.82 19.72
C HIS C 354 1.38 35.94 20.16
N SER C 355 1.98 37.06 20.59
CA SER C 355 1.28 38.25 21.05
C SER C 355 0.09 38.71 20.20
N PHE C 356 0.17 38.46 18.90
CA PHE C 356 -0.85 38.87 17.94
C PHE C 356 -2.23 38.41 18.38
N PHE C 357 -2.35 37.14 18.74
CA PHE C 357 -3.63 36.59 19.19
C PHE C 357 -3.85 36.83 20.69
N LYS D 12 -2.26 33.51 -19.10
CA LYS D 12 -1.29 32.94 -18.17
C LYS D 12 -0.35 31.97 -18.87
N VAL D 13 0.81 31.74 -18.27
CA VAL D 13 1.79 30.79 -18.80
C VAL D 13 2.05 29.71 -17.75
N TYR D 14 2.14 28.46 -18.21
CA TYR D 14 2.18 27.32 -17.31
C TYR D 14 3.48 26.53 -17.42
N ASN D 15 4.03 26.14 -16.28
CA ASN D 15 5.29 25.39 -16.20
C ASN D 15 6.40 26.07 -16.98
N ASP D 16 6.67 27.32 -16.62
CA ASP D 16 7.68 28.16 -17.28
C ASP D 16 7.47 28.25 -18.80
N GLY D 17 6.25 27.96 -19.25
CA GLY D 17 5.91 28.07 -20.65
C GLY D 17 5.95 26.76 -21.42
N TYR D 18 6.50 25.72 -20.80
CA TYR D 18 6.65 24.42 -21.47
C TYR D 18 5.32 23.70 -21.65
N ASP D 19 4.33 24.04 -20.82
CA ASP D 19 3.04 23.36 -20.86
C ASP D 19 1.93 24.27 -21.37
N ASP D 20 0.86 23.66 -21.86
CA ASP D 20 -0.34 24.41 -22.24
C ASP D 20 -1.31 24.46 -21.07
N ASP D 21 -2.57 24.79 -21.34
CA ASP D 21 -3.58 24.86 -20.29
C ASP D 21 -4.17 23.49 -19.99
N ASN D 22 -3.75 22.49 -20.76
CA ASN D 22 -4.22 21.12 -20.58
C ASN D 22 -3.17 20.25 -19.91
N TYR D 23 -2.16 20.92 -19.32
CA TYR D 23 -1.07 20.27 -18.58
C TYR D 23 -0.19 19.39 -19.47
N ASP D 24 -0.43 19.44 -20.78
CA ASP D 24 0.37 18.69 -21.74
C ASP D 24 1.67 19.43 -22.05
N TYR D 25 2.73 18.68 -22.32
CA TYR D 25 3.98 19.27 -22.78
C TYR D 25 3.81 19.75 -24.22
N ILE D 26 4.13 21.01 -24.46
CA ILE D 26 4.02 21.57 -25.80
C ILE D 26 5.10 20.99 -26.70
N VAL D 27 4.68 20.08 -27.58
CA VAL D 27 5.62 19.35 -28.44
C VAL D 27 6.20 20.23 -29.55
N LYS D 28 7.51 20.32 -29.59
CA LYS D 28 8.21 21.01 -30.67
C LYS D 28 8.97 19.99 -31.51
N ASN D 29 8.59 19.84 -32.77
CA ASN D 29 9.29 18.94 -33.68
C ASN D 29 10.73 19.37 -33.89
N GLY D 30 11.66 18.43 -33.76
CA GLY D 30 13.07 18.72 -33.94
C GLY D 30 13.77 19.05 -32.63
N GLU D 31 13.00 19.35 -31.60
CA GLU D 31 13.56 19.69 -30.29
C GLU D 31 14.35 18.50 -29.72
N LYS D 32 15.45 18.79 -29.04
CA LYS D 32 16.29 17.74 -28.49
C LYS D 32 16.35 17.81 -26.97
N TRP D 33 16.27 16.63 -26.34
CA TRP D 33 16.27 16.54 -24.88
C TRP D 33 17.57 15.96 -24.35
N MET D 34 18.23 16.71 -23.47
CA MET D 34 19.38 16.22 -22.72
C MET D 34 20.50 15.70 -23.63
N ASP D 35 20.65 16.31 -24.80
CA ASP D 35 21.63 15.89 -25.81
C ASP D 35 21.52 14.40 -26.10
N ARG D 36 20.31 13.91 -26.28
CA ARG D 36 20.10 12.47 -26.49
C ARG D 36 18.92 12.17 -27.40
N TYR D 37 17.73 12.60 -26.98
CA TYR D 37 16.51 12.31 -27.72
C TYR D 37 16.11 13.47 -28.63
N GLU D 38 16.04 13.21 -29.93
CA GLU D 38 15.54 14.21 -30.86
C GLU D 38 14.08 13.91 -31.22
N ILE D 39 13.18 14.76 -30.76
CA ILE D 39 11.75 14.59 -31.02
C ILE D 39 11.44 14.75 -32.51
N ASP D 40 10.87 13.71 -33.10
CA ASP D 40 10.54 13.72 -34.52
C ASP D 40 9.14 14.28 -34.76
N SER D 41 8.14 13.61 -34.21
CA SER D 41 6.75 13.97 -34.43
C SER D 41 5.82 13.38 -33.37
N LEU D 42 4.58 13.86 -33.35
CA LEU D 42 3.57 13.32 -32.45
C LEU D 42 2.96 12.05 -33.03
N ILE D 43 2.88 11.01 -32.22
CA ILE D 43 2.26 9.76 -32.65
C ILE D 43 0.76 9.78 -32.37
N GLY D 44 0.40 10.12 -31.14
CA GLY D 44 -0.99 10.18 -30.74
C GLY D 44 -1.15 10.90 -29.41
N LYS D 45 -2.40 11.03 -28.96
CA LYS D 45 -2.68 11.71 -27.70
C LYS D 45 -3.80 11.00 -26.94
N GLY D 46 -3.83 11.20 -25.63
CA GLY D 46 -4.87 10.62 -24.80
C GLY D 46 -5.03 11.42 -23.51
N SER D 47 -5.89 10.92 -22.63
CA SER D 47 -6.11 11.57 -21.34
C SER D 47 -4.82 11.66 -20.54
N PHE D 48 -3.99 10.62 -20.66
CA PHE D 48 -2.71 10.54 -19.95
C PHE D 48 -1.75 11.64 -20.38
N GLY D 49 -1.84 12.06 -21.63
CA GLY D 49 -0.89 13.00 -22.20
C GLY D 49 -0.61 12.72 -23.66
N GLN D 50 0.66 12.63 -24.01
CA GLN D 50 1.06 12.46 -25.41
C GLN D 50 2.09 11.36 -25.62
N VAL D 51 2.15 10.84 -26.83
CA VAL D 51 3.21 9.92 -27.24
C VAL D 51 3.90 10.47 -28.47
N VAL D 52 5.22 10.62 -28.40
CA VAL D 52 5.97 11.17 -29.53
C VAL D 52 6.97 10.16 -30.09
N LYS D 53 7.25 10.30 -31.38
CA LYS D 53 8.32 9.55 -32.02
C LYS D 53 9.62 10.33 -31.84
N ALA D 54 10.65 9.66 -31.33
CA ALA D 54 11.92 10.32 -31.08
C ALA D 54 13.10 9.42 -31.40
N TYR D 55 14.22 10.03 -31.77
CA TYR D 55 15.44 9.26 -32.04
C TYR D 55 16.45 9.42 -30.93
N ASP D 56 16.84 8.28 -30.35
CA ASP D 56 17.87 8.24 -29.32
C ASP D 56 19.24 8.11 -29.98
N ARG D 57 20.07 9.15 -29.88
CA ARG D 57 21.41 9.11 -30.46
C ARG D 57 22.30 8.15 -29.68
N VAL D 58 22.21 8.24 -28.36
CA VAL D 58 23.05 7.44 -27.46
C VAL D 58 22.98 5.95 -27.78
N GLU D 59 21.76 5.46 -27.94
CA GLU D 59 21.55 4.04 -28.26
C GLU D 59 21.44 3.84 -29.78
N GLN D 60 21.34 4.94 -30.51
CA GLN D 60 21.19 4.91 -31.98
C GLN D 60 20.01 4.05 -32.41
N GLU D 61 18.82 4.45 -31.97
CA GLU D 61 17.60 3.71 -32.28
C GLU D 61 16.38 4.61 -32.08
N TRP D 62 15.30 4.31 -32.81
CA TRP D 62 14.05 5.05 -32.63
C TRP D 62 13.34 4.58 -31.37
N VAL D 63 12.68 5.51 -30.70
CA VAL D 63 11.89 5.18 -29.52
C VAL D 63 10.57 5.92 -29.52
N ALA D 64 9.59 5.40 -28.78
CA ALA D 64 8.35 6.11 -28.53
C ALA D 64 8.35 6.61 -27.10
N ILE D 65 8.17 7.91 -26.92
CA ILE D 65 8.19 8.49 -25.58
C ILE D 65 6.79 8.91 -25.15
N LYS D 66 6.29 8.28 -24.11
CA LYS D 66 4.99 8.62 -23.54
C LYS D 66 5.13 9.73 -22.51
N ILE D 67 4.75 10.94 -22.90
CA ILE D 67 4.89 12.10 -22.03
C ILE D 67 3.64 12.30 -21.18
N ILE D 68 3.73 11.97 -19.90
CA ILE D 68 2.60 12.09 -18.99
C ILE D 68 2.35 13.55 -18.63
N LYS D 69 1.07 13.94 -18.55
CA LYS D 69 0.69 15.29 -18.19
C LYS D 69 1.25 15.70 -16.84
N ASN D 70 1.54 16.99 -16.69
CA ASN D 70 2.14 17.51 -15.46
C ASN D 70 1.09 17.86 -14.40
N LYS D 71 0.51 16.83 -13.82
CA LYS D 71 -0.34 16.99 -12.63
C LYS D 71 -0.47 15.65 -11.92
N LYS D 72 -0.65 15.71 -10.60
CA LYS D 72 -0.55 14.55 -9.72
C LYS D 72 -1.41 13.35 -10.12
N ALA D 73 -2.60 13.61 -10.63
CA ALA D 73 -3.54 12.54 -10.97
C ALA D 73 -2.98 11.61 -12.05
N PHE D 74 -2.46 12.19 -13.13
CA PHE D 74 -1.92 11.40 -14.22
C PHE D 74 -0.55 10.83 -13.89
N LEU D 75 0.20 11.55 -13.07
CA LEU D 75 1.52 11.10 -12.63
C LEU D 75 1.41 9.81 -11.82
N ASN D 76 0.53 9.81 -10.83
CA ASN D 76 0.31 8.65 -9.98
C ASN D 76 -0.23 7.46 -10.75
N GLN D 77 -1.06 7.73 -11.75
CA GLN D 77 -1.61 6.67 -12.60
C GLN D 77 -0.51 6.05 -13.44
N ALA D 78 0.37 6.89 -13.99
CA ALA D 78 1.46 6.43 -14.83
C ALA D 78 2.46 5.58 -14.03
N GLN D 79 2.61 5.91 -12.75
CA GLN D 79 3.52 5.16 -11.87
C GLN D 79 3.03 3.73 -11.67
N ILE D 80 1.72 3.52 -11.85
CA ILE D 80 1.15 2.19 -11.78
C ILE D 80 1.57 1.36 -12.99
N GLU D 81 1.48 1.96 -14.17
CA GLU D 81 1.88 1.30 -15.42
C GLU D 81 3.35 0.95 -15.39
N VAL D 82 4.17 1.87 -14.89
CA VAL D 82 5.61 1.66 -14.76
C VAL D 82 5.92 0.47 -13.86
N ARG D 83 5.20 0.37 -12.75
CA ARG D 83 5.42 -0.71 -11.79
C ARG D 83 5.08 -2.06 -12.41
N LEU D 84 3.95 -2.12 -13.12
CA LEU D 84 3.54 -3.36 -13.78
C LEU D 84 4.51 -3.73 -14.89
N LEU D 85 4.93 -2.74 -15.68
CA LEU D 85 5.86 -2.98 -16.77
C LEU D 85 7.22 -3.44 -16.26
N GLU D 86 7.71 -2.81 -15.21
CA GLU D 86 8.98 -3.21 -14.62
C GLU D 86 8.84 -4.59 -13.98
N LEU D 87 7.65 -4.89 -13.48
CA LEU D 87 7.39 -6.20 -12.87
C LEU D 87 7.56 -7.30 -13.91
N MET D 88 7.13 -7.04 -15.14
CA MET D 88 7.24 -8.00 -16.22
C MET D 88 8.69 -8.19 -16.66
N ASN D 89 9.49 -7.15 -16.52
CA ASN D 89 10.91 -7.21 -16.89
C ASN D 89 11.69 -8.23 -16.08
N LYS D 90 11.22 -8.50 -14.87
CA LYS D 90 11.94 -9.37 -13.93
C LYS D 90 11.81 -10.86 -14.24
N HIS D 91 11.05 -11.21 -15.28
CA HIS D 91 10.77 -12.61 -15.56
C HIS D 91 11.62 -13.17 -16.70
N ASP D 92 12.06 -14.42 -16.51
CA ASP D 92 13.00 -15.08 -17.42
C ASP D 92 12.37 -15.53 -18.74
N THR D 93 11.06 -15.78 -18.72
CA THR D 93 10.37 -16.36 -19.86
C THR D 93 10.48 -15.53 -21.14
N GLU D 94 10.29 -16.18 -22.28
CA GLU D 94 10.36 -15.51 -23.57
C GLU D 94 9.00 -14.95 -23.98
N MET D 95 7.96 -15.31 -23.22
CA MET D 95 6.60 -14.86 -23.52
C MET D 95 6.44 -13.35 -23.30
N LYS D 96 7.43 -12.75 -22.65
CA LYS D 96 7.44 -11.31 -22.41
C LYS D 96 7.58 -10.54 -23.73
N TYR D 97 8.08 -11.21 -24.75
CA TYR D 97 8.34 -10.62 -26.06
C TYR D 97 7.09 -9.98 -26.68
N TYR D 98 5.92 -10.52 -26.39
CA TYR D 98 4.68 -10.05 -27.00
C TYR D 98 4.10 -8.85 -26.27
N ILE D 99 4.91 -8.21 -25.43
CA ILE D 99 4.51 -7.00 -24.74
C ILE D 99 5.53 -5.90 -24.98
N VAL D 100 5.04 -4.74 -25.41
CA VAL D 100 5.90 -3.60 -25.74
C VAL D 100 6.78 -3.24 -24.55
N HIS D 101 8.09 -3.31 -24.76
CA HIS D 101 9.05 -3.15 -23.69
C HIS D 101 9.25 -1.69 -23.26
N LEU D 102 9.28 -1.47 -21.95
CA LEU D 102 9.64 -0.18 -21.39
C LEU D 102 11.15 -0.13 -21.21
N LYS D 103 11.83 0.66 -22.05
CA LYS D 103 13.28 0.72 -22.01
C LYS D 103 13.77 1.45 -20.76
N ARG D 104 13.12 2.57 -20.45
CA ARG D 104 13.45 3.34 -19.26
C ARG D 104 12.40 4.42 -18.99
N HIS D 105 12.49 5.05 -17.83
CA HIS D 105 11.63 6.19 -17.51
C HIS D 105 12.40 7.26 -16.74
N PHE D 106 12.07 8.51 -16.99
CA PHE D 106 12.73 9.62 -16.32
C PHE D 106 11.81 10.83 -16.19
N MET D 107 12.21 11.77 -15.35
CA MET D 107 11.48 13.04 -15.22
C MET D 107 12.16 14.11 -16.07
N PHE D 108 11.36 14.83 -16.85
CA PHE D 108 11.90 15.87 -17.73
C PHE D 108 10.97 17.08 -17.77
N ARG D 109 11.43 18.18 -17.21
CA ARG D 109 10.65 19.42 -17.13
C ARG D 109 9.29 19.16 -16.48
N ASN D 110 9.33 18.45 -15.34
CA ASN D 110 8.14 18.12 -14.55
C ASN D 110 7.17 17.20 -15.28
N HIS D 111 7.67 16.43 -16.23
CA HIS D 111 6.86 15.45 -16.94
C HIS D 111 7.47 14.06 -16.83
N LEU D 112 6.68 13.10 -16.36
CA LEU D 112 7.12 11.71 -16.36
C LEU D 112 7.16 11.20 -17.80
N CYS D 113 8.30 10.69 -18.21
CA CYS D 113 8.47 10.19 -19.57
C CYS D 113 8.77 8.71 -19.59
N LEU D 114 7.98 7.97 -20.37
CA LEU D 114 8.18 6.53 -20.50
C LEU D 114 8.72 6.22 -21.89
N VAL D 115 9.89 5.61 -21.95
CA VAL D 115 10.52 5.30 -23.24
C VAL D 115 10.28 3.86 -23.63
N PHE D 116 9.57 3.67 -24.74
CA PHE D 116 9.27 2.34 -25.25
C PHE D 116 10.04 2.06 -26.53
N GLU D 117 10.11 0.78 -26.90
CA GLU D 117 10.61 0.42 -28.22
C GLU D 117 9.66 0.98 -29.27
N MET D 118 10.19 1.27 -30.46
CA MET D 118 9.39 1.95 -31.47
C MET D 118 8.67 1.00 -32.41
N LEU D 119 7.35 1.00 -32.33
CA LEU D 119 6.48 0.38 -33.31
C LEU D 119 5.61 1.49 -33.87
N SER D 120 4.96 1.26 -35.00
CA SER D 120 4.33 2.36 -35.71
C SER D 120 2.80 2.33 -35.77
N TYR D 121 2.22 1.26 -36.29
CA TYR D 121 0.77 1.24 -36.50
C TYR D 121 0.06 0.07 -35.82
N ASN D 122 -1.14 0.34 -35.32
CA ASN D 122 -1.92 -0.66 -34.60
C ASN D 122 -2.85 -1.46 -35.52
N LEU D 123 -3.55 -2.44 -34.94
CA LEU D 123 -4.41 -3.32 -35.73
C LEU D 123 -5.62 -2.60 -36.30
N TYR D 124 -6.01 -1.49 -35.68
CA TYR D 124 -7.12 -0.70 -36.22
C TYR D 124 -6.67 0.02 -37.49
N ASP D 125 -5.41 0.44 -37.51
CA ASP D 125 -4.82 1.04 -38.71
C ASP D 125 -4.79 0.02 -39.83
N LEU D 126 -4.50 -1.24 -39.48
CA LEU D 126 -4.44 -2.32 -40.45
C LEU D 126 -5.82 -2.58 -41.07
N LEU D 127 -6.85 -2.57 -40.22
CA LEU D 127 -8.22 -2.77 -40.70
C LEU D 127 -8.66 -1.62 -41.61
N ARG D 128 -8.19 -0.41 -41.32
CA ARG D 128 -8.53 0.74 -42.14
C ARG D 128 -7.85 0.64 -43.51
N ASN D 129 -6.65 0.05 -43.53
CA ASN D 129 -5.93 -0.16 -44.78
C ASN D 129 -6.59 -1.23 -45.65
N THR D 130 -7.28 -2.16 -45.00
CA THR D 130 -8.07 -3.16 -45.72
C THR D 130 -9.45 -2.59 -46.02
N ASN D 131 -9.65 -1.32 -45.67
CA ASN D 131 -10.93 -0.64 -45.78
C ASN D 131 -12.01 -1.39 -45.01
N PHE D 132 -11.61 -1.96 -43.87
CA PHE D 132 -12.50 -2.70 -42.99
C PHE D 132 -13.15 -3.90 -43.68
N ARG D 133 -12.37 -4.56 -44.54
CA ARG D 133 -12.83 -5.79 -45.19
C ARG D 133 -12.33 -7.00 -44.42
N GLY D 134 -11.30 -6.80 -43.60
CA GLY D 134 -10.76 -7.84 -42.76
C GLY D 134 -9.52 -8.51 -43.34
N VAL D 135 -8.68 -9.04 -42.45
CA VAL D 135 -7.48 -9.77 -42.88
C VAL D 135 -7.81 -11.25 -43.08
N SER D 136 -6.83 -11.99 -43.60
CA SER D 136 -7.03 -13.41 -43.89
C SER D 136 -7.23 -14.21 -42.61
N LEU D 137 -7.75 -15.43 -42.76
CA LEU D 137 -7.91 -16.34 -41.63
C LEU D 137 -6.54 -16.81 -41.14
N ASN D 138 -5.62 -16.99 -42.08
CA ASN D 138 -4.25 -17.39 -41.76
C ASN D 138 -3.55 -16.35 -40.89
N LEU D 139 -3.70 -15.08 -41.25
CA LEU D 139 -3.08 -14.00 -40.49
C LEU D 139 -3.75 -13.85 -39.13
N THR D 140 -5.06 -14.02 -39.10
CA THR D 140 -5.83 -13.96 -37.85
C THR D 140 -5.36 -15.05 -36.90
N ARG D 141 -5.00 -16.20 -37.45
CA ARG D 141 -4.50 -17.32 -36.66
C ARG D 141 -3.20 -16.98 -35.94
N LYS D 142 -2.30 -16.29 -36.64
CA LYS D 142 -1.02 -15.90 -36.07
C LYS D 142 -1.17 -14.81 -35.02
N PHE D 143 -2.09 -13.88 -35.27
CA PHE D 143 -2.40 -12.86 -34.29
C PHE D 143 -2.97 -13.49 -33.03
N ALA D 144 -3.85 -14.47 -33.22
CA ALA D 144 -4.50 -15.17 -32.11
C ALA D 144 -3.49 -15.95 -31.27
N GLN D 145 -2.54 -16.59 -31.93
CA GLN D 145 -1.54 -17.40 -31.23
C GLN D 145 -0.62 -16.54 -30.38
N GLN D 146 -0.25 -15.38 -30.90
CA GLN D 146 0.62 -14.45 -30.17
C GLN D 146 -0.11 -13.86 -28.97
N MET D 147 -1.35 -13.42 -29.18
CA MET D 147 -2.16 -12.83 -28.13
C MET D 147 -2.42 -13.82 -26.99
N CYS D 148 -2.73 -15.06 -27.36
CA CYS D 148 -2.97 -16.11 -26.37
C CYS D 148 -1.70 -16.39 -25.56
N THR D 149 -0.55 -16.26 -26.22
CA THR D 149 0.73 -16.42 -25.55
C THR D 149 0.96 -15.27 -24.58
N ALA D 150 0.61 -14.06 -25.02
CA ALA D 150 0.76 -12.87 -24.19
C ALA D 150 -0.15 -12.94 -22.96
N LEU D 151 -1.36 -13.45 -23.15
CA LEU D 151 -2.31 -13.60 -22.05
C LEU D 151 -1.84 -14.67 -21.07
N LEU D 152 -1.14 -15.68 -21.58
CA LEU D 152 -0.57 -16.72 -20.75
C LEU D 152 0.51 -16.15 -19.84
N PHE D 153 1.35 -15.28 -20.40
CA PHE D 153 2.40 -14.62 -19.64
C PHE D 153 1.81 -13.78 -18.51
N LEU D 154 0.78 -13.00 -18.83
CA LEU D 154 0.09 -12.18 -17.84
C LEU D 154 -0.58 -13.05 -16.77
N ALA D 155 -0.92 -14.28 -17.14
CA ALA D 155 -1.66 -15.17 -16.27
C ALA D 155 -0.76 -15.87 -15.24
N THR D 156 0.55 -15.68 -15.39
CA THR D 156 1.52 -16.19 -14.43
C THR D 156 1.12 -15.75 -13.02
N PRO D 157 0.93 -16.72 -12.11
CA PRO D 157 0.39 -16.50 -10.75
C PRO D 157 1.00 -15.32 -10.01
N GLU D 158 2.31 -15.14 -10.13
CA GLU D 158 2.98 -14.04 -9.45
C GLU D 158 2.65 -12.70 -10.10
N LEU D 159 2.33 -12.74 -11.39
CA LEU D 159 1.92 -11.54 -12.11
C LEU D 159 0.42 -11.31 -11.97
N SER D 160 -0.37 -12.23 -12.54
CA SER D 160 -1.83 -12.15 -12.53
C SER D 160 -2.32 -10.77 -12.98
N ILE D 161 -1.75 -10.28 -14.07
CA ILE D 161 -2.09 -8.96 -14.56
C ILE D 161 -3.28 -8.99 -15.52
N ILE D 162 -4.26 -8.14 -15.25
CA ILE D 162 -5.36 -7.92 -16.18
C ILE D 162 -5.08 -6.66 -17.00
N HIS D 163 -4.93 -6.83 -18.32
CA HIS D 163 -4.71 -5.67 -19.18
C HIS D 163 -5.92 -4.75 -19.11
N CYS D 164 -7.11 -5.35 -19.14
CA CYS D 164 -8.38 -4.68 -18.84
C CYS D 164 -8.80 -3.67 -19.91
N ASP D 165 -8.07 -3.60 -21.01
CA ASP D 165 -8.42 -2.69 -22.09
C ASP D 165 -7.90 -3.17 -23.43
N LEU D 166 -8.07 -4.46 -23.70
CA LEU D 166 -7.65 -5.04 -24.98
C LEU D 166 -8.55 -4.58 -26.11
N LYS D 167 -7.93 -4.18 -27.22
CA LYS D 167 -8.63 -3.71 -28.40
C LYS D 167 -7.60 -3.54 -29.51
N PRO D 168 -8.04 -3.52 -30.79
CA PRO D 168 -7.12 -3.37 -31.92
C PRO D 168 -6.19 -2.16 -31.77
N GLU D 169 -6.70 -1.13 -31.10
CA GLU D 169 -5.99 0.12 -30.94
C GLU D 169 -4.81 0.00 -29.98
N ASN D 170 -4.84 -1.03 -29.13
CA ASN D 170 -3.75 -1.27 -28.18
C ASN D 170 -2.87 -2.45 -28.57
N ILE D 171 -3.01 -2.92 -29.80
CA ILE D 171 -2.16 -3.99 -30.32
C ILE D 171 -1.34 -3.48 -31.48
N LEU D 172 -0.01 -3.49 -31.32
CA LEU D 172 0.88 -2.87 -32.28
C LEU D 172 1.61 -3.87 -33.16
N LEU D 173 1.84 -3.49 -34.42
CA LEU D 173 2.61 -4.30 -35.36
C LEU D 173 4.07 -3.89 -35.34
N CYS D 174 4.96 -4.89 -35.31
CA CYS D 174 6.39 -4.63 -35.44
C CYS D 174 6.68 -4.11 -36.83
N ASN D 175 5.91 -4.60 -37.80
CA ASN D 175 6.09 -4.27 -39.20
C ASN D 175 4.79 -4.46 -39.97
N PRO D 176 4.33 -3.42 -40.67
CA PRO D 176 3.08 -3.44 -41.44
C PRO D 176 2.99 -4.60 -42.44
N LYS D 177 4.12 -5.23 -42.76
CA LYS D 177 4.13 -6.34 -43.69
C LYS D 177 4.39 -7.67 -42.97
N ARG D 178 4.72 -7.60 -41.69
CA ARG D 178 4.99 -8.79 -40.89
C ARG D 178 3.81 -9.12 -39.97
N SER D 179 3.86 -10.29 -39.35
CA SER D 179 2.74 -10.75 -38.52
C SER D 179 3.00 -10.59 -37.02
N ALA D 180 4.23 -10.23 -36.66
CA ALA D 180 4.59 -10.07 -35.26
C ALA D 180 3.85 -8.91 -34.62
N ILE D 181 3.30 -9.14 -33.43
CA ILE D 181 2.57 -8.09 -32.70
C ILE D 181 3.00 -8.00 -31.24
N LYS D 182 2.68 -6.86 -30.62
CA LYS D 182 2.95 -6.64 -29.21
C LYS D 182 1.79 -5.86 -28.58
N ILE D 183 1.51 -6.13 -27.30
CA ILE D 183 0.45 -5.44 -26.59
C ILE D 183 0.99 -4.16 -25.93
N VAL D 184 0.23 -3.07 -26.04
CA VAL D 184 0.66 -1.80 -25.49
C VAL D 184 -0.40 -1.21 -24.54
N ASP D 185 0.01 -0.22 -23.75
CA ASP D 185 -0.87 0.54 -22.86
C ASP D 185 -1.38 -0.29 -21.69
N PHE D 186 -0.61 -0.32 -20.60
CA PHE D 186 -1.04 -0.97 -19.38
C PHE D 186 -1.46 0.06 -18.34
N GLY D 187 -1.99 1.19 -18.81
CA GLY D 187 -2.42 2.28 -17.95
C GLY D 187 -3.74 2.02 -17.27
N SER D 188 -4.57 1.18 -17.89
CA SER D 188 -5.85 0.80 -17.30
C SER D 188 -5.72 -0.55 -16.61
N SER D 189 -4.53 -1.12 -16.67
CA SER D 189 -4.29 -2.46 -16.15
C SER D 189 -4.19 -2.49 -14.63
N CYS D 190 -4.35 -3.69 -14.08
CA CYS D 190 -4.20 -3.95 -12.65
C CYS D 190 -4.03 -5.44 -12.43
N GLN D 191 -3.42 -5.81 -11.31
CA GLN D 191 -3.30 -7.21 -10.95
C GLN D 191 -4.61 -7.70 -10.34
N LEU D 192 -4.77 -9.02 -10.27
CA LEU D 192 -5.96 -9.63 -9.68
C LEU D 192 -6.12 -9.20 -8.23
N GLY D 193 -7.34 -8.84 -7.85
CA GLY D 193 -7.62 -8.39 -6.50
C GLY D 193 -9.09 -8.14 -6.26
N GLN D 194 -9.42 -7.55 -5.11
CA GLN D 194 -10.80 -7.22 -4.80
C GLN D 194 -11.29 -6.11 -5.73
N ARG D 195 -12.59 -6.13 -6.03
CA ARG D 195 -13.15 -5.20 -6.99
C ARG D 195 -13.15 -3.76 -6.47
N ILE D 196 -12.58 -2.86 -7.26
CA ILE D 196 -12.57 -1.43 -6.93
C ILE D 196 -13.32 -0.67 -8.02
N TYR D 197 -13.22 -1.15 -9.25
CA TYR D 197 -13.85 -0.50 -10.40
C TYR D 197 -14.89 -1.41 -11.04
N GLN D 198 -15.96 -0.81 -11.56
CA GLN D 198 -17.02 -1.58 -12.22
C GLN D 198 -17.22 -1.15 -13.67
N PTR D 199 -16.88 0.10 -13.96
CA PTR D 199 -16.99 0.61 -15.32
C PTR D 199 -15.61 0.52 -15.98
O PTR D 199 -14.84 1.47 -15.99
CB PTR D 199 -17.49 2.06 -15.29
CG PTR D 199 -17.94 2.60 -16.63
CD1 PTR D 199 -19.05 2.09 -17.28
CD2 PTR D 199 -17.25 3.66 -17.23
CE1 PTR D 199 -19.47 2.60 -18.50
CE2 PTR D 199 -17.68 4.17 -18.45
CZ PTR D 199 -18.78 3.64 -19.08
OH PTR D 199 -19.18 4.13 -20.22
P PTR D 199 -18.69 3.54 -21.63
O1P PTR D 199 -17.28 2.92 -21.50
O2P PTR D 199 -18.67 4.68 -22.68
O3P PTR D 199 -19.67 2.51 -22.07
N ILE D 200 -15.31 -0.66 -16.54
CA ILE D 200 -14.01 -0.92 -17.13
C ILE D 200 -14.11 -1.52 -18.52
N GLN D 201 -12.98 -1.57 -19.22
CA GLN D 201 -12.88 -2.04 -20.61
C GLN D 201 -13.60 -1.13 -21.59
N SER D 202 -13.13 -1.12 -22.83
CA SER D 202 -13.83 -0.40 -23.90
C SER D 202 -15.12 -1.15 -24.21
N ARG D 203 -16.20 -0.40 -24.41
CA ARG D 203 -17.56 -0.96 -24.50
C ARG D 203 -17.68 -2.13 -25.48
N PHE D 204 -17.11 -1.98 -26.67
CA PHE D 204 -17.20 -3.01 -27.70
C PHE D 204 -16.61 -4.34 -27.25
N TYR D 205 -15.69 -4.28 -26.31
CA TYR D 205 -14.96 -5.46 -25.86
C TYR D 205 -15.17 -5.72 -24.38
N ARG D 206 -16.24 -5.17 -23.85
CA ARG D 206 -16.59 -5.33 -22.45
C ARG D 206 -17.25 -6.68 -22.19
N SER D 207 -16.75 -7.39 -21.19
CA SER D 207 -17.24 -8.72 -20.86
C SER D 207 -18.63 -8.69 -20.25
N PRO D 208 -19.37 -9.82 -20.35
CA PRO D 208 -20.70 -9.94 -19.72
C PRO D 208 -20.66 -9.68 -18.22
N GLU D 209 -19.66 -10.24 -17.53
CA GLU D 209 -19.56 -10.11 -16.08
C GLU D 209 -19.40 -8.64 -15.66
N VAL D 210 -18.68 -7.86 -16.46
CA VAL D 210 -18.52 -6.45 -16.18
C VAL D 210 -19.83 -5.71 -16.44
N LEU D 211 -20.48 -6.06 -17.54
CA LEU D 211 -21.78 -5.49 -17.88
C LEU D 211 -22.83 -5.81 -16.83
N LEU D 212 -22.73 -6.99 -16.24
CA LEU D 212 -23.72 -7.46 -15.28
C LEU D 212 -23.34 -7.11 -13.83
N GLY D 213 -22.22 -6.40 -13.68
CA GLY D 213 -21.77 -5.96 -12.37
C GLY D 213 -21.36 -7.11 -11.46
N MET D 214 -20.83 -8.17 -12.06
CA MET D 214 -20.45 -9.36 -11.32
C MET D 214 -18.94 -9.37 -11.02
N PRO D 215 -18.48 -10.29 -10.15
CA PRO D 215 -17.03 -10.44 -9.98
C PRO D 215 -16.32 -10.76 -11.27
N TYR D 216 -15.09 -10.28 -11.43
CA TYR D 216 -14.33 -10.53 -12.64
C TYR D 216 -12.86 -10.79 -12.35
N ASP D 217 -12.19 -11.46 -13.28
CA ASP D 217 -10.77 -11.73 -13.16
C ASP D 217 -10.09 -11.61 -14.51
N LEU D 218 -9.03 -12.37 -14.73
CA LEU D 218 -8.24 -12.28 -15.95
C LEU D 218 -8.99 -12.77 -17.18
N ALA D 219 -10.10 -13.48 -16.95
CA ALA D 219 -10.88 -14.07 -18.04
C ALA D 219 -11.53 -12.99 -18.92
N ILE D 220 -11.65 -11.78 -18.40
CA ILE D 220 -12.26 -10.69 -19.17
C ILE D 220 -11.39 -10.31 -20.36
N ASP D 221 -10.09 -10.52 -20.24
CA ASP D 221 -9.17 -10.26 -21.34
C ASP D 221 -9.40 -11.26 -22.46
N MET D 222 -9.77 -12.48 -22.08
CA MET D 222 -10.04 -13.54 -23.05
C MET D 222 -11.30 -13.21 -23.86
N TRP D 223 -12.31 -12.65 -23.19
CA TRP D 223 -13.52 -12.21 -23.86
C TRP D 223 -13.18 -11.14 -24.89
N SER D 224 -12.40 -10.15 -24.46
CA SER D 224 -11.97 -9.07 -25.33
C SER D 224 -11.25 -9.62 -26.56
N LEU D 225 -10.38 -10.60 -26.33
CA LEU D 225 -9.62 -11.23 -27.40
C LEU D 225 -10.55 -11.87 -28.42
N GLY D 226 -11.59 -12.55 -27.94
CA GLY D 226 -12.56 -13.19 -28.79
C GLY D 226 -13.22 -12.22 -29.75
N CYS D 227 -13.64 -11.08 -29.23
CA CYS D 227 -14.25 -10.03 -30.04
C CYS D 227 -13.26 -9.49 -31.06
N ILE D 228 -12.02 -9.31 -30.63
CA ILE D 228 -10.96 -8.77 -31.48
C ILE D 228 -10.68 -9.67 -32.68
N LEU D 229 -10.51 -10.96 -32.42
CA LEU D 229 -10.16 -11.92 -33.47
C LEU D 229 -11.21 -12.00 -34.56
N VAL D 230 -12.48 -11.93 -34.18
CA VAL D 230 -13.56 -11.91 -35.15
C VAL D 230 -13.53 -10.60 -35.94
N GLU D 231 -13.27 -9.51 -35.24
CA GLU D 231 -13.18 -8.20 -35.87
C GLU D 231 -12.03 -8.14 -36.87
N MET D 232 -10.94 -8.82 -36.56
CA MET D 232 -9.78 -8.85 -37.44
C MET D 232 -10.13 -9.50 -38.77
N HIS D 233 -10.93 -10.57 -38.73
CA HIS D 233 -11.28 -11.30 -39.94
C HIS D 233 -12.48 -10.67 -40.65
N THR D 234 -13.36 -10.04 -39.89
CA THR D 234 -14.55 -9.43 -40.48
C THR D 234 -14.31 -7.99 -40.89
N GLY D 235 -13.38 -7.32 -40.21
CA GLY D 235 -13.06 -5.94 -40.49
C GLY D 235 -13.94 -4.97 -39.72
N GLU D 236 -14.94 -5.52 -39.04
CA GLU D 236 -15.88 -4.72 -38.25
C GLU D 236 -16.07 -5.33 -36.87
N PRO D 237 -16.32 -4.48 -35.85
CA PRO D 237 -16.52 -4.97 -34.49
C PRO D 237 -17.68 -5.95 -34.39
N LEU D 238 -17.47 -7.03 -33.65
CA LEU D 238 -18.50 -8.05 -33.46
C LEU D 238 -19.69 -7.47 -32.69
N PHE D 239 -19.39 -6.77 -31.60
CA PHE D 239 -20.42 -6.18 -30.75
C PHE D 239 -20.25 -4.66 -30.66
N SER D 240 -20.89 -3.94 -31.56
CA SER D 240 -20.76 -2.49 -31.61
C SER D 240 -21.93 -1.78 -30.94
N GLY D 241 -22.10 -2.02 -29.63
CA GLY D 241 -23.16 -1.37 -28.88
C GLY D 241 -22.90 0.11 -28.68
N ALA D 242 -23.94 0.92 -28.82
CA ALA D 242 -23.82 2.36 -28.61
C ALA D 242 -23.90 2.70 -27.13
N ASN D 243 -24.42 1.75 -26.36
CA ASN D 243 -24.48 1.89 -24.90
C ASN D 243 -24.45 0.51 -24.26
N GLU D 244 -24.43 0.45 -22.94
CA GLU D 244 -24.36 -0.83 -22.23
C GLU D 244 -25.53 -1.74 -22.56
N VAL D 245 -26.73 -1.17 -22.60
CA VAL D 245 -27.92 -1.93 -22.94
C VAL D 245 -27.86 -2.42 -24.39
N ASP D 246 -27.45 -1.52 -25.29
CA ASP D 246 -27.29 -1.89 -26.70
C ASP D 246 -26.17 -2.90 -26.86
N GLN D 247 -25.17 -2.81 -25.98
CA GLN D 247 -24.03 -3.72 -26.00
C GLN D 247 -24.48 -5.15 -25.69
N MET D 248 -25.19 -5.31 -24.58
CA MET D 248 -25.67 -6.62 -24.16
C MET D 248 -26.63 -7.22 -25.18
N ASN D 249 -27.50 -6.39 -25.74
CA ASN D 249 -28.45 -6.84 -26.74
C ASN D 249 -27.77 -7.40 -27.99
N LYS D 250 -26.71 -6.73 -28.42
CA LYS D 250 -25.94 -7.22 -29.57
C LYS D 250 -25.25 -8.54 -29.24
N ILE D 251 -24.86 -8.70 -27.98
CA ILE D 251 -24.27 -9.95 -27.52
C ILE D 251 -25.30 -11.07 -27.52
N VAL D 252 -26.50 -10.77 -27.02
CA VAL D 252 -27.58 -11.73 -26.94
C VAL D 252 -28.02 -12.20 -28.34
N GLU D 253 -27.96 -11.30 -29.31
CA GLU D 253 -28.30 -11.64 -30.69
C GLU D 253 -27.41 -12.78 -31.21
N VAL D 254 -26.19 -12.85 -30.71
CA VAL D 254 -25.22 -13.83 -31.19
C VAL D 254 -25.14 -15.05 -30.27
N LEU D 255 -25.13 -14.82 -28.96
CA LEU D 255 -24.88 -15.89 -28.00
C LEU D 255 -26.12 -16.28 -27.19
N GLY D 256 -27.27 -15.74 -27.56
CA GLY D 256 -28.52 -16.06 -26.87
C GLY D 256 -28.59 -15.48 -25.47
N ILE D 257 -29.63 -15.86 -24.74
CA ILE D 257 -29.82 -15.40 -23.36
C ILE D 257 -28.79 -16.07 -22.45
N PRO D 258 -28.07 -15.26 -21.65
CA PRO D 258 -27.11 -15.76 -20.67
C PRO D 258 -27.76 -16.81 -19.75
N PRO D 259 -26.97 -17.82 -19.33
CA PRO D 259 -27.50 -18.90 -18.48
C PRO D 259 -28.14 -18.37 -17.21
N ALA D 260 -29.18 -19.05 -16.73
CA ALA D 260 -29.95 -18.59 -15.59
C ALA D 260 -29.10 -18.52 -14.32
N HIS D 261 -28.14 -19.42 -14.18
CA HIS D 261 -27.34 -19.51 -12.98
C HIS D 261 -26.42 -18.30 -12.82
N ILE D 262 -26.20 -17.58 -13.92
CA ILE D 262 -25.42 -16.35 -13.89
C ILE D 262 -26.30 -15.14 -13.60
N LEU D 263 -27.42 -15.04 -14.30
CA LEU D 263 -28.31 -13.90 -14.17
C LEU D 263 -28.92 -13.79 -12.77
N ASP D 264 -29.02 -14.92 -12.08
CA ASP D 264 -29.57 -14.95 -10.73
C ASP D 264 -28.65 -14.28 -9.72
N GLN D 265 -27.36 -14.18 -10.08
CA GLN D 265 -26.37 -13.55 -9.19
C GLN D 265 -25.92 -12.18 -9.69
N ALA D 266 -26.48 -11.73 -10.82
CA ALA D 266 -26.05 -10.49 -11.43
C ALA D 266 -26.80 -9.28 -10.88
N PRO D 267 -26.08 -8.39 -10.19
CA PRO D 267 -26.66 -7.19 -9.58
C PRO D 267 -27.27 -6.22 -10.60
N LYS D 268 -26.81 -6.29 -11.85
CA LYS D 268 -27.34 -5.42 -12.89
C LYS D 268 -28.08 -6.21 -13.96
N ALA D 269 -28.63 -7.36 -13.56
CA ALA D 269 -29.34 -8.22 -14.50
C ALA D 269 -30.62 -7.57 -15.02
N ARG D 270 -31.30 -6.84 -14.14
CA ARG D 270 -32.57 -6.22 -14.51
C ARG D 270 -32.39 -4.95 -15.35
N LYS D 271 -31.14 -4.63 -15.69
CA LYS D 271 -30.86 -3.53 -16.59
C LYS D 271 -31.04 -4.01 -18.03
N PHE D 272 -30.95 -5.31 -18.22
CA PHE D 272 -31.02 -5.91 -19.55
C PHE D 272 -32.15 -6.93 -19.66
N PHE D 273 -32.36 -7.69 -18.60
CA PHE D 273 -33.32 -8.79 -18.63
C PHE D 273 -34.40 -8.66 -17.56
N GLU D 274 -35.43 -9.49 -17.68
CA GLU D 274 -36.49 -9.56 -16.68
C GLU D 274 -36.72 -11.01 -16.27
N LYS D 275 -36.92 -11.24 -14.96
CA LYS D 275 -37.15 -12.59 -14.48
C LYS D 275 -38.63 -12.90 -14.44
N LEU D 276 -39.02 -13.95 -15.15
CA LEU D 276 -40.42 -14.33 -15.27
C LEU D 276 -40.81 -15.21 -14.08
N PRO D 277 -42.14 -15.34 -13.83
CA PRO D 277 -42.62 -16.22 -12.76
C PRO D 277 -42.08 -17.64 -12.88
N ASP D 278 -41.78 -18.07 -14.10
CA ASP D 278 -41.23 -19.40 -14.34
C ASP D 278 -39.81 -19.52 -13.78
N GLY D 279 -39.20 -18.39 -13.45
CA GLY D 279 -37.83 -18.37 -12.97
C GLY D 279 -36.87 -18.15 -14.11
N THR D 280 -37.41 -18.16 -15.33
CA THR D 280 -36.61 -17.98 -16.53
C THR D 280 -36.42 -16.50 -16.87
N TRP D 281 -35.47 -16.22 -17.75
CA TRP D 281 -35.16 -14.84 -18.12
C TRP D 281 -35.36 -14.59 -19.62
N ASN D 282 -35.85 -13.40 -19.94
CA ASN D 282 -35.77 -12.90 -21.32
C ASN D 282 -35.43 -11.40 -21.32
N LEU D 283 -35.30 -10.85 -22.52
CA LEU D 283 -34.81 -9.48 -22.69
C LEU D 283 -35.82 -8.41 -22.29
N LYS D 284 -35.43 -7.17 -22.53
CA LYS D 284 -36.28 -6.00 -22.32
C LYS D 284 -36.24 -5.12 -23.56
N LYS D 285 -37.30 -4.36 -23.78
CA LYS D 285 -37.41 -3.52 -24.97
C LYS D 285 -37.36 -2.03 -24.61
N TYR D 293 -34.21 -5.42 -32.43
CA TYR D 293 -33.10 -6.37 -32.42
C TYR D 293 -33.49 -7.72 -33.01
N LYS D 294 -32.49 -8.46 -33.48
CA LYS D 294 -32.69 -9.84 -33.90
C LYS D 294 -33.00 -10.69 -32.67
N PRO D 295 -33.86 -11.71 -32.82
CA PRO D 295 -34.21 -12.63 -31.74
C PRO D 295 -32.97 -13.23 -31.06
N PRO D 296 -33.08 -13.58 -29.77
CA PRO D 296 -31.96 -14.12 -28.99
C PRO D 296 -31.20 -15.26 -29.68
N GLY D 297 -29.90 -15.07 -29.88
CA GLY D 297 -29.04 -16.11 -30.41
C GLY D 297 -29.26 -16.49 -31.86
N THR D 298 -29.96 -15.65 -32.61
CA THR D 298 -30.27 -15.98 -33.99
C THR D 298 -29.22 -15.41 -34.97
N ARG D 299 -28.48 -14.40 -34.54
CA ARG D 299 -27.37 -13.89 -35.33
C ARG D 299 -26.15 -14.76 -35.05
N LYS D 300 -26.18 -15.97 -35.58
CA LYS D 300 -25.17 -16.97 -35.25
C LYS D 300 -23.79 -16.63 -35.80
N LEU D 301 -22.77 -16.94 -35.01
CA LEU D 301 -21.38 -16.70 -35.39
C LEU D 301 -21.00 -17.51 -36.61
N HIS D 302 -21.66 -18.65 -36.77
CA HIS D 302 -21.49 -19.51 -37.95
C HIS D 302 -21.75 -18.72 -39.23
N ASN D 303 -22.74 -17.83 -39.18
CA ASN D 303 -23.11 -17.00 -40.31
C ASN D 303 -22.24 -15.75 -40.41
N ILE D 304 -21.90 -15.19 -39.26
CA ILE D 304 -21.04 -14.01 -39.20
C ILE D 304 -19.69 -14.26 -39.85
N LEU D 305 -19.10 -15.39 -39.52
CA LEU D 305 -17.80 -15.78 -40.07
C LEU D 305 -17.94 -16.30 -41.50
N GLY D 306 -19.16 -16.69 -41.87
CA GLY D 306 -19.41 -17.23 -43.18
C GLY D 306 -18.69 -18.55 -43.39
N VAL D 307 -18.87 -19.46 -42.45
CA VAL D 307 -18.21 -20.76 -42.48
C VAL D 307 -18.50 -21.53 -43.77
N GLU D 308 -19.76 -21.54 -44.16
CA GLU D 308 -20.18 -22.32 -45.33
C GLU D 308 -20.60 -21.43 -46.50
N THR D 309 -20.39 -20.13 -46.37
CA THR D 309 -20.84 -19.18 -47.39
C THR D 309 -19.73 -18.27 -47.90
N GLY D 310 -18.50 -18.78 -47.93
CA GLY D 310 -17.37 -18.03 -48.46
C GLY D 310 -16.95 -16.83 -47.63
N GLY D 311 -16.81 -17.05 -46.32
CA GLY D 311 -16.33 -16.00 -45.43
C GLY D 311 -17.30 -14.85 -45.23
N PRO D 312 -16.84 -13.81 -44.52
CA PRO D 312 -17.65 -12.62 -44.19
C PRO D 312 -18.10 -11.85 -45.43
N GLY D 313 -19.41 -11.72 -45.59
CA GLY D 313 -19.98 -10.98 -46.71
C GLY D 313 -19.74 -11.65 -48.05
N GLY D 314 -19.30 -12.89 -48.02
CA GLY D 314 -18.99 -13.64 -49.23
C GLY D 314 -17.74 -13.13 -49.93
N ARG D 315 -16.98 -12.29 -49.24
CA ARG D 315 -15.80 -11.66 -49.82
C ARG D 315 -14.61 -12.61 -49.86
N ARG D 316 -14.73 -13.74 -49.16
CA ARG D 316 -13.63 -14.71 -49.11
C ARG D 316 -13.92 -15.92 -50.00
N ALA D 317 -15.04 -15.88 -50.72
CA ALA D 317 -15.41 -16.95 -51.62
C ALA D 317 -14.38 -17.11 -52.75
N GLY D 318 -13.84 -18.32 -52.88
CA GLY D 318 -12.88 -18.61 -53.92
C GLY D 318 -11.44 -18.57 -53.44
N GLU D 319 -11.22 -17.96 -52.28
CA GLU D 319 -9.86 -17.80 -51.75
C GLU D 319 -9.34 -19.07 -51.09
N SER D 320 -8.05 -19.31 -51.23
CA SER D 320 -7.40 -20.43 -50.55
C SER D 320 -7.08 -20.06 -49.11
N GLY D 321 -6.94 -21.07 -48.26
CA GLY D 321 -6.67 -20.84 -46.85
C GLY D 321 -7.93 -20.38 -46.12
N HIS D 322 -9.08 -20.65 -46.72
CA HIS D 322 -10.37 -20.30 -46.13
C HIS D 322 -11.36 -21.45 -46.26
N THR D 323 -10.91 -22.65 -45.92
CA THR D 323 -11.76 -23.84 -46.00
C THR D 323 -12.76 -23.85 -44.86
N VAL D 324 -13.83 -24.64 -45.02
CA VAL D 324 -14.86 -24.75 -44.01
C VAL D 324 -14.34 -25.53 -42.81
N ALA D 325 -13.30 -26.33 -43.02
CA ALA D 325 -12.69 -27.11 -41.96
C ALA D 325 -11.89 -26.20 -41.02
N ASP D 326 -11.24 -25.20 -41.61
CA ASP D 326 -10.48 -24.23 -40.84
C ASP D 326 -11.42 -23.26 -40.12
N TYR D 327 -12.51 -22.89 -40.80
CA TYR D 327 -13.49 -21.98 -40.22
C TYR D 327 -14.15 -22.57 -38.98
N LEU D 328 -14.48 -23.86 -39.05
CA LEU D 328 -15.12 -24.55 -37.92
C LEU D 328 -14.23 -24.58 -36.69
N LYS D 329 -12.93 -24.73 -36.91
CA LYS D 329 -11.96 -24.70 -35.81
C LYS D 329 -11.87 -23.30 -35.23
N PHE D 330 -11.84 -22.31 -36.11
CA PHE D 330 -11.80 -20.90 -35.70
C PHE D 330 -13.06 -20.54 -34.94
N LYS D 331 -14.21 -21.02 -35.41
CA LYS D 331 -15.48 -20.74 -34.75
C LYS D 331 -15.53 -21.37 -33.37
N ASP D 332 -15.07 -22.61 -33.26
CA ASP D 332 -15.09 -23.33 -32.00
C ASP D 332 -14.23 -22.63 -30.94
N LEU D 333 -13.09 -22.10 -31.37
CA LEU D 333 -12.19 -21.39 -30.49
C LEU D 333 -12.81 -20.09 -29.98
N ILE D 334 -13.40 -19.33 -30.90
CA ILE D 334 -14.04 -18.07 -30.56
C ILE D 334 -15.20 -18.29 -29.58
N LEU D 335 -15.99 -19.33 -29.83
CA LEU D 335 -17.12 -19.66 -28.97
C LEU D 335 -16.67 -20.02 -27.57
N ARG D 336 -15.49 -20.64 -27.46
CA ARG D 336 -14.92 -20.94 -26.15
C ARG D 336 -14.45 -19.66 -25.46
N MET D 337 -14.02 -18.69 -26.27
CA MET D 337 -13.56 -17.41 -25.74
C MET D 337 -14.73 -16.51 -25.36
N LEU D 338 -15.87 -16.72 -26.00
CA LEU D 338 -17.05 -15.91 -25.73
C LEU D 338 -18.05 -16.64 -24.83
N ASP D 339 -17.52 -17.58 -24.05
CA ASP D 339 -18.30 -18.26 -23.01
C ASP D 339 -18.84 -17.24 -22.02
N TYR D 340 -20.15 -17.30 -21.76
CA TYR D 340 -20.77 -16.40 -20.79
C TYR D 340 -20.19 -16.58 -19.40
N ASP D 341 -19.83 -17.83 -19.08
CA ASP D 341 -19.31 -18.18 -17.77
C ASP D 341 -17.79 -18.01 -17.73
N PRO D 342 -17.30 -17.02 -16.97
CA PRO D 342 -15.86 -16.76 -16.84
C PRO D 342 -15.10 -17.91 -16.18
N LYS D 343 -15.82 -18.79 -15.50
CA LYS D 343 -15.22 -19.96 -14.86
C LYS D 343 -14.84 -21.03 -15.88
N THR D 344 -15.73 -21.25 -16.85
CA THR D 344 -15.52 -22.29 -17.85
C THR D 344 -14.97 -21.72 -19.16
N ARG D 345 -14.89 -20.40 -19.24
CA ARG D 345 -14.32 -19.73 -20.41
C ARG D 345 -12.89 -20.21 -20.61
N ILE D 346 -12.52 -20.50 -21.85
CA ILE D 346 -11.24 -21.11 -22.14
C ILE D 346 -10.07 -20.24 -21.66
N GLN D 347 -9.09 -20.89 -21.04
CA GLN D 347 -7.92 -20.20 -20.50
C GLN D 347 -6.76 -20.22 -21.51
N PRO D 348 -5.84 -19.23 -21.40
CA PRO D 348 -4.73 -19.07 -22.34
C PRO D 348 -3.95 -20.36 -22.62
N TYR D 349 -3.70 -21.15 -21.58
CA TYR D 349 -2.92 -22.38 -21.72
C TYR D 349 -3.62 -23.39 -22.62
N TYR D 350 -4.89 -23.65 -22.35
CA TYR D 350 -5.65 -24.62 -23.12
C TYR D 350 -6.11 -24.04 -24.45
N ALA D 351 -6.13 -22.72 -24.55
CA ALA D 351 -6.44 -22.06 -25.81
C ALA D 351 -5.37 -22.36 -26.86
N LEU D 352 -4.11 -22.37 -26.41
CA LEU D 352 -2.98 -22.61 -27.30
C LEU D 352 -2.95 -24.06 -27.80
N GLN D 353 -3.61 -24.96 -27.08
CA GLN D 353 -3.63 -26.37 -27.45
C GLN D 353 -4.73 -26.68 -28.47
N HIS D 354 -5.59 -25.70 -28.73
CA HIS D 354 -6.72 -25.86 -29.63
C HIS D 354 -6.28 -26.29 -31.03
N SER D 355 -7.15 -27.02 -31.73
CA SER D 355 -6.84 -27.57 -33.04
C SER D 355 -6.70 -26.48 -34.10
N PHE D 356 -7.15 -25.27 -33.77
CA PHE D 356 -7.05 -24.14 -34.68
C PHE D 356 -5.60 -23.75 -34.93
N PHE D 357 -4.73 -24.12 -34.00
CA PHE D 357 -3.29 -23.83 -34.13
C PHE D 357 -2.53 -25.04 -34.63
FBC B6N E . -8.38 -18.81 22.89
CBB B6N E . -8.21 -17.77 22.09
FBD B6N E . -6.95 -17.38 22.17
FBE B6N E . -8.99 -16.77 22.49
CAD B6N E . -8.51 -18.12 20.76
CAC B6N E . -7.47 -18.13 19.84
CAB B6N E . -7.72 -18.46 18.52
FAA B6N E . -6.69 -18.46 17.62
CAG B6N E . -9.00 -18.80 18.10
CAF B6N E . -10.04 -18.79 19.02
CAE B6N E . -9.81 -18.45 20.36
NAH B6N E . -10.83 -18.45 21.24
CAV B6N E . -11.67 -17.39 21.50
CAU B6N E . -11.63 -16.10 20.89
CAT B6N E . -10.70 -15.71 19.91
CAI B6N E . -10.97 -19.63 21.87
OAJ B6N E . -10.19 -20.55 21.61
CAK B6N E . -11.96 -19.84 22.82
CAL B6N E . -12.81 -18.80 23.12
CAM B6N E . -12.68 -17.59 22.45
CAN B6N E . -13.57 -16.59 22.79
NAO B6N E . -13.50 -15.36 22.18
CAP B6N E . -12.56 -15.12 21.27
CAQ B6N E . -12.54 -13.85 20.69
CAR B6N E . -11.61 -13.50 19.72
CAS B6N E . -10.68 -14.44 19.33
CAW B6N E . -9.78 -14.14 18.41
CAX B6N E . -8.72 -14.87 18.09
NAY B6N E . -8.09 -14.19 17.11
NAZ B6N E . -8.72 -13.14 16.86
CBA B6N E . -9.79 -13.06 17.65
FBC B6N F . 24.88 -13.16 14.60
CBB B6N F . 23.99 -12.73 13.72
FBD B6N F . 22.84 -13.36 13.94
FBE B6N F . 24.40 -13.00 12.50
CAD B6N F . 23.78 -11.35 13.87
CAC B6N F . 22.53 -10.91 14.25
CAB B6N F . 22.28 -9.55 14.43
FAA B6N F . 21.04 -9.13 14.80
CAG B6N F . 23.30 -8.64 14.21
CAF B6N F . 24.57 -9.07 13.83
CAE B6N F . 24.82 -10.43 13.66
NAH B6N F . 26.05 -10.83 13.29
CAV B6N F . 26.48 -11.01 12.00
CAU B6N F . 25.72 -10.79 10.81
CAT B6N F . 24.39 -10.36 10.79
CAI B6N F . 26.86 -11.07 14.33
OAJ B6N F . 26.43 -10.91 15.48
CAK B6N F . 28.17 -11.50 14.18
CAL B6N F . 28.64 -11.68 12.89
CAM B6N F . 27.80 -11.44 11.82
CAN B6N F . 28.34 -11.64 10.55
NAO B6N F . 27.56 -11.42 9.43
CAP B6N F . 26.30 -11.01 9.55
CAQ B6N F . 25.58 -10.80 8.38
CAR B6N F . 24.27 -10.38 8.41
CAS B6N F . 23.66 -10.16 9.63
CAW B6N F . 22.40 -9.74 9.70
CAX B6N F . 21.67 -9.71 10.80
NAY B6N F . 20.48 -9.23 10.43
NAZ B6N F . 20.49 -8.99 9.20
CBA B6N F . 21.68 -9.29 8.69
FBC B6N G . -16.59 24.13 -5.51
CBB B6N G . -15.59 24.58 -6.25
FBD B6N G . -15.88 25.79 -6.71
FBE B6N G . -15.44 23.76 -7.28
CAD B6N G . -14.40 24.62 -5.53
CAC B6N G . -13.30 23.95 -6.04
CAB B6N G . -12.09 23.97 -5.35
FAA B6N G . -11.01 23.31 -5.87
CAG B6N G . -11.98 24.65 -4.14
CAF B6N G . -13.08 25.31 -3.62
CAE B6N G . -14.30 25.30 -4.30
NAH B6N G . -15.36 25.95 -3.80
CAV B6N G . -16.31 25.39 -2.96
CAU B6N G . -16.31 24.05 -2.47
CAT B6N G . -15.35 23.09 -2.77
CAI B6N G . -15.46 27.22 -4.20
OAJ B6N G . -14.60 27.68 -4.96
CAK B6N G . -16.50 28.05 -3.80
CAL B6N G . -17.47 27.53 -2.97
CAM B6N G . -17.37 26.21 -2.55
CAN B6N G . -18.36 25.74 -1.70
NAO B6N G . -18.33 24.43 -1.25
CAP B6N G . -17.34 23.62 -1.62
CAQ B6N G . -17.38 22.32 -1.13
CAR B6N G . -16.39 21.40 -1.45
CAS B6N G . -15.37 21.80 -2.29
CAW B6N G . -14.39 20.95 -2.62
CAX B6N G . -13.49 21.15 -3.57
NAY B6N G . -12.70 20.08 -3.55
NAZ B6N G . -13.07 19.30 -2.66
CBA B6N G . -14.14 19.80 -2.03
FBC B6N H . -0.84 6.64 -30.40
CBB B6N H . -0.50 6.49 -29.13
FBD B6N H . -0.87 7.57 -28.47
FBE B6N H . 0.81 6.35 -29.05
CAD B6N H . -1.15 5.37 -28.59
CAC B6N H . -2.02 5.58 -27.52
CAB B6N H . -2.68 4.51 -26.93
FAA B6N H . -3.53 4.72 -25.90
CAG B6N H . -2.48 3.22 -27.42
CAF B6N H . -1.61 3.01 -28.49
CAE B6N H . -0.94 4.08 -29.07
NAH B6N H . -0.10 3.88 -30.10
CAV B6N H . 1.25 3.63 -29.99
CAU B6N H . 2.01 3.54 -28.79
CAT B6N H . 1.46 3.69 -27.51
CAI B6N H . -0.70 3.94 -31.30
OAJ B6N H . -1.91 4.15 -31.36
CAK B6N H . 0.00 3.77 -32.48
CAL B6N H . 1.36 3.54 -32.41
CAM B6N H . 1.97 3.47 -31.17
CAN B6N H . 3.33 3.22 -31.18
NAO B6N H . 4.03 3.14 -29.98
CAP B6N H . 3.38 3.29 -28.83
CAQ B6N H . 4.14 3.20 -27.67
CAR B6N H . 3.56 3.35 -26.41
CAS B6N H . 2.21 3.61 -26.34
CAW B6N H . 1.60 3.74 -25.16
CAX B6N H . 0.39 4.24 -24.96
NAY B6N H . 0.18 4.16 -23.65
NAZ B6N H . 1.16 3.64 -23.09
CBA B6N H . 2.09 3.35 -23.99
#